data_1RMN
# 
_entry.id   1RMN 
# 
_audit_conform.dict_name       mmcif_pdbx.dic 
_audit_conform.dict_version    5.386 
_audit_conform.dict_location   http://mmcif.pdb.org/dictionaries/ascii/mmcif_pdbx.dic 
# 
loop_
_database_2.database_id 
_database_2.database_code 
_database_2.pdbx_database_accession 
_database_2.pdbx_DOI 
PDB   1RMN         pdb_00001rmn 10.2210/pdb1rmn/pdb 
WWPDB D_1000176124 ?            ?                   
# 
loop_
_pdbx_audit_revision_history.ordinal 
_pdbx_audit_revision_history.data_content_type 
_pdbx_audit_revision_history.major_revision 
_pdbx_audit_revision_history.minor_revision 
_pdbx_audit_revision_history.revision_date 
1 'Structure model' 1 0 1995-01-26 
2 'Structure model' 1 1 2008-03-24 
3 'Structure model' 1 2 2011-07-13 
4 'Structure model' 1 3 2024-02-14 
# 
_pdbx_audit_revision_details.ordinal             1 
_pdbx_audit_revision_details.revision_ordinal    1 
_pdbx_audit_revision_details.data_content_type   'Structure model' 
_pdbx_audit_revision_details.provider            repository 
_pdbx_audit_revision_details.type                'Initial release' 
_pdbx_audit_revision_details.description         ? 
_pdbx_audit_revision_details.details             ? 
# 
loop_
_pdbx_audit_revision_group.ordinal 
_pdbx_audit_revision_group.revision_ordinal 
_pdbx_audit_revision_group.data_content_type 
_pdbx_audit_revision_group.group 
1 2 'Structure model' 'Version format compliance' 
2 3 'Structure model' 'Version format compliance' 
3 4 'Structure model' 'Data collection'           
4 4 'Structure model' 'Database references'       
5 4 'Structure model' Other                       
# 
loop_
_pdbx_audit_revision_category.ordinal 
_pdbx_audit_revision_category.revision_ordinal 
_pdbx_audit_revision_category.data_content_type 
_pdbx_audit_revision_category.category 
1 4 'Structure model' chem_comp_atom       
2 4 'Structure model' chem_comp_bond       
3 4 'Structure model' database_2           
4 4 'Structure model' pdbx_database_status 
# 
loop_
_pdbx_audit_revision_item.ordinal 
_pdbx_audit_revision_item.revision_ordinal 
_pdbx_audit_revision_item.data_content_type 
_pdbx_audit_revision_item.item 
1 4 'Structure model' '_database_2.pdbx_DOI'                
2 4 'Structure model' '_database_2.pdbx_database_accession' 
3 4 'Structure model' '_pdbx_database_status.process_site'  
# 
_pdbx_database_status.status_code                     REL 
_pdbx_database_status.entry_id                        1RMN 
_pdbx_database_status.recvd_initial_deposition_date   1994-10-20 
_pdbx_database_status.deposit_site                    ? 
_pdbx_database_status.process_site                    BNL 
_pdbx_database_status.SG_entry                        . 
_pdbx_database_status.pdb_format_compatible           Y 
_pdbx_database_status.status_code_mr                  ? 
_pdbx_database_status.status_code_sf                  ? 
_pdbx_database_status.status_code_cs                  ? 
_pdbx_database_status.status_code_nmr_data            ? 
_pdbx_database_status.methods_development_category    ? 
# 
loop_
_audit_author.name 
_audit_author.pdbx_ordinal 
'Tuschl, T.'   1 
'Gohlke, C.'   2 
'Jovin, T.M.'  3 
'Westhof, E.'  4 
'Eckstein, F.' 5 
# 
_citation.id                        primary 
_citation.title                     'A three-dimensional model for the hammerhead ribozyme based on fluorescence measurements.' 
_citation.journal_abbrev            Science 
_citation.journal_volume            266 
_citation.page_first                785 
_citation.page_last                 789 
_citation.year                      1994 
_citation.journal_id_ASTM           SCIEAS 
_citation.country                   US 
_citation.journal_id_ISSN           0036-8075 
_citation.journal_id_CSD            0038 
_citation.book_publisher            ? 
_citation.pdbx_database_id_PubMed   7973630 
_citation.pdbx_database_id_DOI      ? 
# 
loop_
_citation_author.citation_id 
_citation_author.name 
_citation_author.ordinal 
_citation_author.identifier_ORCID 
primary 'Tuschl, T.'   1 ? 
primary 'Gohlke, C.'   2 ? 
primary 'Jovin, T.M.'  3 ? 
primary 'Westhof, E.'  4 ? 
primary 'Eckstein, F.' 5 ? 
# 
_entity.id                         1 
_entity.type                       polymer 
_entity.src_method                 syn 
_entity.pdbx_description           'RNA (49-MER)' 
_entity.formula_weight             15858.540 
_entity.pdbx_number_of_molecules   1 
_entity.pdbx_ec                    ? 
_entity.pdbx_mutation              ? 
_entity.pdbx_fragment              ? 
_entity.details                    ? 
# 
_entity_poly.entity_id                      1 
_entity_poly.type                           polyribonucleotide 
_entity_poly.nstd_linkage                   no 
_entity_poly.nstd_monomer                   no 
_entity_poly.pdbx_seq_one_letter_code       GCGCUCUGAUGAGGCCGCAAGGCCGAAACUGCCGCAAGGCAGUCAGCGC 
_entity_poly.pdbx_seq_one_letter_code_can   GCGCUCUGAUGAGGCCGCAAGGCCGAAACUGCCGCAAGGCAGUCAGCGC 
_entity_poly.pdbx_strand_id                 A 
_entity_poly.pdbx_target_identifier         ? 
# 
loop_
_entity_poly_seq.entity_id 
_entity_poly_seq.num 
_entity_poly_seq.mon_id 
_entity_poly_seq.hetero 
1 1  G n 
1 2  C n 
1 3  G n 
1 4  C n 
1 5  U n 
1 6  C n 
1 7  U n 
1 8  G n 
1 9  A n 
1 10 U n 
1 11 G n 
1 12 A n 
1 13 G n 
1 14 G n 
1 15 C n 
1 16 C n 
1 17 G n 
1 18 C n 
1 19 A n 
1 20 A n 
1 21 G n 
1 22 G n 
1 23 C n 
1 24 C n 
1 25 G n 
1 26 A n 
1 27 A n 
1 28 A n 
1 29 C n 
1 30 U n 
1 31 G n 
1 32 C n 
1 33 C n 
1 34 G n 
1 35 C n 
1 36 A n 
1 37 A n 
1 38 G n 
1 39 G n 
1 40 C n 
1 41 A n 
1 42 G n 
1 43 U n 
1 44 C n 
1 45 A n 
1 46 G n 
1 47 C n 
1 48 G n 
1 49 C n 
# 
loop_
_chem_comp.id 
_chem_comp.type 
_chem_comp.mon_nstd_flag 
_chem_comp.name 
_chem_comp.pdbx_synonyms 
_chem_comp.formula 
_chem_comp.formula_weight 
A 'RNA linking' y "ADENOSINE-5'-MONOPHOSPHATE" ? 'C10 H14 N5 O7 P' 347.221 
C 'RNA linking' y "CYTIDINE-5'-MONOPHOSPHATE"  ? 'C9 H14 N3 O8 P'  323.197 
G 'RNA linking' y "GUANOSINE-5'-MONOPHOSPHATE" ? 'C10 H14 N5 O8 P' 363.221 
U 'RNA linking' y "URIDINE-5'-MONOPHOSPHATE"   ? 'C9 H13 N2 O9 P'  324.181 
# 
loop_
_pdbx_poly_seq_scheme.asym_id 
_pdbx_poly_seq_scheme.entity_id 
_pdbx_poly_seq_scheme.seq_id 
_pdbx_poly_seq_scheme.mon_id 
_pdbx_poly_seq_scheme.ndb_seq_num 
_pdbx_poly_seq_scheme.pdb_seq_num 
_pdbx_poly_seq_scheme.auth_seq_num 
_pdbx_poly_seq_scheme.pdb_mon_id 
_pdbx_poly_seq_scheme.auth_mon_id 
_pdbx_poly_seq_scheme.pdb_strand_id 
_pdbx_poly_seq_scheme.pdb_ins_code 
_pdbx_poly_seq_scheme.hetero 
A 1 1  G 1  1  1  G G A . n 
A 1 2  C 2  2  2  C C A . n 
A 1 3  G 3  3  3  G G A . n 
A 1 4  C 4  4  4  C C A . n 
A 1 5  U 5  5  5  U U A . n 
A 1 6  C 6  6  6  C C A . n 
A 1 7  U 7  7  7  U U A . n 
A 1 8  G 8  8  8  G G A . n 
A 1 9  A 9  9  9  A A A . n 
A 1 10 U 10 10 10 U U A . n 
A 1 11 G 11 11 11 G G A . n 
A 1 12 A 12 12 12 A A A . n 
A 1 13 G 13 13 13 G G A . n 
A 1 14 G 14 14 14 G G A . n 
A 1 15 C 15 15 15 C C A . n 
A 1 16 C 16 16 16 C C A . n 
A 1 17 G 17 17 17 G G A . n 
A 1 18 C 18 18 18 C C A . n 
A 1 19 A 19 19 19 A A A . n 
A 1 20 A 20 20 20 A A A . n 
A 1 21 G 21 21 21 G G A . n 
A 1 22 G 22 22 22 G G A . n 
A 1 23 C 23 23 23 C C A . n 
A 1 24 C 24 24 24 C C A . n 
A 1 25 G 25 25 25 G G A . n 
A 1 26 A 26 26 26 A A A . n 
A 1 27 A 27 27 27 A A A . n 
A 1 28 A 28 28 28 A A A . n 
A 1 29 C 29 29 29 C C A . n 
A 1 30 U 30 30 30 U U A . n 
A 1 31 G 31 31 31 G G A . n 
A 1 32 C 32 32 32 C C A . n 
A 1 33 C 33 33 33 C C A . n 
A 1 34 G 34 34 34 G G A . n 
A 1 35 C 35 35 35 C C A . n 
A 1 36 A 36 36 36 A A A . n 
A 1 37 A 37 37 37 A A A . n 
A 1 38 G 38 38 38 G G A . n 
A 1 39 G 39 39 39 G G A . n 
A 1 40 C 40 40 40 C C A . n 
A 1 41 A 41 41 41 A A A . n 
A 1 42 G 42 42 42 G G A . n 
A 1 43 U 43 43 43 U U A . n 
A 1 44 C 44 44 44 C C A . n 
A 1 45 A 45 45 45 A A A . n 
A 1 46 G 46 46 46 G G A . n 
A 1 47 C 47 47 47 C C A . n 
A 1 48 G 48 48 48 G G A . n 
A 1 49 C 49 49 49 C C A . n 
# 
loop_
_software.name 
_software.classification 
_software.version 
_software.citation_id 
_software.pdbx_ordinal 
NUCLIN/NUCLSQ refinement . ? 1 
NUCLIN        refinement . ? 2 
NUCLSQ        refinement . ? 3 
# 
_cell.entry_id           1RMN 
_cell.length_a           1.000 
_cell.length_b           1.000 
_cell.length_c           1.000 
_cell.angle_alpha        90.00 
_cell.angle_beta         90.00 
_cell.angle_gamma        90.00 
_cell.Z_PDB              1 
_cell.pdbx_unique_axis   ? 
# 
_symmetry.entry_id                         1RMN 
_symmetry.space_group_name_H-M             'P 1' 
_symmetry.pdbx_full_space_group_name_H-M   ? 
_symmetry.cell_setting                     ? 
_symmetry.Int_Tables_number                1 
# 
_exptl.entry_id          1RMN 
_exptl.method            'FLUORESCENCE TRANSFER' 
_exptl.crystals_number   ? 
# 
_refine.entry_id                                 1RMN 
_refine.pdbx_refine_id                           'FLUORESCENCE TRANSFER' 
_refine.ls_d_res_high                            . 
_refine.details                                  
;FLUORESCENCE RESONANCE ENERGY TRANSFER (FRET) WAS USED TO
STUDY THE STRUCTURE OF THE RIBOZYME IN SOLUTION IN ORDER TO
ESTABLISH THE RELATIVE SPATIAL ORIENTATION OF THE THREE
CONSTITUENT WATSON-CRICK BASE-PAIRED HELICAL SEGMENTS.
;
_refine.pdbx_diffrn_id                           ? 
_refine.pdbx_TLS_residual_ADP_flag               ? 
_refine.ls_number_reflns_obs                     ? 
_refine.ls_number_reflns_all                     ? 
_refine.pdbx_ls_sigma_I                          ? 
_refine.pdbx_ls_sigma_F                          ? 
_refine.pdbx_data_cutoff_high_absF               ? 
_refine.pdbx_data_cutoff_low_absF                ? 
_refine.pdbx_data_cutoff_high_rms_absF           ? 
_refine.ls_d_res_low                             ? 
_refine.ls_percent_reflns_obs                    ? 
_refine.ls_R_factor_obs                          ? 
_refine.ls_R_factor_all                          ? 
_refine.ls_R_factor_R_work                       ? 
_refine.ls_R_factor_R_free                       ? 
_refine.ls_R_factor_R_free_error                 ? 
_refine.ls_R_factor_R_free_error_details         ? 
_refine.ls_percent_reflns_R_free                 ? 
_refine.ls_number_reflns_R_free                  ? 
_refine.ls_number_parameters                     ? 
_refine.ls_number_restraints                     ? 
_refine.occupancy_min                            ? 
_refine.occupancy_max                            ? 
_refine.correlation_coeff_Fo_to_Fc               ? 
_refine.correlation_coeff_Fo_to_Fc_free          ? 
_refine.B_iso_mean                               ? 
_refine.aniso_B[1][1]                            ? 
_refine.aniso_B[2][2]                            ? 
_refine.aniso_B[3][3]                            ? 
_refine.aniso_B[1][2]                            ? 
_refine.aniso_B[1][3]                            ? 
_refine.aniso_B[2][3]                            ? 
_refine.solvent_model_details                    ? 
_refine.solvent_model_param_ksol                 ? 
_refine.solvent_model_param_bsol                 ? 
_refine.pdbx_solvent_vdw_probe_radii             ? 
_refine.pdbx_solvent_ion_probe_radii             ? 
_refine.pdbx_solvent_shrinkage_radii             ? 
_refine.pdbx_ls_cross_valid_method               ? 
_refine.pdbx_starting_model                      ? 
_refine.pdbx_method_to_determine_struct          ? 
_refine.pdbx_isotropic_thermal_model             ? 
_refine.pdbx_stereochemistry_target_values       ? 
_refine.pdbx_stereochem_target_val_spec_case     ? 
_refine.pdbx_R_Free_selection_details            ? 
_refine.pdbx_overall_ESU_R                       ? 
_refine.pdbx_overall_ESU_R_Free                  ? 
_refine.overall_SU_ML                            ? 
_refine.pdbx_overall_phase_error                 ? 
_refine.overall_SU_B                             ? 
_refine.overall_SU_R_Cruickshank_DPI             ? 
_refine.pdbx_overall_SU_R_free_Cruickshank_DPI   ? 
_refine.pdbx_overall_SU_R_Blow_DPI               ? 
_refine.pdbx_overall_SU_R_free_Blow_DPI          ? 
# 
_struct.entry_id                  1RMN 
_struct.title                     'A THREE-DIMENSIONAL MODEL FOR THE HAMMERHEAD RIBOZYME BASED ON FLUORESCENCE MEASUREMENTS' 
_struct.pdbx_model_details        ? 
_struct.pdbx_CASP_flag            ? 
_struct.pdbx_model_type_details   ? 
# 
_struct_keywords.entry_id        1RMN 
_struct_keywords.pdbx_keywords   'RIBONUCLEIC ACID(HAMMERHEAD RIBOZYME)' 
_struct_keywords.text            'RIBONUCLEIC ACID(HAMMERHEAD RIBOZYME)' 
# 
_struct_asym.id                            A 
_struct_asym.pdbx_blank_PDB_chainid_flag   N 
_struct_asym.pdbx_modified                 N 
_struct_asym.entity_id                     1 
_struct_asym.details                       ? 
# 
_struct_ref.id                         1 
_struct_ref.entity_id                  1 
_struct_ref.db_name                    PDB 
_struct_ref.db_code                    1RMN 
_struct_ref.pdbx_db_accession          1RMN 
_struct_ref.pdbx_db_isoform            ? 
_struct_ref.pdbx_seq_one_letter_code   ? 
_struct_ref.pdbx_align_begin           ? 
# 
_struct_ref_seq.align_id                      1 
_struct_ref_seq.ref_id                        1 
_struct_ref_seq.pdbx_PDB_id_code              1RMN 
_struct_ref_seq.pdbx_strand_id                A 
_struct_ref_seq.seq_align_beg                 1 
_struct_ref_seq.pdbx_seq_align_beg_ins_code   ? 
_struct_ref_seq.seq_align_end                 49 
_struct_ref_seq.pdbx_seq_align_end_ins_code   ? 
_struct_ref_seq.pdbx_db_accession             1RMN 
_struct_ref_seq.db_align_beg                  1 
_struct_ref_seq.pdbx_db_align_beg_ins_code    ? 
_struct_ref_seq.db_align_end                  49 
_struct_ref_seq.pdbx_db_align_end_ins_code    ? 
_struct_ref_seq.pdbx_auth_seq_align_beg       1 
_struct_ref_seq.pdbx_auth_seq_align_end       49 
# 
_pdbx_struct_assembly.id                   1 
_pdbx_struct_assembly.details              author_defined_assembly 
_pdbx_struct_assembly.method_details       ? 
_pdbx_struct_assembly.oligomeric_details   monomeric 
_pdbx_struct_assembly.oligomeric_count     1 
# 
_pdbx_struct_assembly_gen.assembly_id       1 
_pdbx_struct_assembly_gen.oper_expression   1 
_pdbx_struct_assembly_gen.asym_id_list      A 
# 
_pdbx_struct_oper_list.id                   1 
_pdbx_struct_oper_list.type                 'identity operation' 
_pdbx_struct_oper_list.name                 1_555 
_pdbx_struct_oper_list.symmetry_operation   x,y,z 
_pdbx_struct_oper_list.matrix[1][1]         1.0000000000 
_pdbx_struct_oper_list.matrix[1][2]         0.0000000000 
_pdbx_struct_oper_list.matrix[1][3]         0.0000000000 
_pdbx_struct_oper_list.vector[1]            0.0000000000 
_pdbx_struct_oper_list.matrix[2][1]         0.0000000000 
_pdbx_struct_oper_list.matrix[2][2]         1.0000000000 
_pdbx_struct_oper_list.matrix[2][3]         0.0000000000 
_pdbx_struct_oper_list.vector[2]            0.0000000000 
_pdbx_struct_oper_list.matrix[3][1]         0.0000000000 
_pdbx_struct_oper_list.matrix[3][2]         0.0000000000 
_pdbx_struct_oper_list.matrix[3][3]         1.0000000000 
_pdbx_struct_oper_list.vector[3]            0.0000000000 
# 
_struct_biol.id   1 
# 
loop_
_struct_conn.id 
_struct_conn.conn_type_id 
_struct_conn.pdbx_leaving_atom_flag 
_struct_conn.pdbx_PDB_id 
_struct_conn.ptnr1_label_asym_id 
_struct_conn.ptnr1_label_comp_id 
_struct_conn.ptnr1_label_seq_id 
_struct_conn.ptnr1_label_atom_id 
_struct_conn.pdbx_ptnr1_label_alt_id 
_struct_conn.pdbx_ptnr1_PDB_ins_code 
_struct_conn.pdbx_ptnr1_standard_comp_id 
_struct_conn.ptnr1_symmetry 
_struct_conn.ptnr2_label_asym_id 
_struct_conn.ptnr2_label_comp_id 
_struct_conn.ptnr2_label_seq_id 
_struct_conn.ptnr2_label_atom_id 
_struct_conn.pdbx_ptnr2_label_alt_id 
_struct_conn.pdbx_ptnr2_PDB_ins_code 
_struct_conn.ptnr1_auth_asym_id 
_struct_conn.ptnr1_auth_comp_id 
_struct_conn.ptnr1_auth_seq_id 
_struct_conn.ptnr2_auth_asym_id 
_struct_conn.ptnr2_auth_comp_id 
_struct_conn.ptnr2_auth_seq_id 
_struct_conn.ptnr2_symmetry 
_struct_conn.pdbx_ptnr3_label_atom_id 
_struct_conn.pdbx_ptnr3_label_seq_id 
_struct_conn.pdbx_ptnr3_label_comp_id 
_struct_conn.pdbx_ptnr3_label_asym_id 
_struct_conn.pdbx_ptnr3_label_alt_id 
_struct_conn.pdbx_ptnr3_PDB_ins_code 
_struct_conn.details 
_struct_conn.pdbx_dist_value 
_struct_conn.pdbx_value_order 
_struct_conn.pdbx_role 
hydrog1  hydrog ? ? A G 1  N1 ? ? ? 1_555 A C 49 N3 ? ? A G 1  A C 49 1_555 ? ? ? ? ? ? WATSON-CRICK         ? ? ? 
hydrog2  hydrog ? ? A G 1  N2 ? ? ? 1_555 A C 49 O2 ? ? A G 1  A C 49 1_555 ? ? ? ? ? ? WATSON-CRICK         ? ? ? 
hydrog3  hydrog ? ? A G 1  O6 ? ? ? 1_555 A C 49 N4 ? ? A G 1  A C 49 1_555 ? ? ? ? ? ? WATSON-CRICK         ? ? ? 
hydrog4  hydrog ? ? A C 2  N3 ? ? ? 1_555 A G 48 N1 ? ? A C 2  A G 48 1_555 ? ? ? ? ? ? WATSON-CRICK         ? ? ? 
hydrog5  hydrog ? ? A C 2  N4 ? ? ? 1_555 A G 48 O6 ? ? A C 2  A G 48 1_555 ? ? ? ? ? ? WATSON-CRICK         ? ? ? 
hydrog6  hydrog ? ? A C 2  O2 ? ? ? 1_555 A G 48 N2 ? ? A C 2  A G 48 1_555 ? ? ? ? ? ? WATSON-CRICK         ? ? ? 
hydrog7  hydrog ? ? A G 3  N1 ? ? ? 1_555 A C 47 N3 ? ? A G 3  A C 47 1_555 ? ? ? ? ? ? WATSON-CRICK         ? ? ? 
hydrog8  hydrog ? ? A G 3  N2 ? ? ? 1_555 A C 47 O2 ? ? A G 3  A C 47 1_555 ? ? ? ? ? ? WATSON-CRICK         ? ? ? 
hydrog9  hydrog ? ? A G 3  O6 ? ? ? 1_555 A C 47 N4 ? ? A G 3  A C 47 1_555 ? ? ? ? ? ? WATSON-CRICK         ? ? ? 
hydrog10 hydrog ? ? A C 4  N3 ? ? ? 1_555 A G 46 N1 ? ? A C 4  A G 46 1_555 ? ? ? ? ? ? WATSON-CRICK         ? ? ? 
hydrog11 hydrog ? ? A C 4  N4 ? ? ? 1_555 A G 46 O6 ? ? A C 4  A G 46 1_555 ? ? ? ? ? ? WATSON-CRICK         ? ? ? 
hydrog12 hydrog ? ? A C 4  O2 ? ? ? 1_555 A G 46 N2 ? ? A C 4  A G 46 1_555 ? ? ? ? ? ? WATSON-CRICK         ? ? ? 
hydrog13 hydrog ? ? A U 5  N3 ? ? ? 1_555 A A 45 N1 ? ? A U 5  A A 45 1_555 ? ? ? ? ? ? WATSON-CRICK         ? ? ? 
hydrog14 hydrog ? ? A U 5  O4 ? ? ? 1_555 A A 45 N6 ? ? A U 5  A A 45 1_555 ? ? ? ? ? ? WATSON-CRICK         ? ? ? 
hydrog15 hydrog ? ? A G 8  N2 ? ? ? 1_555 A A 28 N7 ? ? A G 8  A A 28 1_555 ? ? ? ? ? ? 'G-A MISPAIR'        ? ? ? 
hydrog16 hydrog ? ? A U 10 N3 ? ? ? 1_555 A A 26 N7 ? ? A U 10 A A 26 1_555 ? ? ? ? ? ? 'REVERSED HOOGSTEEN' ? ? ? 
hydrog17 hydrog ? ? A U 10 O2 ? ? ? 1_555 A A 26 N6 ? ? A U 10 A A 26 1_555 ? ? ? ? ? ? 'REVERSED HOOGSTEEN' ? ? ? 
hydrog18 hydrog ? ? A A 12 N6 ? ? ? 1_555 A G 25 O6 ? ? A A 12 A G 25 1_555 ? ? ? ? ? ? TYPE_9_PAIR          ? ? ? 
hydrog19 hydrog ? ? A A 12 N7 ? ? ? 1_555 A G 25 N1 ? ? A A 12 A G 25 1_555 ? ? ? ? ? ? TYPE_9_PAIR          ? ? ? 
hydrog20 hydrog ? ? A G 13 N1 ? ? ? 1_555 A C 24 N3 ? ? A G 13 A C 24 1_555 ? ? ? ? ? ? WATSON-CRICK         ? ? ? 
hydrog21 hydrog ? ? A G 13 N2 ? ? ? 1_555 A C 24 O2 ? ? A G 13 A C 24 1_555 ? ? ? ? ? ? WATSON-CRICK         ? ? ? 
hydrog22 hydrog ? ? A G 13 O6 ? ? ? 1_555 A C 24 N4 ? ? A G 13 A C 24 1_555 ? ? ? ? ? ? WATSON-CRICK         ? ? ? 
hydrog23 hydrog ? ? A G 14 N1 ? ? ? 1_555 A C 23 N3 ? ? A G 14 A C 23 1_555 ? ? ? ? ? ? WATSON-CRICK         ? ? ? 
hydrog24 hydrog ? ? A G 14 N2 ? ? ? 1_555 A C 23 O2 ? ? A G 14 A C 23 1_555 ? ? ? ? ? ? WATSON-CRICK         ? ? ? 
hydrog25 hydrog ? ? A G 14 O6 ? ? ? 1_555 A C 23 N4 ? ? A G 14 A C 23 1_555 ? ? ? ? ? ? WATSON-CRICK         ? ? ? 
hydrog26 hydrog ? ? A C 15 N3 ? ? ? 1_555 A G 22 N1 ? ? A C 15 A G 22 1_555 ? ? ? ? ? ? WATSON-CRICK         ? ? ? 
hydrog27 hydrog ? ? A C 15 N4 ? ? ? 1_555 A G 22 O6 ? ? A C 15 A G 22 1_555 ? ? ? ? ? ? WATSON-CRICK         ? ? ? 
hydrog28 hydrog ? ? A C 15 O2 ? ? ? 1_555 A G 22 N2 ? ? A C 15 A G 22 1_555 ? ? ? ? ? ? WATSON-CRICK         ? ? ? 
hydrog29 hydrog ? ? A C 16 N3 ? ? ? 1_555 A G 21 N1 ? ? A C 16 A G 21 1_555 ? ? ? ? ? ? WATSON-CRICK         ? ? ? 
hydrog30 hydrog ? ? A C 16 N4 ? ? ? 1_555 A G 21 O6 ? ? A C 16 A G 21 1_555 ? ? ? ? ? ? WATSON-CRICK         ? ? ? 
hydrog31 hydrog ? ? A C 16 O2 ? ? ? 1_555 A G 21 N2 ? ? A C 16 A G 21 1_555 ? ? ? ? ? ? WATSON-CRICK         ? ? ? 
hydrog32 hydrog ? ? A G 17 N2 ? ? ? 1_555 A A 20 N7 ? ? A G 17 A A 20 1_555 ? ? ? ? ? ? TYPE_11_PAIR         ? ? ? 
hydrog33 hydrog ? ? A G 17 N3 ? ? ? 1_555 A A 20 N6 ? ? A G 17 A A 20 1_555 ? ? ? ? ? ? TYPE_11_PAIR         ? ? ? 
hydrog34 hydrog ? ? A A 28 N1 ? ? ? 1_555 A U 43 N3 ? ? A A 28 A U 43 1_555 ? ? ? ? ? ? WATSON-CRICK         ? ? ? 
hydrog35 hydrog ? ? A A 28 N6 ? ? ? 1_555 A U 43 O4 ? ? A A 28 A U 43 1_555 ? ? ? ? ? ? WATSON-CRICK         ? ? ? 
hydrog36 hydrog ? ? A C 29 N3 ? ? ? 1_555 A G 42 N1 ? ? A C 29 A G 42 1_555 ? ? ? ? ? ? WATSON-CRICK         ? ? ? 
hydrog37 hydrog ? ? A C 29 N4 ? ? ? 1_555 A G 42 O6 ? ? A C 29 A G 42 1_555 ? ? ? ? ? ? WATSON-CRICK         ? ? ? 
hydrog38 hydrog ? ? A C 29 O2 ? ? ? 1_555 A G 42 N2 ? ? A C 29 A G 42 1_555 ? ? ? ? ? ? WATSON-CRICK         ? ? ? 
hydrog39 hydrog ? ? A U 30 N3 ? ? ? 1_555 A A 41 N1 ? ? A U 30 A A 41 1_555 ? ? ? ? ? ? WATSON-CRICK         ? ? ? 
hydrog40 hydrog ? ? A U 30 O4 ? ? ? 1_555 A A 41 N6 ? ? A U 30 A A 41 1_555 ? ? ? ? ? ? WATSON-CRICK         ? ? ? 
hydrog41 hydrog ? ? A G 31 N1 ? ? ? 1_555 A C 40 N3 ? ? A G 31 A C 40 1_555 ? ? ? ? ? ? WATSON-CRICK         ? ? ? 
hydrog42 hydrog ? ? A G 31 N2 ? ? ? 1_555 A C 40 O2 ? ? A G 31 A C 40 1_555 ? ? ? ? ? ? WATSON-CRICK         ? ? ? 
hydrog43 hydrog ? ? A G 31 O6 ? ? ? 1_555 A C 40 N4 ? ? A G 31 A C 40 1_555 ? ? ? ? ? ? WATSON-CRICK         ? ? ? 
hydrog44 hydrog ? ? A C 32 N3 ? ? ? 1_555 A G 39 N1 ? ? A C 32 A G 39 1_555 ? ? ? ? ? ? WATSON-CRICK         ? ? ? 
hydrog45 hydrog ? ? A C 32 N4 ? ? ? 1_555 A G 39 O6 ? ? A C 32 A G 39 1_555 ? ? ? ? ? ? WATSON-CRICK         ? ? ? 
hydrog46 hydrog ? ? A C 32 O2 ? ? ? 1_555 A G 39 N2 ? ? A C 32 A G 39 1_555 ? ? ? ? ? ? WATSON-CRICK         ? ? ? 
hydrog47 hydrog ? ? A C 33 N3 ? ? ? 1_555 A G 38 N1 ? ? A C 33 A G 38 1_555 ? ? ? ? ? ? WATSON-CRICK         ? ? ? 
hydrog48 hydrog ? ? A C 33 N4 ? ? ? 1_555 A G 38 O6 ? ? A C 33 A G 38 1_555 ? ? ? ? ? ? WATSON-CRICK         ? ? ? 
hydrog49 hydrog ? ? A C 33 O2 ? ? ? 1_555 A G 38 N2 ? ? A C 33 A G 38 1_555 ? ? ? ? ? ? WATSON-CRICK         ? ? ? 
hydrog50 hydrog ? ? A G 34 N2 ? ? ? 1_555 A A 37 N7 ? ? A G 34 A A 37 1_555 ? ? ? ? ? ? TYPE_11_PAIR         ? ? ? 
hydrog51 hydrog ? ? A G 34 N3 ? ? ? 1_555 A A 37 N6 ? ? A G 34 A A 37 1_555 ? ? ? ? ? ? TYPE_11_PAIR         ? ? ? 
# 
_struct_conn_type.id          hydrog 
_struct_conn_type.criteria    ? 
_struct_conn_type.reference   ? 
# 
loop_
_pdbx_validate_rmsd_angle.id 
_pdbx_validate_rmsd_angle.PDB_model_num 
_pdbx_validate_rmsd_angle.auth_atom_id_1 
_pdbx_validate_rmsd_angle.auth_asym_id_1 
_pdbx_validate_rmsd_angle.auth_comp_id_1 
_pdbx_validate_rmsd_angle.auth_seq_id_1 
_pdbx_validate_rmsd_angle.PDB_ins_code_1 
_pdbx_validate_rmsd_angle.label_alt_id_1 
_pdbx_validate_rmsd_angle.auth_atom_id_2 
_pdbx_validate_rmsd_angle.auth_asym_id_2 
_pdbx_validate_rmsd_angle.auth_comp_id_2 
_pdbx_validate_rmsd_angle.auth_seq_id_2 
_pdbx_validate_rmsd_angle.PDB_ins_code_2 
_pdbx_validate_rmsd_angle.label_alt_id_2 
_pdbx_validate_rmsd_angle.auth_atom_id_3 
_pdbx_validate_rmsd_angle.auth_asym_id_3 
_pdbx_validate_rmsd_angle.auth_comp_id_3 
_pdbx_validate_rmsd_angle.auth_seq_id_3 
_pdbx_validate_rmsd_angle.PDB_ins_code_3 
_pdbx_validate_rmsd_angle.label_alt_id_3 
_pdbx_validate_rmsd_angle.angle_value 
_pdbx_validate_rmsd_angle.angle_target_value 
_pdbx_validate_rmsd_angle.angle_deviation 
_pdbx_validate_rmsd_angle.angle_standard_deviation 
_pdbx_validate_rmsd_angle.linker_flag 
1  1 "O4'" A G 1  ? ? "C1'" A G 1  ? ? N9 A G 1  ? ? 112.82 108.50 4.32  0.70 N 
2  1 C2    A U 5  ? ? N3    A U 5  ? ? C4 A U 5  ? ? 122.55 127.00 -4.45 0.60 N 
3  1 N3    A U 5  ? ? C4    A U 5  ? ? C5 A U 5  ? ? 119.03 114.60 4.43  0.60 N 
4  1 "O4'" A U 7  ? ? "C1'" A U 7  ? ? N1 A U 7  ? ? 112.77 108.50 4.27  0.70 N 
5  1 C2    A U 7  ? ? N3    A U 7  ? ? C4 A U 7  ? ? 122.33 127.00 -4.67 0.60 N 
6  1 N3    A U 7  ? ? C4    A U 7  ? ? C5 A U 7  ? ? 119.21 114.60 4.61  0.60 N 
7  1 "O4'" A G 8  ? ? "C1'" A G 8  ? ? N9 A G 8  ? ? 112.91 108.50 4.41  0.70 N 
8  1 "O4'" A A 9  ? ? "C1'" A A 9  ? ? N9 A A 9  ? ? 112.83 108.50 4.33  0.70 N 
9  1 N1    A A 9  ? ? C2    A A 9  ? ? N3 A A 9  ? ? 126.15 129.30 -3.15 0.50 N 
10 1 C2    A U 10 ? ? N3    A U 10 ? ? C4 A U 10 ? ? 122.25 127.00 -4.75 0.60 N 
11 1 N3    A U 10 ? ? C4    A U 10 ? ? C5 A U 10 ? ? 119.06 114.60 4.46  0.60 N 
12 1 N1    A A 12 ? ? C2    A A 12 ? ? N3 A A 12 ? ? 126.02 129.30 -3.28 0.50 N 
13 1 C5    A G 14 ? ? C6    A G 14 ? ? N1 A G 14 ? ? 114.56 111.50 3.06  0.50 N 
14 1 N1    A A 19 ? ? C2    A A 19 ? ? N3 A A 19 ? ? 126.19 129.30 -3.11 0.50 N 
15 1 N1    A A 20 ? ? C2    A A 20 ? ? N3 A A 20 ? ? 126.22 129.30 -3.08 0.50 N 
16 1 C5    A G 22 ? ? C6    A G 22 ? ? N1 A G 22 ? ? 114.54 111.50 3.04  0.50 N 
17 1 N1    A A 26 ? ? C2    A A 26 ? ? N3 A A 26 ? ? 126.30 129.30 -3.00 0.50 N 
18 1 N1    A A 27 ? ? C2    A A 27 ? ? N3 A A 27 ? ? 126.18 129.30 -3.12 0.50 N 
19 1 N1    A A 28 ? ? C2    A A 28 ? ? N3 A A 28 ? ? 126.29 129.30 -3.01 0.50 N 
20 1 C2    A U 30 ? ? N3    A U 30 ? ? C4 A U 30 ? ? 122.37 127.00 -4.63 0.60 N 
21 1 N3    A U 30 ? ? C4    A U 30 ? ? C5 A U 30 ? ? 119.20 114.60 4.60  0.60 N 
22 1 N1    A A 36 ? ? C2    A A 36 ? ? N3 A A 36 ? ? 126.17 129.30 -3.13 0.50 N 
23 1 N1    A A 37 ? ? C2    A A 37 ? ? N3 A A 37 ? ? 126.19 129.30 -3.11 0.50 N 
24 1 N1    A A 41 ? ? C2    A A 41 ? ? N3 A A 41 ? ? 126.22 129.30 -3.08 0.50 N 
25 1 C5    A G 42 ? ? C6    A G 42 ? ? N1 A G 42 ? ? 114.53 111.50 3.03  0.50 N 
26 1 C2    A U 43 ? ? N3    A U 43 ? ? C4 A U 43 ? ? 122.15 127.00 -4.85 0.60 N 
27 1 N3    A U 43 ? ? C4    A U 43 ? ? C5 A U 43 ? ? 119.38 114.60 4.78  0.60 N 
28 1 "O4'" A A 45 ? ? "C1'" A A 45 ? ? N9 A A 45 ? ? 114.35 108.50 5.85  0.70 N 
29 1 N1    A A 45 ? ? C2    A A 45 ? ? N3 A A 45 ? ? 126.00 129.30 -3.30 0.50 N 
30 1 "O4'" A G 46 ? ? "C1'" A G 46 ? ? N9 A G 46 ? ? 112.81 108.50 4.31  0.70 N 
# 
loop_
_chem_comp_atom.comp_id 
_chem_comp_atom.atom_id 
_chem_comp_atom.type_symbol 
_chem_comp_atom.pdbx_aromatic_flag 
_chem_comp_atom.pdbx_stereo_config 
_chem_comp_atom.pdbx_ordinal 
A OP3    O N N 1   
A P      P N N 2   
A OP1    O N N 3   
A OP2    O N N 4   
A "O5'"  O N N 5   
A "C5'"  C N N 6   
A "C4'"  C N R 7   
A "O4'"  O N N 8   
A "C3'"  C N S 9   
A "O3'"  O N N 10  
A "C2'"  C N R 11  
A "O2'"  O N N 12  
A "C1'"  C N R 13  
A N9     N Y N 14  
A C8     C Y N 15  
A N7     N Y N 16  
A C5     C Y N 17  
A C6     C Y N 18  
A N6     N N N 19  
A N1     N Y N 20  
A C2     C Y N 21  
A N3     N Y N 22  
A C4     C Y N 23  
A HOP3   H N N 24  
A HOP2   H N N 25  
A "H5'"  H N N 26  
A "H5''" H N N 27  
A "H4'"  H N N 28  
A "H3'"  H N N 29  
A "HO3'" H N N 30  
A "H2'"  H N N 31  
A "HO2'" H N N 32  
A "H1'"  H N N 33  
A H8     H N N 34  
A H61    H N N 35  
A H62    H N N 36  
A H2     H N N 37  
C OP3    O N N 38  
C P      P N N 39  
C OP1    O N N 40  
C OP2    O N N 41  
C "O5'"  O N N 42  
C "C5'"  C N N 43  
C "C4'"  C N R 44  
C "O4'"  O N N 45  
C "C3'"  C N S 46  
C "O3'"  O N N 47  
C "C2'"  C N R 48  
C "O2'"  O N N 49  
C "C1'"  C N R 50  
C N1     N N N 51  
C C2     C N N 52  
C O2     O N N 53  
C N3     N N N 54  
C C4     C N N 55  
C N4     N N N 56  
C C5     C N N 57  
C C6     C N N 58  
C HOP3   H N N 59  
C HOP2   H N N 60  
C "H5'"  H N N 61  
C "H5''" H N N 62  
C "H4'"  H N N 63  
C "H3'"  H N N 64  
C "HO3'" H N N 65  
C "H2'"  H N N 66  
C "HO2'" H N N 67  
C "H1'"  H N N 68  
C H41    H N N 69  
C H42    H N N 70  
C H5     H N N 71  
C H6     H N N 72  
G OP3    O N N 73  
G P      P N N 74  
G OP1    O N N 75  
G OP2    O N N 76  
G "O5'"  O N N 77  
G "C5'"  C N N 78  
G "C4'"  C N R 79  
G "O4'"  O N N 80  
G "C3'"  C N S 81  
G "O3'"  O N N 82  
G "C2'"  C N R 83  
G "O2'"  O N N 84  
G "C1'"  C N R 85  
G N9     N Y N 86  
G C8     C Y N 87  
G N7     N Y N 88  
G C5     C Y N 89  
G C6     C N N 90  
G O6     O N N 91  
G N1     N N N 92  
G C2     C N N 93  
G N2     N N N 94  
G N3     N N N 95  
G C4     C Y N 96  
G HOP3   H N N 97  
G HOP2   H N N 98  
G "H5'"  H N N 99  
G "H5''" H N N 100 
G "H4'"  H N N 101 
G "H3'"  H N N 102 
G "HO3'" H N N 103 
G "H2'"  H N N 104 
G "HO2'" H N N 105 
G "H1'"  H N N 106 
G H8     H N N 107 
G H1     H N N 108 
G H21    H N N 109 
G H22    H N N 110 
U OP3    O N N 111 
U P      P N N 112 
U OP1    O N N 113 
U OP2    O N N 114 
U "O5'"  O N N 115 
U "C5'"  C N N 116 
U "C4'"  C N R 117 
U "O4'"  O N N 118 
U "C3'"  C N S 119 
U "O3'"  O N N 120 
U "C2'"  C N R 121 
U "O2'"  O N N 122 
U "C1'"  C N R 123 
U N1     N N N 124 
U C2     C N N 125 
U O2     O N N 126 
U N3     N N N 127 
U C4     C N N 128 
U O4     O N N 129 
U C5     C N N 130 
U C6     C N N 131 
U HOP3   H N N 132 
U HOP2   H N N 133 
U "H5'"  H N N 134 
U "H5''" H N N 135 
U "H4'"  H N N 136 
U "H3'"  H N N 137 
U "HO3'" H N N 138 
U "H2'"  H N N 139 
U "HO2'" H N N 140 
U "H1'"  H N N 141 
U H3     H N N 142 
U H5     H N N 143 
U H6     H N N 144 
# 
loop_
_chem_comp_bond.comp_id 
_chem_comp_bond.atom_id_1 
_chem_comp_bond.atom_id_2 
_chem_comp_bond.value_order 
_chem_comp_bond.pdbx_aromatic_flag 
_chem_comp_bond.pdbx_stereo_config 
_chem_comp_bond.pdbx_ordinal 
A OP3   P      sing N N 1   
A OP3   HOP3   sing N N 2   
A P     OP1    doub N N 3   
A P     OP2    sing N N 4   
A P     "O5'"  sing N N 5   
A OP2   HOP2   sing N N 6   
A "O5'" "C5'"  sing N N 7   
A "C5'" "C4'"  sing N N 8   
A "C5'" "H5'"  sing N N 9   
A "C5'" "H5''" sing N N 10  
A "C4'" "O4'"  sing N N 11  
A "C4'" "C3'"  sing N N 12  
A "C4'" "H4'"  sing N N 13  
A "O4'" "C1'"  sing N N 14  
A "C3'" "O3'"  sing N N 15  
A "C3'" "C2'"  sing N N 16  
A "C3'" "H3'"  sing N N 17  
A "O3'" "HO3'" sing N N 18  
A "C2'" "O2'"  sing N N 19  
A "C2'" "C1'"  sing N N 20  
A "C2'" "H2'"  sing N N 21  
A "O2'" "HO2'" sing N N 22  
A "C1'" N9     sing N N 23  
A "C1'" "H1'"  sing N N 24  
A N9    C8     sing Y N 25  
A N9    C4     sing Y N 26  
A C8    N7     doub Y N 27  
A C8    H8     sing N N 28  
A N7    C5     sing Y N 29  
A C5    C6     sing Y N 30  
A C5    C4     doub Y N 31  
A C6    N6     sing N N 32  
A C6    N1     doub Y N 33  
A N6    H61    sing N N 34  
A N6    H62    sing N N 35  
A N1    C2     sing Y N 36  
A C2    N3     doub Y N 37  
A C2    H2     sing N N 38  
A N3    C4     sing Y N 39  
C OP3   P      sing N N 40  
C OP3   HOP3   sing N N 41  
C P     OP1    doub N N 42  
C P     OP2    sing N N 43  
C P     "O5'"  sing N N 44  
C OP2   HOP2   sing N N 45  
C "O5'" "C5'"  sing N N 46  
C "C5'" "C4'"  sing N N 47  
C "C5'" "H5'"  sing N N 48  
C "C5'" "H5''" sing N N 49  
C "C4'" "O4'"  sing N N 50  
C "C4'" "C3'"  sing N N 51  
C "C4'" "H4'"  sing N N 52  
C "O4'" "C1'"  sing N N 53  
C "C3'" "O3'"  sing N N 54  
C "C3'" "C2'"  sing N N 55  
C "C3'" "H3'"  sing N N 56  
C "O3'" "HO3'" sing N N 57  
C "C2'" "O2'"  sing N N 58  
C "C2'" "C1'"  sing N N 59  
C "C2'" "H2'"  sing N N 60  
C "O2'" "HO2'" sing N N 61  
C "C1'" N1     sing N N 62  
C "C1'" "H1'"  sing N N 63  
C N1    C2     sing N N 64  
C N1    C6     sing N N 65  
C C2    O2     doub N N 66  
C C2    N3     sing N N 67  
C N3    C4     doub N N 68  
C C4    N4     sing N N 69  
C C4    C5     sing N N 70  
C N4    H41    sing N N 71  
C N4    H42    sing N N 72  
C C5    C6     doub N N 73  
C C5    H5     sing N N 74  
C C6    H6     sing N N 75  
G OP3   P      sing N N 76  
G OP3   HOP3   sing N N 77  
G P     OP1    doub N N 78  
G P     OP2    sing N N 79  
G P     "O5'"  sing N N 80  
G OP2   HOP2   sing N N 81  
G "O5'" "C5'"  sing N N 82  
G "C5'" "C4'"  sing N N 83  
G "C5'" "H5'"  sing N N 84  
G "C5'" "H5''" sing N N 85  
G "C4'" "O4'"  sing N N 86  
G "C4'" "C3'"  sing N N 87  
G "C4'" "H4'"  sing N N 88  
G "O4'" "C1'"  sing N N 89  
G "C3'" "O3'"  sing N N 90  
G "C3'" "C2'"  sing N N 91  
G "C3'" "H3'"  sing N N 92  
G "O3'" "HO3'" sing N N 93  
G "C2'" "O2'"  sing N N 94  
G "C2'" "C1'"  sing N N 95  
G "C2'" "H2'"  sing N N 96  
G "O2'" "HO2'" sing N N 97  
G "C1'" N9     sing N N 98  
G "C1'" "H1'"  sing N N 99  
G N9    C8     sing Y N 100 
G N9    C4     sing Y N 101 
G C8    N7     doub Y N 102 
G C8    H8     sing N N 103 
G N7    C5     sing Y N 104 
G C5    C6     sing N N 105 
G C5    C4     doub Y N 106 
G C6    O6     doub N N 107 
G C6    N1     sing N N 108 
G N1    C2     sing N N 109 
G N1    H1     sing N N 110 
G C2    N2     sing N N 111 
G C2    N3     doub N N 112 
G N2    H21    sing N N 113 
G N2    H22    sing N N 114 
G N3    C4     sing N N 115 
U OP3   P      sing N N 116 
U OP3   HOP3   sing N N 117 
U P     OP1    doub N N 118 
U P     OP2    sing N N 119 
U P     "O5'"  sing N N 120 
U OP2   HOP2   sing N N 121 
U "O5'" "C5'"  sing N N 122 
U "C5'" "C4'"  sing N N 123 
U "C5'" "H5'"  sing N N 124 
U "C5'" "H5''" sing N N 125 
U "C4'" "O4'"  sing N N 126 
U "C4'" "C3'"  sing N N 127 
U "C4'" "H4'"  sing N N 128 
U "O4'" "C1'"  sing N N 129 
U "C3'" "O3'"  sing N N 130 
U "C3'" "C2'"  sing N N 131 
U "C3'" "H3'"  sing N N 132 
U "O3'" "HO3'" sing N N 133 
U "C2'" "O2'"  sing N N 134 
U "C2'" "C1'"  sing N N 135 
U "C2'" "H2'"  sing N N 136 
U "O2'" "HO2'" sing N N 137 
U "C1'" N1     sing N N 138 
U "C1'" "H1'"  sing N N 139 
U N1    C2     sing N N 140 
U N1    C6     sing N N 141 
U C2    O2     doub N N 142 
U C2    N3     sing N N 143 
U N3    C4     sing N N 144 
U N3    H3     sing N N 145 
U C4    O4     doub N N 146 
U C4    C5     sing N N 147 
U C5    C6     doub N N 148 
U C5    H5     sing N N 149 
U C6    H6     sing N N 150 
# 
loop_
_ndb_struct_conf_na.entry_id 
_ndb_struct_conf_na.feature 
1RMN 'double helix'         
1RMN 'a-form double helix'  
1RMN tetraloop              
1RMN 'mismatched base pair' 
1RMN 'three-way junction'   
# 
loop_
_ndb_struct_na_base_pair.model_number 
_ndb_struct_na_base_pair.i_label_asym_id 
_ndb_struct_na_base_pair.i_label_comp_id 
_ndb_struct_na_base_pair.i_label_seq_id 
_ndb_struct_na_base_pair.i_symmetry 
_ndb_struct_na_base_pair.j_label_asym_id 
_ndb_struct_na_base_pair.j_label_comp_id 
_ndb_struct_na_base_pair.j_label_seq_id 
_ndb_struct_na_base_pair.j_symmetry 
_ndb_struct_na_base_pair.shear 
_ndb_struct_na_base_pair.stretch 
_ndb_struct_na_base_pair.stagger 
_ndb_struct_na_base_pair.buckle 
_ndb_struct_na_base_pair.propeller 
_ndb_struct_na_base_pair.opening 
_ndb_struct_na_base_pair.pair_number 
_ndb_struct_na_base_pair.pair_name 
_ndb_struct_na_base_pair.i_auth_asym_id 
_ndb_struct_na_base_pair.i_auth_seq_id 
_ndb_struct_na_base_pair.i_PDB_ins_code 
_ndb_struct_na_base_pair.j_auth_asym_id 
_ndb_struct_na_base_pair.j_auth_seq_id 
_ndb_struct_na_base_pair.j_PDB_ins_code 
_ndb_struct_na_base_pair.hbond_type_28 
_ndb_struct_na_base_pair.hbond_type_12 
1 A G 1  1_555 A C 49 1_555 -0.078 -0.113 0.078  0.879   15.597  -0.657  1  A_G1:C49_A  A 1  ? A 49 ? 19 1 
1 A C 2  1_555 A G 48 1_555 0.075  -0.114 0.087  0.230   14.880  -0.700  2  A_C2:G48_A  A 2  ? A 48 ? 19 1 
1 A G 3  1_555 A C 47 1_555 -0.080 -0.110 0.078  1.721   13.346  -1.093  3  A_G3:C47_A  A 3  ? A 47 ? 19 1 
1 A C 4  1_555 A G 46 1_555 0.047  -0.107 -0.082 5.291   13.213  -1.257  4  A_C4:G46_A  A 4  ? A 46 ? 19 1 
1 A U 5  1_555 A A 45 1_555 0.111  -0.093 0.071  13.465  15.896  -1.104  5  A_U5:A45_A  A 5  ? A 45 ? 20 1 
1 A U 10 1_555 A A 26 1_555 4.032  -1.798 -0.405 -8.752  -11.184 -96.496 6  A_U10:A26_A A 10 ? A 26 ? 24 4 
1 A A 12 1_555 A G 25 1_555 2.333  -1.999 -2.489 -19.150 14.567  127.747 7  A_A12:G25_A A 12 ? A 25 ? 9  ? 
1 A G 13 1_555 A C 24 1_555 -0.050 -0.146 0.528  -0.897  5.504   -0.771  8  A_G13:C24_A A 13 ? A 24 ? 19 1 
1 A G 14 1_555 A C 23 1_555 -0.038 -0.164 0.742  5.829   1.528   -1.981  9  A_G14:C23_A A 14 ? A 23 ? 19 1 
1 A C 15 1_555 A G 22 1_555 0.081  -0.114 0.317  -2.660  9.962   -0.610  10 A_C15:G22_A A 15 ? A 22 ? 19 1 
1 A C 16 1_555 A G 21 1_555 0.084  -0.115 0.223  -1.389  14.211  -0.138  11 A_C16:G21_A A 16 ? A 21 ? 19 1 
1 A G 17 1_555 A A 20 1_555 6.515  -4.294 0.426  26.685  3.597   2.803   12 A_G17:A20_A A 17 ? A 20 ? 11 9 
1 A A 28 1_555 A U 43 1_555 -0.134 -0.076 -0.032 -6.772  1.888   -3.453  13 A_A28:U43_A A 28 ? A 43 ? 20 1 
1 A C 29 1_555 A G 42 1_555 0.073  -0.111 0.221  -0.797  9.601   -0.853  14 A_C29:G42_A A 29 ? A 42 ? 19 1 
1 A U 30 1_555 A A 41 1_555 0.168  -0.105 0.314  -2.162  7.027   -2.399  15 A_U30:A41_A A 30 ? A 41 ? 20 1 
1 A G 31 1_555 A C 40 1_555 -0.079 -0.120 0.261  -0.282  12.852  -0.118  16 A_G31:C40_A A 31 ? A 40 ? 19 1 
1 A C 32 1_555 A G 39 1_555 0.086  -0.113 0.207  -2.571  13.916  -0.466  17 A_C32:G39_A A 32 ? A 39 ? 19 1 
1 A C 33 1_555 A G 38 1_555 0.078  -0.116 0.156  0.399   14.956  -0.199  18 A_C33:G38_A A 33 ? A 38 ? 19 1 
1 A G 34 1_555 A A 37 1_555 6.523  -4.276 0.492  27.926  0.432   2.878   19 A_G34:A37_A A 34 ? A 37 ? 11 9 
# 
loop_
_ndb_struct_na_base_pair_step.model_number 
_ndb_struct_na_base_pair_step.i_label_asym_id_1 
_ndb_struct_na_base_pair_step.i_label_comp_id_1 
_ndb_struct_na_base_pair_step.i_label_seq_id_1 
_ndb_struct_na_base_pair_step.i_symmetry_1 
_ndb_struct_na_base_pair_step.j_label_asym_id_1 
_ndb_struct_na_base_pair_step.j_label_comp_id_1 
_ndb_struct_na_base_pair_step.j_label_seq_id_1 
_ndb_struct_na_base_pair_step.j_symmetry_1 
_ndb_struct_na_base_pair_step.i_label_asym_id_2 
_ndb_struct_na_base_pair_step.i_label_comp_id_2 
_ndb_struct_na_base_pair_step.i_label_seq_id_2 
_ndb_struct_na_base_pair_step.i_symmetry_2 
_ndb_struct_na_base_pair_step.j_label_asym_id_2 
_ndb_struct_na_base_pair_step.j_label_comp_id_2 
_ndb_struct_na_base_pair_step.j_label_seq_id_2 
_ndb_struct_na_base_pair_step.j_symmetry_2 
_ndb_struct_na_base_pair_step.shift 
_ndb_struct_na_base_pair_step.slide 
_ndb_struct_na_base_pair_step.rise 
_ndb_struct_na_base_pair_step.tilt 
_ndb_struct_na_base_pair_step.roll 
_ndb_struct_na_base_pair_step.twist 
_ndb_struct_na_base_pair_step.x_displacement 
_ndb_struct_na_base_pair_step.y_displacement 
_ndb_struct_na_base_pair_step.helical_rise 
_ndb_struct_na_base_pair_step.inclination 
_ndb_struct_na_base_pair_step.tip 
_ndb_struct_na_base_pair_step.helical_twist 
_ndb_struct_na_base_pair_step.step_number 
_ndb_struct_na_base_pair_step.step_name 
_ndb_struct_na_base_pair_step.i_auth_asym_id_1 
_ndb_struct_na_base_pair_step.i_auth_seq_id_1 
_ndb_struct_na_base_pair_step.i_PDB_ins_code_1 
_ndb_struct_na_base_pair_step.j_auth_asym_id_1 
_ndb_struct_na_base_pair_step.j_auth_seq_id_1 
_ndb_struct_na_base_pair_step.j_PDB_ins_code_1 
_ndb_struct_na_base_pair_step.i_auth_asym_id_2 
_ndb_struct_na_base_pair_step.i_auth_seq_id_2 
_ndb_struct_na_base_pair_step.i_PDB_ins_code_2 
_ndb_struct_na_base_pair_step.j_auth_asym_id_2 
_ndb_struct_na_base_pair_step.j_auth_seq_id_2 
_ndb_struct_na_base_pair_step.j_PDB_ins_code_2 
1 A G 1  1_555 A C 49 1_555 A C 2  1_555 A G 48 1_555 -0.294 -2.182 3.426 0.405    8.690  34.633   -4.780 0.536  2.811 14.319  
-0.668  35.676   1  AA_G1C2:G48C49_AA   A 1  ? A 49 ? A 2  ? A 48 ? 
1 A C 2  1_555 A G 48 1_555 A G 3  1_555 A C 47 1_555 -0.038 -1.915 3.298 1.097    8.623  33.931   -4.403 0.218  2.742 14.483  
-1.842  34.995   2  AA_C2G3:C47G48_AA   A 2  ? A 48 ? A 3  ? A 47 ? 
1 A G 3  1_555 A C 47 1_555 A C 4  1_555 A G 46 1_555 -0.206 -1.578 3.256 2.538    10.476 35.337   -3.808 0.644  2.675 16.782  
-4.065  36.895   3  AA_G3C4:G46C47_AA   A 3  ? A 47 ? A 4  ? A 46 ? 
1 A C 4  1_555 A G 46 1_555 A U 5  1_555 A A 45 1_555 0.004  -1.588 3.213 -3.192   0.075  26.715   -3.432 -0.812 3.186 0.162   
6.877   26.902   4  AA_C4U5:A45G46_AA   A 4  ? A 46 ? A 5  ? A 45 ? 
1 A A 12 1_555 A G 25 1_555 A G 13 1_555 A C 24 1_555 2.883  0.944  3.295 -108.849 98.641 -134.935 -0.922 0.957  3.617 -50.127 
-55.315 -167.465 5  AA_A12G13:C24G25_AA A 12 ? A 25 ? A 13 ? A 24 ? 
1 A G 13 1_555 A C 24 1_555 A G 14 1_555 A C 23 1_555 1.536  -0.849 2.951 0.297    6.998  28.745   -2.962 -2.955 2.689 13.838  
-0.586  29.568   6  AA_G13G14:C23C24_AA A 13 ? A 24 ? A 14 ? A 23 ? 
1 A G 14 1_555 A C 23 1_555 A C 15 1_555 A G 22 1_555 0.415  -1.710 3.575 0.129    4.195  33.616   -3.652 -0.691 3.345 7.219   
-0.223  33.869   7  AA_G14C15:G22C23_AA A 14 ? A 23 ? A 15 ? A 22 ? 
1 A C 15 1_555 A G 22 1_555 A C 16 1_555 A G 21 1_555 -0.377 -1.707 3.294 -0.790   7.437  30.707   -4.445 0.554  2.822 13.788  
1.465   31.584   8  AA_C15C16:G21G22_AA A 15 ? A 22 ? A 16 ? A 21 ? 
1 A C 16 1_555 A G 21 1_555 A G 17 1_555 A A 20 1_555 -0.382 -1.010 3.047 0.917    0.987  50.920   -1.238 0.503  3.021 1.147   
-1.066  50.937   9  AA_C16G17:A20G21_AA A 16 ? A 21 ? A 17 ? A 20 ? 
1 A A 28 1_555 A U 43 1_555 A C 29 1_555 A G 42 1_555 0.416  -1.847 2.989 -3.187   13.190 36.261   -4.116 -0.949 2.169 20.338  
4.913   38.637   10 AA_A28C29:G42U43_AA A 28 ? A 43 ? A 29 ? A 42 ? 
1 A C 29 1_555 A G 42 1_555 A U 30 1_555 A A 41 1_555 -0.441 -2.022 3.326 -1.178   7.002  37.649   -3.930 0.529  2.930 10.733  
1.806   38.289   11 AA_C29U30:A41G42_AA A 29 ? A 42 ? A 30 ? A 41 ? 
1 A U 30 1_555 A A 41 1_555 A G 31 1_555 A C 40 1_555 0.190  -1.864 3.280 -0.592   6.837  34.178   -4.099 -0.402 2.861 11.490  
0.995   34.840   12 AA_U30G31:C40A41_AA A 30 ? A 41 ? A 31 ? A 40 ? 
1 A G 31 1_555 A C 40 1_555 A C 32 1_555 A G 39 1_555 0.147  -1.989 3.442 0.374    8.035  35.271   -4.325 -0.185 2.934 13.051  
-0.608  36.148   13 AA_G31C32:G39C40_AA A 31 ? A 40 ? A 32 ? A 39 ? 
1 A C 32 1_555 A G 39 1_555 A C 33 1_555 A G 38 1_555 -0.134 -1.820 3.296 0.156    9.561  30.244   -4.964 0.273  2.613 17.774  
-0.289  31.686   14 AA_C32C33:G38G39_AA A 32 ? A 39 ? A 33 ? A 38 ? 
1 A C 33 1_555 A G 38 1_555 A G 34 1_555 A A 37 1_555 -0.270 -0.858 2.769 3.400    6.604  51.025   -1.360 0.503  2.625 7.620   
-3.923  51.527   15 AA_C33G34:A37G38_AA A 33 ? A 38 ? A 34 ? A 37 ? 
# 
_atom_sites.entry_id                    1RMN 
_atom_sites.fract_transf_matrix[1][1]   1.000000 
_atom_sites.fract_transf_matrix[1][2]   0.000000 
_atom_sites.fract_transf_matrix[1][3]   0.000000 
_atom_sites.fract_transf_matrix[2][1]   0.000000 
_atom_sites.fract_transf_matrix[2][2]   1.000000 
_atom_sites.fract_transf_matrix[2][3]   0.000000 
_atom_sites.fract_transf_matrix[3][1]   0.000000 
_atom_sites.fract_transf_matrix[3][2]   0.000000 
_atom_sites.fract_transf_matrix[3][3]   1.000000 
_atom_sites.fract_transf_vector[1]      0.00000 
_atom_sites.fract_transf_vector[2]      0.00000 
_atom_sites.fract_transf_vector[3]      0.00000 
# 
loop_
_atom_type.symbol 
C 
N 
O 
P 
# 
loop_
_atom_site.group_PDB 
_atom_site.id 
_atom_site.type_symbol 
_atom_site.label_atom_id 
_atom_site.label_alt_id 
_atom_site.label_comp_id 
_atom_site.label_asym_id 
_atom_site.label_entity_id 
_atom_site.label_seq_id 
_atom_site.pdbx_PDB_ins_code 
_atom_site.Cartn_x 
_atom_site.Cartn_y 
_atom_site.Cartn_z 
_atom_site.occupancy 
_atom_site.B_iso_or_equiv 
_atom_site.pdbx_formal_charge 
_atom_site.auth_seq_id 
_atom_site.auth_comp_id 
_atom_site.auth_asym_id 
_atom_site.auth_atom_id 
_atom_site.pdbx_PDB_model_num 
ATOM 1    P P     . G A 1 1  ? -0.229  19.299  -14.779 1.00 1.00 ? 1  G A P     1 
ATOM 2    O OP1   . G A 1 1  ? -1.342  18.983  -15.714 1.00 1.00 ? 1  G A OP1   1 
ATOM 3    O OP2   . G A 1 1  ? -0.106  18.278  -13.688 1.00 1.00 ? 1  G A OP2   1 
ATOM 4    O "O5'" . G A 1 1  ? 1.172   19.570  -15.485 1.00 1.00 ? 1  G A "O5'" 1 
ATOM 5    C "C5'" . G A 1 1  ? 2.154   20.417  -14.834 1.00 1.00 ? 1  G A "C5'" 1 
ATOM 6    C "C4'" . G A 1 1  ? 3.422   20.320  -15.646 1.00 1.00 ? 1  G A "C4'" 1 
ATOM 7    O "O4'" . G A 1 1  ? 4.533   20.774  -14.840 1.00 1.00 ? 1  G A "O4'" 1 
ATOM 8    C "C3'" . G A 1 1  ? 3.830   18.928  -16.097 1.00 1.00 ? 1  G A "C3'" 1 
ATOM 9    O "O3'" . G A 1 1  ? 3.163   18.490  -17.284 1.00 1.00 ? 1  G A "O3'" 1 
ATOM 10   C "C2'" . G A 1 1  ? 5.335   19.093  -16.300 1.00 1.00 ? 1  G A "C2'" 1 
ATOM 11   O "O2'" . G A 1 1  ? 5.526   19.672  -17.583 1.00 1.00 ? 1  G A "O2'" 1 
ATOM 12   C "C1'" . G A 1 1  ? 5.700   20.071  -15.193 1.00 1.00 ? 1  G A "C1'" 1 
ATOM 13   N N9    . G A 1 1  ? 6.275   19.312  -14.063 1.00 1.00 ? 1  G A N9    1 
ATOM 14   C C8    . G A 1 1  ? 5.858   19.291  -12.758 1.00 1.00 ? 1  G A C8    1 
ATOM 15   N N7    . G A 1 1  ? 6.596   18.542  -11.980 1.00 1.00 ? 1  G A N7    1 
ATOM 16   C C5    . G A 1 1  ? 7.584   18.050  -12.831 1.00 1.00 ? 1  G A C5    1 
ATOM 17   C C6    . G A 1 1  ? 8.682   17.184  -12.592 1.00 1.00 ? 1  G A C6    1 
ATOM 18   O O6    . G A 1 1  ? 9.008   16.659  -11.524 1.00 1.00 ? 1  G A O6    1 
ATOM 19   N N1    . G A 1 1  ? 9.449   16.924  -13.700 1.00 1.00 ? 1  G A N1    1 
ATOM 20   C C2    . G A 1 1  ? 9.170   17.454  -14.922 1.00 1.00 ? 1  G A C2    1 
ATOM 21   N N2    . G A 1 1  ? 10.013  17.100  -15.900 1.00 1.00 ? 1  G A N2    1 
ATOM 22   N N3    . G A 1 1  ? 8.154   18.271  -15.200 1.00 1.00 ? 1  G A N3    1 
ATOM 23   C C4    . G A 1 1  ? 7.403   18.526  -14.111 1.00 1.00 ? 1  G A C4    1 
ATOM 24   P P     . C A 1 2  ? 2.656   16.972  -17.464 1.00 1.00 ? 2  C A P     1 
ATOM 25   O OP1   . C A 1 2  ? 1.491   17.112  -18.379 1.00 1.00 ? 2  C A OP1   1 
ATOM 26   O OP2   . C A 1 2  ? 2.261   16.386  -16.141 1.00 1.00 ? 2  C A OP2   1 
ATOM 27   O "O5'" . C A 1 2  ? 3.902   16.211  -18.090 1.00 1.00 ? 2  C A "O5'" 1 
ATOM 28   C "C5'" . C A 1 2  ? 4.068   16.131  -19.529 1.00 1.00 ? 2  C A "C5'" 1 
ATOM 29   C "C4'" . C A 1 2  ? 5.397   15.456  -19.774 1.00 1.00 ? 2  C A "C4'" 1 
ATOM 30   O "O4'" . C A 1 2  ? 6.379   16.035  -18.885 1.00 1.00 ? 2  C A "O4'" 1 
ATOM 31   C "C3'" . C A 1 2  ? 5.452   13.966  -19.478 1.00 1.00 ? 2  C A "C3'" 1 
ATOM 32   O "O3'" . C A 1 2  ? 4.995   13.156  -20.567 1.00 1.00 ? 2  C A "O3'" 1 
ATOM 33   C "C2'" . C A 1 2  ? 6.935   13.754  -19.181 1.00 1.00 ? 2  C A "C2'" 1 
ATOM 34   O "O2'" . C A 1 2  ? 7.600   13.623  -20.429 1.00 1.00 ? 2  C A "O2'" 1 
ATOM 35   C "C1'" . C A 1 2  ? 7.311   15.056  -18.489 1.00 1.00 ? 2  C A "C1'" 1 
ATOM 36   N N1    . C A 1 2  ? 7.296   14.834  -17.026 1.00 1.00 ? 2  C A N1    1 
ATOM 37   C C2    . C A 1 2  ? 8.230   13.944  -16.518 1.00 1.00 ? 2  C A C2    1 
ATOM 38   O O2    . C A 1 2  ? 8.992   13.335  -17.266 1.00 1.00 ? 2  C A O2    1 
ATOM 39   N N3    . C A 1 2  ? 8.255   13.757  -15.165 1.00 1.00 ? 2  C A N3    1 
ATOM 40   C C4    . C A 1 2  ? 7.410   14.422  -14.330 1.00 1.00 ? 2  C A C4    1 
ATOM 41   N N4    . C A 1 2  ? 7.486   14.195  -13.015 1.00 1.00 ? 2  C A N4    1 
ATOM 42   C C5    . C A 1 2  ? 6.472   15.347  -14.862 1.00 1.00 ? 2  C A C5    1 
ATOM 43   C C6    . C A 1 2  ? 6.462   15.521  -16.194 1.00 1.00 ? 2  C A C6    1 
ATOM 44   P P     . G A 1 3  ? 4.148   11.812  -20.320 1.00 1.00 ? 3  G A P     1 
ATOM 45   O OP1   . G A 1 3  ? 3.350   11.678  -21.570 1.00 1.00 ? 3  G A OP1   1 
ATOM 46   O OP2   . G A 1 3  ? 3.271   11.951  -19.111 1.00 1.00 ? 3  G A OP2   1 
ATOM 47   O "O5'" . G A 1 3  ? 5.247   10.684  -20.115 1.00 1.00 ? 3  G A "O5'" 1 
ATOM 48   C "C5'" . G A 1 3  ? 5.889   10.056  -21.256 1.00 1.00 ? 3  G A "C5'" 1 
ATOM 49   C "C4'" . G A 1 3  ? 7.000   9.194   -20.700 1.00 1.00 ? 3  G A "C4'" 1 
ATOM 50   O "O4'" . G A 1 3  ? 7.783   9.993   -19.785 1.00 1.00 ? 3  G A "O4'" 1 
ATOM 51   C "C3'" . G A 1 3  ? 6.554   7.998   -19.874 1.00 1.00 ? 3  G A "C3'" 1 
ATOM 52   O "O3'" . G A 1 3  ? 6.256   6.844   -20.667 1.00 1.00 ? 3  G A "O3'" 1 
ATOM 53   C "C2'" . G A 1 3  ? 7.756   7.778   -18.957 1.00 1.00 ? 3  G A "C2'" 1 
ATOM 54   O "O2'" . G A 1 3  ? 8.711   7.023   -19.688 1.00 1.00 ? 3  G A "O2'" 1 
ATOM 55   C "C1'" . G A 1 3  ? 8.242   9.199   -18.717 1.00 1.00 ? 3  G A "C1'" 1 
ATOM 56   N N9    . G A 1 3  ? 7.720   9.666   -17.416 1.00 1.00 ? 3  G A N9    1 
ATOM 57   C C8    . G A 1 3  ? 6.872   10.719  -17.183 1.00 1.00 ? 3  G A C8    1 
ATOM 58   N N7    . G A 1 3  ? 6.644   10.943  -15.914 1.00 1.00 ? 3  G A N7    1 
ATOM 59   C C5    . G A 1 3  ? 7.426   9.991   -15.264 1.00 1.00 ? 3  G A C5    1 
ATOM 60   C C6    . G A 1 3  ? 7.616   9.718   -13.884 1.00 1.00 ? 3  G A C6    1 
ATOM 61   O O6    . G A 1 3  ? 7.101   10.303  -12.929 1.00 1.00 ? 3  G A O6    1 
ATOM 62   N N1    . G A 1 3  ? 8.480   8.683   -13.624 1.00 1.00 ? 3  G A N1    1 
ATOM 63   C C2    . G A 1 3  ? 9.097   7.984   -14.616 1.00 1.00 ? 3  G A C2    1 
ATOM 64   N N2    . G A 1 3  ? 9.907   7.003   -14.201 1.00 1.00 ? 3  G A N2    1 
ATOM 65   N N3    . G A 1 3  ? 8.957   8.200   -15.925 1.00 1.00 ? 3  G A N3    1 
ATOM 66   C C4    . G A 1 3  ? 8.109   9.217   -16.176 1.00 1.00 ? 3  G A C4    1 
ATOM 67   P P     . C A 1 4  ? 5.036   5.860   -20.307 1.00 1.00 ? 4  C A P     1 
ATOM 68   O OP1   . C A 1 4  ? 4.661   5.286   -21.627 1.00 1.00 ? 4  C A OP1   1 
ATOM 69   O OP2   . C A 1 4  ? 3.904   6.623   -19.689 1.00 1.00 ? 4  C A OP2   1 
ATOM 70   O "O5'" . C A 1 4  ? 5.661   4.815   -19.285 1.00 1.00 ? 4  C A "O5'" 1 
ATOM 71   C "C5'" . C A 1 4  ? 6.503   3.730   -19.758 1.00 1.00 ? 4  C A "C5'" 1 
ATOM 72   C "C4'" . C A 1 4  ? 6.997   3.011   -18.522 1.00 1.00 ? 4  C A "C4'" 1 
ATOM 73   O "O4'" . C A 1 4  ? 7.743   3.953   -17.717 1.00 1.00 ? 4  C A "O4'" 1 
ATOM 74   C "C3'" . C A 1 4  ? 5.916   2.489   -17.591 1.00 1.00 ? 4  C A "C3'" 1 
ATOM 75   O "O3'" . C A 1 4  ? 5.423   1.200   -17.969 1.00 1.00 ? 4  C A "O3'" 1 
ATOM 76   C "C2'" . C A 1 4  ? 6.635   2.470   -16.244 1.00 1.00 ? 4  C A "C2'" 1 
ATOM 77   O "O2'" . C A 1 4  ? 7.392   1.270   -16.188 1.00 1.00 ? 4  C A "O2'" 1 
ATOM 78   C "C1'" . C A 1 4  ? 7.541   3.689   -16.347 1.00 1.00 ? 4  C A "C1'" 1 
ATOM 79   N N1    . C A 1 4  ? 6.876   4.824   -15.666 1.00 1.00 ? 4  C A N1    1 
ATOM 80   C C2    . C A 1 4  ? 6.916   4.840   -14.282 1.00 1.00 ? 4  C A C2    1 
ATOM 81   O O2    . C A 1 4  ? 7.434   3.916   -13.658 1.00 1.00 ? 4  C A O2    1 
ATOM 82   N N3    . C A 1 4  ? 6.336   5.899   -13.643 1.00 1.00 ? 4  C A N3    1 
ATOM 83   C C4    . C A 1 4  ? 5.757   6.924   -14.329 1.00 1.00 ? 4  C A C4    1 
ATOM 84   N N4    . C A 1 4  ? 5.211   7.935   -13.648 1.00 1.00 ? 4  C A N4    1 
ATOM 85   C C5    . C A 1 4  ? 5.746   6.908   -15.751 1.00 1.00 ? 4  C A C5    1 
ATOM 86   C C6    . C A 1 4  ? 6.320   5.859   -16.361 1.00 1.00 ? 4  C A C6    1 
ATOM 87   P P     . U A 1 5  ? 3.872   0.807   -17.800 1.00 1.00 ? 5  U A P     1 
ATOM 88   O OP1   . U A 1 5  ? 3.661   -0.224  -18.848 1.00 1.00 ? 5  U A OP1   1 
ATOM 89   O OP2   . U A 1 5  ? 2.991   2.002   -17.989 1.00 1.00 ? 5  U A OP2   1 
ATOM 90   O "O5'" . U A 1 5  ? 3.788   0.252   -16.303 1.00 1.00 ? 5  U A "O5'" 1 
ATOM 91   C "C5'" . U A 1 5  ? 4.178   -1.101  -15.961 1.00 1.00 ? 5  U A "C5'" 1 
ATOM 92   C "C4'" . U A 1 5  ? 4.646   -1.091  -14.522 1.00 1.00 ? 5  U A "C4'" 1 
ATOM 93   O "O4'" . U A 1 5  ? 5.469   0.083   -14.326 1.00 1.00 ? 5  U A "O4'" 1 
ATOM 94   C "C3'" . U A 1 5  ? 3.563   -0.971  -13.465 1.00 1.00 ? 5  U A "C3'" 1 
ATOM 95   O "O3'" . U A 1 5  ? 2.970   -2.225  -13.116 1.00 1.00 ? 5  U A "O3'" 1 
ATOM 96   C "C2'" . U A 1 5  ? 4.323   -0.340  -12.303 1.00 1.00 ? 5  U A "C2'" 1 
ATOM 97   O "O2'" . U A 1 5  ? 5.024   -1.383  -11.640 1.00 1.00 ? 5  U A "O2'" 1 
ATOM 98   C "C1'" . U A 1 5  ? 5.284   0.595   -13.027 1.00 1.00 ? 5  U A "C1'" 1 
ATOM 99   N N1    . U A 1 5  ? 4.673   1.944   -13.053 1.00 1.00 ? 5  U A N1    1 
ATOM 100  C C2    . U A 1 5  ? 4.329   2.498   -11.830 1.00 1.00 ? 5  U A C2    1 
ATOM 101  O O2    . U A 1 5  ? 4.546   1.896   -10.780 1.00 1.00 ? 5  U A O2    1 
ATOM 102  N N3    . U A 1 5  ? 3.714   3.715   -11.840 1.00 1.00 ? 5  U A N3    1 
ATOM 103  C C4    . U A 1 5  ? 3.451   4.395   -12.993 1.00 1.00 ? 5  U A C4    1 
ATOM 104  O O4    . U A 1 5  ? 2.889   5.523   -12.879 1.00 1.00 ? 5  U A O4    1 
ATOM 105  C C5    . U A 1 5  ? 3.811   3.808   -14.239 1.00 1.00 ? 5  U A C5    1 
ATOM 106  C C6    . U A 1 5  ? 4.397   2.602   -14.215 1.00 1.00 ? 5  U A C6    1 
ATOM 107  P P     . C A 1 6  ? 1.433   -2.269  -12.644 1.00 1.00 ? 6  C A P     1 
ATOM 108  O OP1   . C A 1 6  ? 0.856   -3.371  -13.459 1.00 1.00 ? 6  C A OP1   1 
ATOM 109  O OP2   . C A 1 6  ? 0.756   -0.959  -12.914 1.00 1.00 ? 6  C A OP2   1 
ATOM 110  O "O5'" . C A 1 6  ? 1.515   -2.572  -11.085 1.00 1.00 ? 6  C A "O5'" 1 
ATOM 111  C "C5'" . C A 1 6  ? 0.463   -2.125  -10.190 1.00 1.00 ? 6  C A "C5'" 1 
ATOM 112  C "C4'" . C A 1 6  ? 0.755   -2.733  -8.840  1.00 1.00 ? 6  C A "C4'" 1 
ATOM 113  O "O4'" . C A 1 6  ? 2.116   -2.414  -8.467  1.00 1.00 ? 6  C A "O4'" 1 
ATOM 114  C "C3'" . C A 1 6  ? -0.076  -2.237  -7.671  1.00 1.00 ? 6  C A "C3'" 1 
ATOM 115  O "O3'" . C A 1 6  ? -1.353  -2.875  -7.570  1.00 1.00 ? 6  C A "O3'" 1 
ATOM 116  C "C2'" . C A 1 6  ? 0.832   -2.556  -6.485  1.00 1.00 ? 6  C A "C2'" 1 
ATOM 117  O "O2'" . C A 1 6  ? 0.657   -3.931  -6.178  1.00 1.00 ? 6  C A "O2'" 1 
ATOM 118  C "C1'" . C A 1 6  ? 2.214   -2.292  -7.068  1.00 1.00 ? 6  C A "C1'" 1 
ATOM 119  N N1    . C A 1 6  ? 2.651   -0.944  -6.644  1.00 1.00 ? 6  C A N1    1 
ATOM 120  C C2    . C A 1 6  ? 2.649   -0.684  -5.282  1.00 1.00 ? 6  C A C2    1 
ATOM 121  O O2    . C A 1 6  ? 2.246   -1.525  -4.481  1.00 1.00 ? 6  C A O2    1 
ATOM 122  N N3    . C A 1 6  ? 3.058   0.553   -4.873  1.00 1.00 ? 6  C A N3    1 
ATOM 123  C C4    . C A 1 6  ? 3.498   1.494   -5.751  1.00 1.00 ? 6  C A C4    1 
ATOM 124  N N4    . C A 1 6  ? 3.902   2.677   -5.279  1.00 1.00 ? 6  C A N4    1 
ATOM 125  C C5    . C A 1 6  ? 3.525   1.205   -7.142  1.00 1.00 ? 6  C A C5    1 
ATOM 126  C C6    . C A 1 6  ? 3.104   -0.010  -7.529  1.00 1.00 ? 6  C A C6    1 
ATOM 127  P P     . U A 1 7  ? -2.589  -2.062  -6.939  1.00 1.00 ? 7  U A P     1 
ATOM 128  O OP1   . U A 1 7  ? -3.769  -2.633  -7.640  1.00 1.00 ? 7  U A OP1   1 
ATOM 129  O OP2   . U A 1 7  ? -2.442  -0.591  -7.188  1.00 1.00 ? 7  U A OP2   1 
ATOM 130  O "O5'" . U A 1 7  ? -2.519  -2.397  -5.382  1.00 1.00 ? 7  U A "O5'" 1 
ATOM 131  C "C5'" . U A 1 7  ? -2.441  -3.782  -4.959  1.00 1.00 ? 7  U A "C5'" 1 
ATOM 132  C "C4'" . U A 1 7  ? -2.284  -3.783  -3.461  1.00 1.00 ? 7  U A "C4'" 1 
ATOM 133  O "O4'" . U A 1 7  ? -0.924  -3.425  -3.121  1.00 1.00 ? 7  U A "O4'" 1 
ATOM 134  C "C3'" . U A 1 7  ? -3.133  -2.797  -2.680  1.00 1.00 ? 7  U A "C3'" 1 
ATOM 135  O "O3'" . U A 1 7  ? -4.473  -3.244  -2.451  1.00 1.00 ? 7  U A "O3'" 1 
ATOM 136  C "C2'" . U A 1 7  ? -2.336  -2.658  -1.384  1.00 1.00 ? 7  U A "C2'" 1 
ATOM 137  O "O2'" . U A 1 7  ? -2.668  -3.770  -0.565  1.00 1.00 ? 7  U A "O2'" 1 
ATOM 138  C "C1'" . U A 1 7  ? -0.901  -2.752  -1.886  1.00 1.00 ? 7  U A "C1'" 1 
ATOM 139  N N1    . U A 1 7  ? -0.356  -1.380  -1.992  1.00 1.00 ? 7  U A N1    1 
ATOM 140  C C2    . U A 1 7  ? -0.305  -0.639  -0.823  1.00 1.00 ? 7  U A C2    1 
ATOM 141  O O2    . U A 1 7  ? -0.706  -1.104  0.242   1.00 1.00 ? 7  U A O2    1 
ATOM 142  N N3    . U A 1 7  ? 0.197   0.630   -0.900  1.00 1.00 ? 7  U A N3    1 
ATOM 143  C C4    . U A 1 7  ? 0.646   1.167   -2.070  1.00 1.00 ? 7  U A C4    1 
ATOM 144  O O4    . U A 1 7  ? 1.093   2.349   -2.029  1.00 1.00 ? 7  U A O4    1 
ATOM 145  C C5    . U A 1 7  ? 0.592   0.384   -3.260  1.00 1.00 ? 7  U A C5    1 
ATOM 146  C C6    . U A 1 7  ? 0.087   -0.855  -3.169  1.00 1.00 ? 7  U A C6    1 
ATOM 147  P P     . G A 1 8  ? -5.706  -2.212  -2.487  1.00 1.00 ? 8  G A P     1 
ATOM 148  O OP1   . G A 1 8  ? -6.868  -3.082  -2.811  1.00 1.00 ? 8  G A OP1   1 
ATOM 149  O OP2   . G A 1 8  ? -5.488  -1.151  -3.521  1.00 1.00 ? 8  G A OP2   1 
ATOM 150  O "O5'" . G A 1 8  ? -5.742  -1.591  -1.016  1.00 1.00 ? 8  G A "O5'" 1 
ATOM 151  C "C5'" . G A 1 8  ? -5.543  -0.171  -0.807  1.00 1.00 ? 8  G A "C5'" 1 
ATOM 152  C "C4'" . G A 1 8  ? -6.135  0.184   0.534   1.00 1.00 ? 8  G A "C4'" 1 
ATOM 153  O "O4'" . G A 1 8  ? -7.376  -0.537  0.709   1.00 1.00 ? 8  G A "O4'" 1 
ATOM 154  C "C3'" . G A 1 8  ? -5.312  -0.180  1.758   1.00 1.00 ? 8  G A "C3'" 1 
ATOM 155  O "O3'" . G A 1 8  ? -4.314  0.796   2.072   1.00 1.00 ? 8  G A "O3'" 1 
ATOM 156  C "C2'" . G A 1 8  ? -6.383  -0.281  2.842   1.00 1.00 ? 8  G A "C2'" 1 
ATOM 157  O "O2'" . G A 1 8  ? -6.639  1.036   3.307   1.00 1.00 ? 8  G A "O2'" 1 
ATOM 158  C "C1'" . G A 1 8  ? -7.571  -0.836  2.070   1.00 1.00 ? 8  G A "C1'" 1 
ATOM 159  N N9    . G A 1 8  ? -7.668  -2.286  2.332   1.00 1.00 ? 8  G A N9    1 
ATOM 160  C C8    . G A 1 8  ? -7.704  -3.309  1.421   1.00 1.00 ? 8  G A C8    1 
ATOM 161  N N7    . G A 1 8  ? -7.841  -4.493  1.963   1.00 1.00 ? 8  G A N7    1 
ATOM 162  C C5    . G A 1 8  ? -7.926  -4.227  3.327   1.00 1.00 ? 8  G A C5    1 
ATOM 163  C C6    . G A 1 8  ? -8.082  -5.090  4.444   1.00 1.00 ? 8  G A C6    1 
ATOM 164  O O6    . G A 1 8  ? -8.182  -6.319  4.437   1.00 1.00 ? 8  G A O6    1 
ATOM 165  N N1    . G A 1 8  ? -8.123  -4.445  5.654   1.00 1.00 ? 8  G A N1    1 
ATOM 166  C C2    . G A 1 8  ? -8.021  -3.092  5.766   1.00 1.00 ? 8  G A C2    1 
ATOM 167  N N2    . G A 1 8  ? -8.079  -2.623  7.019   1.00 1.00 ? 8  G A N2    1 
ATOM 168  N N3    . G A 1 8  ? -7.873  -2.239  4.753   1.00 1.00 ? 8  G A N3    1 
ATOM 169  C C4    . G A 1 8  ? -7.834  -2.874  3.565   1.00 1.00 ? 8  G A C4    1 
ATOM 170  P P     . A A 1 9  ? -2.900  0.364   2.697   1.00 1.00 ? 9  A A P     1 
ATOM 171  O OP1   . A A 1 9  ? -1.923  0.765   1.649   1.00 1.00 ? 9  A A OP1   1 
ATOM 172  O OP2   . A A 1 9  ? -2.860  -1.109  2.970   1.00 1.00 ? 9  A A OP2   1 
ATOM 173  O "O5'" . A A 1 9  ? -2.794  1.207   4.048   1.00 1.00 ? 9  A A "O5'" 1 
ATOM 174  C "C5'" . A A 1 9  ? -1.597  1.101   4.860   1.00 1.00 ? 9  A A "C5'" 1 
ATOM 175  C "C4'" . A A 1 9  ? -1.897  1.730   6.198   1.00 1.00 ? 9  A A "C4'" 1 
ATOM 176  O "O4'" . A A 1 9  ? -3.254  1.417   6.582   1.00 1.00 ? 9  A A "O4'" 1 
ATOM 177  C "C3'" . A A 1 9  ? -1.052  1.237   7.365   1.00 1.00 ? 9  A A "C3'" 1 
ATOM 178  O "O3'" . A A 1 9  ? 0.226   1.867   7.472   1.00 1.00 ? 9  A A "O3'" 1 
ATOM 179  C "C2'" . A A 1 9  ? -1.957  1.547   8.556   1.00 1.00 ? 9  A A "C2'" 1 
ATOM 180  O "O2'" . A A 1 9  ? -1.768  2.915   8.884   1.00 1.00 ? 9  A A "O2'" 1 
ATOM 181  C "C1'" . A A 1 9  ? -3.345  1.304   7.982   1.00 1.00 ? 9  A A "C1'" 1 
ATOM 182  N N9    . A A 1 9  ? -3.815  -0.025  8.420   1.00 1.00 ? 9  A A N9    1 
ATOM 183  C C8    . A A 1 9  ? -4.107  -1.118  7.645   1.00 1.00 ? 9  A A C8    1 
ATOM 184  N N7    . A A 1 9  ? -4.536  -2.151  8.328   1.00 1.00 ? 9  A A N7    1 
ATOM 185  C C5    . A A 1 9  ? -4.556  -1.693  9.642   1.00 1.00 ? 9  A A C5    1 
ATOM 186  C C6    . A A 1 9  ? -4.925  -2.331  10.849  1.00 1.00 ? 9  A A C6    1 
ATOM 187  N N6    . A A 1 9  ? -5.355  -3.583  10.929  1.00 1.00 ? 9  A A N6    1 
ATOM 188  N N1    . A A 1 9  ? -4.812  -1.558  11.971  1.00 1.00 ? 9  A A N1    1 
ATOM 189  C C2    . A A 1 9  ? -4.378  -0.269  11.910  1.00 1.00 ? 9  A A C2    1 
ATOM 190  N N3    . A A 1 9  ? -4.016  0.387   10.809  1.00 1.00 ? 9  A A N3    1 
ATOM 191  C C4    . A A 1 9  ? -4.129  -0.383  9.709   1.00 1.00 ? 9  A A C4    1 
ATOM 192  P P     . U A 1 10 ? 1.615   1.086   7.687   1.00 1.00 ? 10 U A P     1 
ATOM 193  O OP1   . U A 1 10 ? 2.594   1.915   6.936   1.00 1.00 ? 10 U A OP1   1 
ATOM 194  O OP2   . U A 1 10 ? 1.531   -0.310  7.144   1.00 1.00 ? 10 U A OP2   1 
ATOM 195  O "O5'" . U A 1 10 ? 1.844   1.075   9.269   1.00 1.00 ? 10 U A "O5'" 1 
ATOM 196  C "C5'" . U A 1 10 ? 3.165   0.871   9.826   1.00 1.00 ? 10 U A "C5'" 1 
ATOM 197  C "C4'" . U A 1 10 ? 3.042   0.205   11.175  1.00 1.00 ? 10 U A "C4'" 1 
ATOM 198  O "O4'" . U A 1 10 ? 1.751   -0.433  11.285  1.00 1.00 ? 10 U A "O4'" 1 
ATOM 199  C "C3'" . U A 1 10 ? 4.034   -0.915  11.449  1.00 1.00 ? 10 U A "C3'" 1 
ATOM 200  O "O3'" . U A 1 10 ? 5.316   -0.464  11.892  1.00 1.00 ? 10 U A "O3'" 1 
ATOM 201  C "C2'" . U A 1 10 ? 3.299   -1.735  12.506  1.00 1.00 ? 10 U A "C2'" 1 
ATOM 202  O "O2'" . U A 1 10 ? 3.489   -1.081  13.754  1.00 1.00 ? 10 U A "O2'" 1 
ATOM 203  C "C1'" . U A 1 10 ? 1.854   -1.618  12.040  1.00 1.00 ? 10 U A "C1'" 1 
ATOM 204  N N1    . U A 1 10 ? 1.557   -2.812  11.212  1.00 1.00 ? 10 U A N1    1 
ATOM 205  C C2    . U A 1 10 ? 1.015   -3.904  11.865  1.00 1.00 ? 10 U A C2    1 
ATOM 206  O O2    . U A 1 10 ? 0.696   -3.856  13.048  1.00 1.00 ? 10 U A O2    1 
ATOM 207  N N3    . U A 1 10 ? 0.823   -5.042  11.140  1.00 1.00 ? 10 U A N3    1 
ATOM 208  C C4    . U A 1 10 ? 1.039   -5.094  9.793   1.00 1.00 ? 10 U A C4    1 
ATOM 209  O O4    . U A 1 10 ? 0.751   -6.176  9.203   1.00 1.00 ? 10 U A O4    1 
ATOM 210  C C5    . U A 1 10 ? 1.603   -3.962  9.139   1.00 1.00 ? 10 U A C5    1 
ATOM 211  C C6    . U A 1 10 ? 1.851   -2.872  9.882   1.00 1.00 ? 10 U A C6    1 
ATOM 212  P P     . G A 1 11 ? 6.662   -1.205  11.401  1.00 1.00 ? 11 G A P     1 
ATOM 213  O OP1   . G A 1 11 ? 7.731   -0.234  11.756  1.00 1.00 ? 11 G A OP1   1 
ATOM 214  O OP2   . G A 1 11 ? 6.610   -1.471  9.926   1.00 1.00 ? 11 G A OP2   1 
ATOM 215  O "O5'" . G A 1 11 ? 6.694   -2.561  12.236  1.00 1.00 ? 11 G A "O5'" 1 
ATOM 216  C "C5'" . G A 1 11 ? 7.588   -3.638  11.851  1.00 1.00 ? 11 G A "C5'" 1 
ATOM 217  C "C4'" . G A 1 11 ? 7.116   -4.888  12.554  1.00 1.00 ? 11 G A "C4'" 1 
ATOM 218  O "O4'" . G A 1 11 ? 5.670   -4.923  12.526  1.00 1.00 ? 11 G A "O4'" 1 
ATOM 219  C "C3'" . G A 1 11 ? 7.534   -6.209  11.930  1.00 1.00 ? 11 G A "C3'" 1 
ATOM 220  O "O3'" . G A 1 11 ? 8.848   -6.640  12.295  1.00 1.00 ? 11 G A "O3'" 1 
ATOM 221  C "C2'" . G A 1 11 ? 6.450   -7.155  12.444  1.00 1.00 ? 11 G A "C2'" 1 
ATOM 222  O "O2'" . G A 1 11 ? 6.816   -7.538  13.762  1.00 1.00 ? 11 G A "O2'" 1 
ATOM 223  C "C1'" . G A 1 11 ? 5.222   -6.255  12.453  1.00 1.00 ? 11 G A "C1'" 1 
ATOM 224  N N9    . G A 1 11 ? 4.442   -6.522  11.226  1.00 1.00 ? 11 G A N9    1 
ATOM 225  C C8    . G A 1 11 ? 4.399   -5.784  10.073  1.00 1.00 ? 11 G A C8    1 
ATOM 226  N N7    . G A 1 11 ? 3.605   -6.282  9.158   1.00 1.00 ? 11 G A N7    1 
ATOM 227  C C5    . G A 1 11 ? 3.090   -7.430  9.753   1.00 1.00 ? 11 G A C5    1 
ATOM 228  C C6    . G A 1 11 ? 2.177   -8.407  9.275   1.00 1.00 ? 11 G A C6    1 
ATOM 229  O O6    . G A 1 11 ? 1.620   -8.441  8.175   1.00 1.00 ? 11 G A O6    1 
ATOM 230  N N1    . G A 1 11 ? 1.904   -9.411  10.169  1.00 1.00 ? 11 G A N1    1 
ATOM 231  C C2    . G A 1 11 ? 2.469   -9.462  11.406  1.00 1.00 ? 11 G A C2    1 
ATOM 232  N N2    . G A 1 11 ? 2.098   -10.509 12.154  1.00 1.00 ? 11 G A N2    1 
ATOM 233  N N3    . G A 1 11 ? 3.331   -8.575  11.903  1.00 1.00 ? 11 G A N3    1 
ATOM 234  C C4    . G A 1 11 ? 3.596   -7.588  11.025  1.00 1.00 ? 11 G A C4    1 
ATOM 235  P P     . A A 1 12 ? 9.841   -7.318  11.225  1.00 1.00 ? 12 A A P     1 
ATOM 236  O OP1   . A A 1 12 ? 11.150  -6.675  11.528  1.00 1.00 ? 12 A A OP1   1 
ATOM 237  O OP2   . A A 1 12 ? 9.389   -7.021  9.825   1.00 1.00 ? 12 A A OP2   1 
ATOM 238  O "O5'" . A A 1 12 ? 9.789   -8.876  11.537  1.00 1.00 ? 12 A A "O5'" 1 
ATOM 239  C "C5'" . A A 1 12 ? 8.663   -9.477  12.222  1.00 1.00 ? 12 A A "C5'" 1 
ATOM 240  C "C4'" . A A 1 12 ? 8.711   -10.963 11.958  1.00 1.00 ? 12 A A "C4'" 1 
ATOM 241  O "O4'" . A A 1 12 ? 7.424   -11.383 11.445  1.00 1.00 ? 12 A A "O4'" 1 
ATOM 242  C "C3'" . A A 1 12 ? 9.703   -11.435 10.910  1.00 1.00 ? 12 A A "C3'" 1 
ATOM 243  O "O3'" . A A 1 12 ? 11.024  -11.545 11.437  1.00 1.00 ? 12 A A "O3'" 1 
ATOM 244  C "C2'" . A A 1 12 ? 9.083   -12.759 10.477  1.00 1.00 ? 12 A A "C2'" 1 
ATOM 245  O "O2'" . A A 1 12 ? 9.424   -13.729 11.455  1.00 1.00 ? 12 A A "O2'" 1 
ATOM 246  C "C1'" . A A 1 12 ? 7.593   -12.438 10.525  1.00 1.00 ? 12 A A "C1'" 1 
ATOM 247  N N9    . A A 1 12 ? 7.179   -12.040 9.161   1.00 1.00 ? 12 A A N9    1 
ATOM 248  C C8    . A A 1 12 ? 6.442   -12.743 8.247   1.00 1.00 ? 12 A A C8    1 
ATOM 249  N N7    . A A 1 12 ? 6.269   -12.115 7.109   1.00 1.00 ? 12 A A N7    1 
ATOM 250  C C5    . A A 1 12 ? 6.950   -10.914 7.289   1.00 1.00 ? 12 A A C5    1 
ATOM 251  C C6    . A A 1 12 ? 7.187   -9.827  6.414   1.00 1.00 ? 12 A A C6    1 
ATOM 252  N N6    . A A 1 12 ? 6.647   -9.703  5.209   1.00 1.00 ? 12 A A N6    1 
ATOM 253  N N1    . A A 1 12 ? 7.871   -8.778  6.967   1.00 1.00 ? 12 A A N1    1 
ATOM 254  C C2    . A A 1 12 ? 8.394   -8.846  8.221   1.00 1.00 ? 12 A A C2    1 
ATOM 255  N N3    . A A 1 12 ? 8.253   -9.858  9.074   1.00 1.00 ? 12 A A N3    1 
ATOM 256  C C4    . A A 1 12 ? 7.520   -10.859 8.544   1.00 1.00 ? 12 A A C4    1 
ATOM 257  P P     . G A 1 13 ? 12.159  -12.512 10.915  1.00 1.00 ? 13 G A P     1 
ATOM 258  O OP1   . G A 1 13 ? 12.026  -13.900 11.478  1.00 1.00 ? 13 G A OP1   1 
ATOM 259  O OP2   . G A 1 13 ? 13.424  -11.869 11.390  1.00 1.00 ? 13 G A OP2   1 
ATOM 260  O "O5'" . G A 1 13 ? 12.018  -12.530 9.326   1.00 1.00 ? 13 G A "O5'" 1 
ATOM 261  C "C5'" . G A 1 13 ? 12.306  -13.752 8.600   1.00 1.00 ? 13 G A "C5'" 1 
ATOM 262  C "C4'" . G A 1 13 ? 11.906  -13.528 7.163   1.00 1.00 ? 13 G A "C4'" 1 
ATOM 263  O "O4'" . G A 1 13 ? 10.750  -12.660 7.117   1.00 1.00 ? 13 G A "O4'" 1 
ATOM 264  C "C3'" . G A 1 13 ? 12.923  -12.846 6.270   1.00 1.00 ? 13 G A "C3'" 1 
ATOM 265  O "O3'" . G A 1 13 ? 13.895  -13.761 5.749   1.00 1.00 ? 13 G A "O3'" 1 
ATOM 266  C "C2'" . G A 1 13 ? 12.037  -12.256 5.175   1.00 1.00 ? 13 G A "C2'" 1 
ATOM 267  O "O2'" . G A 1 13 ? 11.741  -13.307 4.265   1.00 1.00 ? 13 G A "O2'" 1 
ATOM 268  C "C1'" . G A 1 13 ? 10.798  -11.852 5.964   1.00 1.00 ? 13 G A "C1'" 1 
ATOM 269  N N9    . G A 1 13 ? 10.928  -10.418 6.307   1.00 1.00 ? 13 G A N9    1 
ATOM 270  C C8    . G A 1 13 ? 11.730  -9.853  7.263   1.00 1.00 ? 13 G A C8    1 
ATOM 271  N N7    . G A 1 13 ? 11.596  -8.554  7.362   1.00 1.00 ? 13 G A N7    1 
ATOM 272  C C5    . G A 1 13 ? 10.631  -8.247  6.405   1.00 1.00 ? 13 G A C5    1 
ATOM 273  C C6    . G A 1 13 ? 10.049  -7.008  6.023   1.00 1.00 ? 13 G A C6    1 
ATOM 274  O O6    . G A 1 13 ? 10.307  -5.894  6.483   1.00 1.00 ? 13 G A O6    1 
ATOM 275  N N1    . G A 1 13 ? 9.097   -7.106  5.038   1.00 1.00 ? 13 G A N1    1 
ATOM 276  C C2    . G A 1 13 ? 8.796   -8.292  4.440   1.00 1.00 ? 13 G A C2    1 
ATOM 277  N N2    . G A 1 13 ? 7.862   -8.228  3.483   1.00 1.00 ? 13 G A N2    1 
ATOM 278  N N3    . G A 1 13 ? 9.302   -9.482  4.765   1.00 1.00 ? 13 G A N3    1 
ATOM 279  C C4    . G A 1 13 ? 10.215  -9.384  5.750   1.00 1.00 ? 13 G A C4    1 
ATOM 280  P P     . G A 1 14 ? 15.163  -13.136 5.002   1.00 1.00 ? 14 G A P     1 
ATOM 281  O OP1   . G A 1 14 ? 15.911  -14.329 4.523   1.00 1.00 ? 14 G A OP1   1 
ATOM 282  O OP2   . G A 1 14 ? 15.986  -12.298 5.936   1.00 1.00 ? 14 G A OP2   1 
ATOM 283  O "O5'" . G A 1 14 ? 14.536  -12.245 3.834   1.00 1.00 ? 14 G A "O5'" 1 
ATOM 284  C "C5'" . G A 1 14 ? 14.214  -12.851 2.557   1.00 1.00 ? 14 G A "C5'" 1 
ATOM 285  C "C4'" . G A 1 14 ? 13.277  -11.924 1.826   1.00 1.00 ? 14 G A "C4'" 1 
ATOM 286  O "O4'" . G A 1 14 ? 12.411  -11.260 2.773   1.00 1.00 ? 14 G A "O4'" 1 
ATOM 287  C "C3'" . G A 1 14 ? 13.907  -10.791 1.038   1.00 1.00 ? 14 G A "C3'" 1 
ATOM 288  O "O3'" . G A 1 14 ? 14.374  -11.197 -0.254  1.00 1.00 ? 14 G A "O3'" 1 
ATOM 289  C "C2'" . G A 1 14 ? 12.758  -9.789  0.953   1.00 1.00 ? 14 G A "C2'" 1 
ATOM 290  O "O2'" . G A 1 14 ? 11.914  -10.205 -0.112  1.00 1.00 ? 14 G A "O2'" 1 
ATOM 291  C "C1'" . G A 1 14 ? 12.075  -9.977  2.301   1.00 1.00 ? 14 G A "C1'" 1 
ATOM 292  N N9    . G A 1 14 ? 12.534  -8.904  3.208   1.00 1.00 ? 14 G A N9    1 
ATOM 293  C C8    . G A 1 14 ? 13.415  -8.999  4.253   1.00 1.00 ? 14 G A C8    1 
ATOM 294  N N7    . G A 1 14 ? 13.612  -7.868  4.881   1.00 1.00 ? 14 G A N7    1 
ATOM 295  C C5    . G A 1 14 ? 12.797  -6.964  4.204   1.00 1.00 ? 14 G A C5    1 
ATOM 296  C C6    . G A 1 14 ? 12.567  -5.577  4.401   1.00 1.00 ? 14 G A C6    1 
ATOM 297  O O6    . G A 1 14 ? 13.083  -4.851  5.254   1.00 1.00 ? 14 G A O6    1 
ATOM 298  N N1    . G A 1 14 ? 11.664  -5.019  3.530   1.00 1.00 ? 14 G A N1    1 
ATOM 299  C C2    . G A 1 14 ? 11.076  -5.743  2.537   1.00 1.00 ? 14 G A C2    1 
ATOM 300  N N2    . G A 1 14 ? 10.243  -5.055  1.746   1.00 1.00 ? 14 G A N2    1 
ATOM 301  N N3    . G A 1 14 ? 11.255  -7.043  2.308   1.00 1.00 ? 14 G A N3    1 
ATOM 302  C C4    . G A 1 14 ? 12.127  -7.590  3.176   1.00 1.00 ? 14 G A C4    1 
ATOM 303  P P     . C A 1 15 ? 15.649  -10.470 -0.908  1.00 1.00 ? 15 C A P     1 
ATOM 304  O OP1   . C A 1 15 ? 16.172  -11.484 -1.862  1.00 1.00 ? 15 C A OP1   1 
ATOM 305  O OP2   . C A 1 15 ? 16.657  -10.107 0.140   1.00 1.00 ? 15 C A OP2   1 
ATOM 306  O "O5'" . C A 1 15 ? 15.035  -9.169  -1.600  1.00 1.00 ? 15 C A "O5'" 1 
ATOM 307  C "C5'" . C A 1 15 ? 13.902  -9.286  -2.497  1.00 1.00 ? 15 C A "C5'" 1 
ATOM 308  C "C4'" . C A 1 15 ? 13.314  -7.904  -2.655  1.00 1.00 ? 15 C A "C4'" 1 
ATOM 309  O "O4'" . C A 1 15 ? 12.678  -7.522  -1.414  1.00 1.00 ? 15 C A "O4'" 1 
ATOM 310  C "C3'" . C A 1 15 ? 14.302  -6.783  -2.931  1.00 1.00 ? 15 C A "C3'" 1 
ATOM 311  O "O3'" . C A 1 15 ? 14.656  -6.665  -4.312  1.00 1.00 ? 15 C A "O3'" 1 
ATOM 312  C "C2'" . C A 1 15 ? 13.547  -5.561  -2.415  1.00 1.00 ? 15 C A "C2'" 1 
ATOM 313  O "O2'" . C A 1 15 ? 12.651  -5.157  -3.440  1.00 1.00 ? 15 C A "O2'" 1 
ATOM 314  C "C1'" . C A 1 15 ? 12.795  -6.133  -1.220  1.00 1.00 ? 15 C A "C1'" 1 
ATOM 315  N N1    . C A 1 15 ? 13.547  -5.798  0.010   1.00 1.00 ? 15 C A N1    1 
ATOM 316  C C2    . C A 1 15 ? 13.588  -4.464  0.377   1.00 1.00 ? 15 C A C2    1 
ATOM 317  O O2    . C A 1 15 ? 13.068  -3.604  -0.330  1.00 1.00 ? 15 C A O2    1 
ATOM 318  N N3    . C A 1 15 ? 14.247  -4.140  1.531   1.00 1.00 ? 15 C A N3    1 
ATOM 319  C C4    . C A 1 15 ? 14.846  -5.089  2.302   1.00 1.00 ? 15 C A C4    1 
ATOM 320  N N4    . C A 1 15 ? 15.489  -4.719  3.412   1.00 1.00 ? 15 C A N4    1 
ATOM 321  C C5    . C A 1 15 ? 14.781  -6.458  1.923   1.00 1.00 ? 15 C A C5    1 
ATOM 322  C C6    . C A 1 15 ? 14.122  -6.756  0.792   1.00 1.00 ? 15 C A C6    1 
ATOM 323  P P     . C A 1 16 ? 16.153  -6.286  -4.765  1.00 1.00 ? 16 C A P     1 
ATOM 324  O OP1   . C A 1 16 ? 16.311  -7.005  -6.058  1.00 1.00 ? 16 C A OP1   1 
ATOM 325  O OP2   . C A 1 16 ? 17.151  -6.741  -3.743  1.00 1.00 ? 16 C A OP2   1 
ATOM 326  O "O5'" . C A 1 16 ? 16.131  -4.699  -4.890  1.00 1.00 ? 16 C A "O5'" 1 
ATOM 327  C "C5'" . C A 1 16 ? 15.280  -4.046  -5.868  1.00 1.00 ? 16 C A "C5'" 1 
ATOM 328  C "C4'" . C A 1 16 ? 15.209  -2.587  -5.480  1.00 1.00 ? 16 C A "C4'" 1 
ATOM 329  O "O4'" . C A 1 16 ? 14.537  -2.482  -4.204  1.00 1.00 ? 16 C A "O4'" 1 
ATOM 330  C "C3'" . C A 1 16 ? 16.544  -1.893  -5.260  1.00 1.00 ? 16 C A "C3'" 1 
ATOM 331  O "O3'" . C A 1 16 ? 17.147  -1.414  -6.465  1.00 1.00 ? 16 C A "O3'" 1 
ATOM 332  C "C2'" . C A 1 16 ? 16.158  -0.764  -4.308  1.00 1.00 ? 16 C A "C2'" 1 
ATOM 333  O "O2'" . C A 1 16 ? 15.625  0.290   -5.098  1.00 1.00 ? 16 C A "O2'" 1 
ATOM 334  C "C1'" . C A 1 16 ? 15.078  -1.417  -3.459  1.00 1.00 ? 16 C A "C1'" 1 
ATOM 335  N N1    . C A 1 16 ? 15.696  -1.879  -2.195  1.00 1.00 ? 16 C A N1    1 
ATOM 336  C C2    . C A 1 16 ? 16.160  -0.902  -1.331  1.00 1.00 ? 16 C A C2    1 
ATOM 337  O O2    . C A 1 16 ? 16.070  0.289   -1.621  1.00 1.00 ? 16 C A O2    1 
ATOM 338  N N3    . C A 1 16 ? 16.722  -1.311  -0.154  1.00 1.00 ? 16 C A N3    1 
ATOM 339  C C4    . C A 1 16 ? 16.837  -2.629  0.168   1.00 1.00 ? 16 C A C4    1 
ATOM 340  N N4    . C A 1 16 ? 17.399  -2.964  1.333   1.00 1.00 ? 16 C A N4    1 
ATOM 341  C C5    . C A 1 16 ? 16.349  -3.621  -0.725  1.00 1.00 ? 16 C A C5    1 
ATOM 342  C C6    . C A 1 16 ? 15.796  -3.201  -1.873  1.00 1.00 ? 16 C A C6    1 
ATOM 343  P P     . G A 1 17 ? 18.734  -1.514  -6.716  1.00 1.00 ? 17 G A P     1 
ATOM 344  O OP1   . G A 1 17 ? 19.084  -1.030  -8.092  1.00 1.00 ? 17 G A OP1   1 
ATOM 345  O OP2   . G A 1 17 ? 19.013  -2.966  -6.552  1.00 1.00 ? 17 G A OP2   1 
ATOM 346  O "O5'" . G A 1 17 ? 19.368  -0.586  -5.592  1.00 1.00 ? 17 G A "O5'" 1 
ATOM 347  C "C5'" . G A 1 17 ? 19.641  0.812   -5.871  1.00 1.00 ? 17 G A "C5'" 1 
ATOM 348  C "C4'" . G A 1 17 ? 20.281  1.387   -4.631  1.00 1.00 ? 17 G A "C4'" 1 
ATOM 349  O "O4'" . G A 1 17 ? 19.567  0.907   -3.469  1.00 1.00 ? 17 G A "O4'" 1 
ATOM 350  C "C3'" . G A 1 17 ? 21.724  0.988   -4.372  1.00 1.00 ? 17 G A "C3'" 1 
ATOM 351  O "O3'" . G A 1 17 ? 22.678  1.768   -5.098  1.00 1.00 ? 17 G A "O3'" 1 
ATOM 352  C "C2'" . G A 1 17 ? 21.837  1.180   -2.863  1.00 1.00 ? 17 G A "C2'" 1 
ATOM 353  O "O2'" . G A 1 17 ? 22.056  2.563   -2.628  1.00 1.00 ? 17 G A "O2'" 1 
ATOM 354  C "C1'" . G A 1 17 ? 20.454  0.754   -2.388  1.00 1.00 ? 17 G A "C1'" 1 
ATOM 355  N N9    . G A 1 17 ? 20.540  -0.646  -1.922  1.00 1.00 ? 17 G A N9    1 
ATOM 356  C C8    . G A 1 17 ? 20.315  -1.792  -2.638  1.00 1.00 ? 17 G A C8    1 
ATOM 357  N N7    . G A 1 17 ? 20.488  -2.889  -1.946  1.00 1.00 ? 17 G A N7    1 
ATOM 358  C C5    . G A 1 17 ? 20.867  -2.432  -0.686  1.00 1.00 ? 17 G A C5    1 
ATOM 359  C C6    . G A 1 17 ? 21.199  -3.129  0.506   1.00 1.00 ? 17 G A C6    1 
ATOM 360  O O6    . G A 1 17 ? 21.219  -4.349  0.682   1.00 1.00 ? 17 G A O6    1 
ATOM 361  N N1    . G A 1 17 ? 21.527  -2.317  1.562   1.00 1.00 ? 17 G A N1    1 
ATOM 362  C C2    . G A 1 17 ? 21.529  -0.960  1.465   1.00 1.00 ? 17 G A C2    1 
ATOM 363  N N2    . G A 1 17 ? 21.815  -0.302  2.594   1.00 1.00 ? 17 G A N2    1 
ATOM 364  N N3    . G A 1 17 ? 21.293  -0.260  0.357   1.00 1.00 ? 17 G A N3    1 
ATOM 365  C C4    . G A 1 17 ? 20.910  -1.055  -0.662  1.00 1.00 ? 17 G A C4    1 
ATOM 366  P P     . C A 1 18 ? 24.009  1.097   -5.705  1.00 1.00 ? 18 C A P     1 
ATOM 367  O OP1   . C A 1 18 ? 24.595  1.956   -6.784  1.00 1.00 ? 18 C A OP1   1 
ATOM 368  O OP2   . C A 1 18 ? 23.525  -0.208  -6.229  1.00 1.00 ? 18 C A OP2   1 
ATOM 369  O "O5'" . C A 1 18 ? 24.994  0.981   -4.455  1.00 1.00 ? 18 C A "O5'" 1 
ATOM 370  C "C5'" . C A 1 18 ? 25.280  -0.311  -3.865  1.00 1.00 ? 18 C A "C5'" 1 
ATOM 371  C "C4'" . C A 1 18 ? 26.548  -0.175  -3.058  1.00 1.00 ? 18 C A "C4'" 1 
ATOM 372  O "O4'" . C A 1 18 ? 27.493  0.637   -3.790  1.00 1.00 ? 18 C A "O4'" 1 
ATOM 373  C "C3'" . C A 1 18 ? 26.425  0.515   -1.710  1.00 1.00 ? 18 C A "C3'" 1 
ATOM 374  O "O3'" . C A 1 18 ? 25.967  -0.345  -0.663  1.00 1.00 ? 18 C A "O3'" 1 
ATOM 375  C "C2'" . C A 1 18 ? 27.852  1.005   -1.481  1.00 1.00 ? 18 C A "C2'" 1 
ATOM 376  O "O2'" . C A 1 18 ? 28.598  -0.092  -0.974  1.00 1.00 ? 18 C A "O2'" 1 
ATOM 377  C "C1'" . C A 1 18 ? 28.295  1.367   -2.893  1.00 1.00 ? 18 C A "C1'" 1 
ATOM 378  N N1    . C A 1 18 ? 28.151  2.830   -3.063  1.00 1.00 ? 18 C A N1    1 
ATOM 379  C C2    . C A 1 18 ? 28.927  3.632   -2.241  1.00 1.00 ? 18 C A C2    1 
ATOM 380  O O2    . C A 1 18 ? 29.688  3.139   -1.410  1.00 1.00 ? 18 C A O2    1 
ATOM 381  N N3    . C A 1 18 ? 28.808  4.985   -2.383  1.00 1.00 ? 18 C A N3    1 
ATOM 382  C C4    . C A 1 18 ? 27.969  5.543   -3.297  1.00 1.00 ? 18 C A C4    1 
ATOM 383  N N4    . C A 1 18 ? 27.902  6.875   -3.383  1.00 1.00 ? 18 C A N4    1 
ATOM 384  C C5    . C A 1 18 ? 27.183  4.709   -4.138  1.00 1.00 ? 18 C A C5    1 
ATOM 385  C C6    . C A 1 18 ? 27.312  3.381   -3.984  1.00 1.00 ? 18 C A C6    1 
ATOM 386  P P     . A A 1 19 ? 24.959  0.184   0.474   1.00 1.00 ? 19 A A P     1 
ATOM 387  O OP1   . A A 1 19 ? 24.134  -0.947  1.015   1.00 1.00 ? 19 A A OP1   1 
ATOM 388  O OP2   . A A 1 19 ? 24.127  1.184   -0.246  1.00 1.00 ? 19 A A OP2   1 
ATOM 389  O "O5'" . A A 1 19 ? 25.910  0.795   1.593   1.00 1.00 ? 19 A A "O5'" 1 
ATOM 390  C "C5'" . A A 1 19 ? 26.575  -0.081  2.538   1.00 1.00 ? 19 A A "C5'" 1 
ATOM 391  C "C4'" . A A 1 19 ? 27.554  0.764   3.314   1.00 1.00 ? 19 A A "C4'" 1 
ATOM 392  O "O4'" . A A 1 19 ? 28.201  1.691   2.412   1.00 1.00 ? 19 A A "O4'" 1 
ATOM 393  C "C3'" . A A 1 19 ? 26.970  1.647   4.404   1.00 1.00 ? 19 A A "C3'" 1 
ATOM 394  O "O3'" . A A 1 19 ? 26.749  0.960   5.638   1.00 1.00 ? 19 A A "O3'" 1 
ATOM 395  C "C2'" . A A 1 19 ? 28.034  2.737   4.528   1.00 1.00 ? 19 A A "C2'" 1 
ATOM 396  O "O2'" . A A 1 19 ? 29.069  2.223   5.352   1.00 1.00 ? 19 A A "O2'" 1 
ATOM 397  C "C1'" . A A 1 19 ? 28.502  2.889   3.086   1.00 1.00 ? 19 A A "C1'" 1 
ATOM 398  N N9    . A A 1 19 ? 27.818  4.058   2.496   1.00 1.00 ? 19 A A N9    1 
ATOM 399  C C8    . A A 1 19 ? 26.936  4.084   1.447   1.00 1.00 ? 19 A A C8    1 
ATOM 400  N N7    . A A 1 19 ? 26.496  5.283   1.155   1.00 1.00 ? 19 A A N7    1 
ATOM 401  C C5    . A A 1 19 ? 27.138  6.103   2.079   1.00 1.00 ? 19 A A C5    1 
ATOM 402  C C6    . A A 1 19 ? 27.083  7.503   2.285   1.00 1.00 ? 19 A A C6    1 
ATOM 403  N N6    . A A 1 19 ? 26.343  8.333   1.563   1.00 1.00 ? 19 A A N6    1 
ATOM 404  N N1    . A A 1 19 ? 27.865  7.969   3.305   1.00 1.00 ? 19 A A N1    1 
ATOM 405  C C2    . A A 1 19 ? 28.631  7.134   4.057   1.00 1.00 ? 19 A A C2    1 
ATOM 406  N N3    . A A 1 19 ? 28.727  5.813   3.916   1.00 1.00 ? 19 A A N3    1 
ATOM 407  C C4    . A A 1 19 ? 27.953  5.363   2.907   1.00 1.00 ? 19 A A C4    1 
ATOM 408  P P     . A A 1 20 ? 25.464  1.250   6.559   1.00 1.00 ? 20 A A P     1 
ATOM 409  O OP1   . A A 1 20 ? 25.814  1.126   8.014   1.00 1.00 ? 20 A A OP1   1 
ATOM 410  O OP2   . A A 1 20 ? 24.496  0.204   6.133   1.00 1.00 ? 20 A A OP2   1 
ATOM 411  O "O5'" . A A 1 20 ? 25.032  2.736   6.192   1.00 1.00 ? 20 A A "O5'" 1 
ATOM 412  C "C5'" . A A 1 20 ? 25.081  3.787   7.190   1.00 1.00 ? 20 A A "C5'" 1 
ATOM 413  C "C4'" . A A 1 20 ? 24.283  4.953   6.659   1.00 1.00 ? 20 A A "C4'" 1 
ATOM 414  O "O4'" . A A 1 20 ? 24.480  5.048   5.229   1.00 1.00 ? 20 A A "O4'" 1 
ATOM 415  C "C3'" . A A 1 20 ? 22.776  4.870   6.826   1.00 1.00 ? 20 A A "C3'" 1 
ATOM 416  O "O3'" . A A 1 20 ? 22.317  5.285   8.116   1.00 1.00 ? 20 A A "O3'" 1 
ATOM 417  C "C2'" . A A 1 20 ? 22.286  5.788   5.709   1.00 1.00 ? 20 A A "C2'" 1 
ATOM 418  O "O2'" . A A 1 20 ? 22.383  7.122   6.185   1.00 1.00 ? 20 A A "O2'" 1 
ATOM 419  C "C1'" . A A 1 20 ? 23.306  5.519   4.610   1.00 1.00 ? 20 A A "C1'" 1 
ATOM 420  N N9    . A A 1 20 ? 22.727  4.520   3.687   1.00 1.00 ? 20 A A N9    1 
ATOM 421  C C8    . A A 1 20 ? 22.936  3.165   3.666   1.00 1.00 ? 20 A A C8    1 
ATOM 422  N N7    . A A 1 20 ? 22.274  2.543   2.720   1.00 1.00 ? 20 A A N7    1 
ATOM 423  C C5    . A A 1 20 ? 21.516  3.552   2.134   1.00 1.00 ? 20 A A C5    1 
ATOM 424  C C6    . A A 1 20 ? 20.591  3.519   1.062   1.00 1.00 ? 20 A A C6    1 
ATOM 425  N N6    . A A 1 20 ? 20.194  2.402   0.470   1.00 1.00 ? 20 A A N6    1 
ATOM 426  N N1    . A A 1 20 ? 20.053  4.729   0.726   1.00 1.00 ? 20 A A N1    1 
ATOM 427  C C2    . A A 1 20 ? 20.412  5.875   1.369   1.00 1.00 ? 20 A A C2    1 
ATOM 428  N N3    . A A 1 20 ? 21.280  5.973   2.374   1.00 1.00 ? 20 A A N3    1 
ATOM 429  C C4    . A A 1 20 ? 21.793  4.773   2.708   1.00 1.00 ? 20 A A C4    1 
ATOM 430  P P     . G A 1 21 ? 21.088  4.547   8.843   1.00 1.00 ? 21 G A P     1 
ATOM 431  O OP1   . G A 1 21 ? 20.990  5.251   10.150  1.00 1.00 ? 21 G A OP1   1 
ATOM 432  O OP2   . G A 1 21 ? 21.372  3.084   9.014   1.00 1.00 ? 21 G A OP2   1 
ATOM 433  O "O5'" . G A 1 21 ? 19.850  4.788   7.869   1.00 1.00 ? 21 G A "O5'" 1 
ATOM 434  C "C5'" . G A 1 21 ? 19.136  6.049   7.871   1.00 1.00 ? 21 G A "C5'" 1 
ATOM 435  C "C4'" . G A 1 21 ? 18.355  6.133   6.583   1.00 1.00 ? 21 G A "C4'" 1 
ATOM 436  O "O4'" . G A 1 21 ? 19.126  5.524   5.522   1.00 1.00 ? 21 G A "O4'" 1 
ATOM 437  C "C3'" . G A 1 21 ? 17.024  5.404   6.547   1.00 1.00 ? 21 G A "C3'" 1 
ATOM 438  O "O3'" . G A 1 21 ? 15.951  6.169   7.109   1.00 1.00 ? 21 G A "O3'" 1 
ATOM 439  C "C2'" . G A 1 21 ? 16.837  5.157   5.052   1.00 1.00 ? 21 G A "C2'" 1 
ATOM 440  O "O2'" . G A 1 21 ? 16.312  6.350   4.490   1.00 1.00 ? 21 G A "O2'" 1 
ATOM 441  C "C1'" . G A 1 21 ? 18.267  4.912   4.590   1.00 1.00 ? 21 G A "C1'" 1 
ATOM 442  N N9    . G A 1 21 ? 18.484  3.453   4.501   1.00 1.00 ? 21 G A N9    1 
ATOM 443  C C8    . G A 1 21 ? 19.224  2.657   5.335   1.00 1.00 ? 21 G A C8    1 
ATOM 444  N N7    . G A 1 21 ? 19.253  1.399   4.976   1.00 1.00 ? 21 G A N7    1 
ATOM 445  C C5    . G A 1 21 ? 18.485  1.367   3.815   1.00 1.00 ? 21 G A C5    1 
ATOM 446  C C6    . G A 1 21 ? 18.136  0.298   2.948   1.00 1.00 ? 21 G A C6    1 
ATOM 447  O O6    . G A 1 21 ? 18.460  -0.888  3.052   1.00 1.00 ? 21 G A O6    1 
ATOM 448  N N1    . G A 1 21 ? 17.351  0.664   1.884   1.00 1.00 ? 21 G A N1    1 
ATOM 449  C C2    . G A 1 21 ? 16.941  1.947   1.687   1.00 1.00 ? 21 G A C2    1 
ATOM 450  N N2    . G A 1 21 ? 16.174  2.138   0.607   1.00 1.00 ? 21 G A N2    1 
ATOM 451  N N3    . G A 1 21 ? 17.239  2.987   2.467   1.00 1.00 ? 21 G A N3    1 
ATOM 452  C C4    . G A 1 21 ? 18.013  2.625   3.509   1.00 1.00 ? 21 G A C4    1 
ATOM 453  P P     . G A 1 22 ? 14.732  5.434   7.849   1.00 1.00 ? 22 G A P     1 
ATOM 454  O OP1   . G A 1 22 ? 14.166  6.496   8.723   1.00 1.00 ? 22 G A OP1   1 
ATOM 455  O OP2   . G A 1 22 ? 15.215  4.254   8.638   1.00 1.00 ? 22 G A OP2   1 
ATOM 456  O "O5'" . G A 1 22 ? 13.770  4.979   6.660   1.00 1.00 ? 22 G A "O5'" 1 
ATOM 457  C "C5'" . G A 1 22 ? 12.904  5.934   5.998   1.00 1.00 ? 22 G A "C5'" 1 
ATOM 458  C "C4'" . G A 1 22 ? 12.501  5.331   4.672   1.00 1.00 ? 22 G A "C4'" 1 
ATOM 459  O "O4'" . G A 1 22 ? 13.665  4.721   4.070   1.00 1.00 ? 22 G A "O4'" 1 
ATOM 460  C "C3'" . G A 1 22 ? 11.472  4.215   4.729   1.00 1.00 ? 22 G A "C3'" 1 
ATOM 461  O "O3'" . G A 1 22 ? 10.125  4.700   4.754   1.00 1.00 ? 22 G A "O3'" 1 
ATOM 462  C "C2'" . G A 1 22 ? 11.778  3.431   3.454   1.00 1.00 ? 22 G A "C2'" 1 
ATOM 463  O "O2'" . G A 1 22 ? 11.114  4.091   2.386   1.00 1.00 ? 22 G A "O2'" 1 
ATOM 464  C "C1'" . G A 1 22 ? 13.287  3.577   3.339   1.00 1.00 ? 22 G A "C1'" 1 
ATOM 465  N N9    . G A 1 22 ? 13.930  2.349   3.849   1.00 1.00 ? 22 G A N9    1 
ATOM 466  C C8    . G A 1 22 ? 14.850  2.243   4.861   1.00 1.00 ? 22 G A C8    1 
ATOM 467  N N7    . G A 1 22 ? 15.317  1.031   5.026   1.00 1.00 ? 22 G A N7    1 
ATOM 468  C C5    . G A 1 22 ? 14.692  0.296   4.022   1.00 1.00 ? 22 G A C5    1 
ATOM 469  C C6    . G A 1 22 ? 14.781  -1.078  3.670   1.00 1.00 ? 22 G A C6    1 
ATOM 470  O O6    . G A 1 22 ? 15.470  -1.942  4.216   1.00 1.00 ? 22 G A O6    1 
ATOM 471  N N1    . G A 1 22 ? 14.008  -1.443  2.596   1.00 1.00 ? 22 G A N1    1 
ATOM 472  C C2    . G A 1 22 ? 13.212  -0.552  1.942   1.00 1.00 ? 22 G A C2    1 
ATOM 473  N N2    . G A 1 22 ? 12.502  -1.060  0.927   1.00 1.00 ? 22 G A N2    1 
ATOM 474  N N3    . G A 1 22 ? 13.093  0.746   2.227   1.00 1.00 ? 22 G A N3    1 
ATOM 475  C C4    . G A 1 22 ? 13.859  1.100   3.275   1.00 1.00 ? 22 G A C4    1 
ATOM 476  P P     . C A 1 23 ? 8.977   3.961   5.599   1.00 1.00 ? 23 C A P     1 
ATOM 477  O OP1   . C A 1 23 ? 8.061   5.072   5.979   1.00 1.00 ? 23 C A OP1   1 
ATOM 478  O OP2   . C A 1 23 ? 9.554   3.278   6.803   1.00 1.00 ? 23 C A OP2   1 
ATOM 479  O "O5'" . C A 1 23 ? 8.350   2.910   4.582   1.00 1.00 ? 23 C A "O5'" 1 
ATOM 480  C "C5'" . C A 1 23 ? 7.568   3.339   3.437   1.00 1.00 ? 23 C A "C5'" 1 
ATOM 481  C "C4'" . C A 1 23 ? 7.475   2.145   2.510   1.00 1.00 ? 23 C A "C4'" 1 
ATOM 482  O "O4'" . C A 1 23 ? 8.815   1.655   2.276   1.00 1.00 ? 23 C A "O4'" 1 
ATOM 483  C "C3'" . C A 1 23 ? 6.717   0.948   3.065   1.00 1.00 ? 23 C A "C3'" 1 
ATOM 484  O "O3'" . C A 1 23 ? 5.307   1.015   2.825   1.00 1.00 ? 23 C A "O3'" 1 
ATOM 485  C "C2'" . C A 1 23 ? 7.371   -0.219  2.328   1.00 1.00 ? 23 C A "C2'" 1 
ATOM 486  O "O2'" . C A 1 23 ? 6.731   -0.330  1.064   1.00 1.00 ? 23 C A "O2'" 1 
ATOM 487  C "C1'" . C A 1 23 ? 8.809   0.251   2.178   1.00 1.00 ? 23 C A "C1'" 1 
ATOM 488  N N1    . C A 1 23 ? 9.638   -0.376  3.231   1.00 1.00 ? 23 C A N1    1 
ATOM 489  C C2    . C A 1 23 ? 9.825   -1.747  3.154   1.00 1.00 ? 23 C A C2    1 
ATOM 490  O O2    . C A 1 23 ? 9.212   -2.413  2.323   1.00 1.00 ? 23 C A O2    1 
ATOM 491  N N3    . C A 1 23 ? 10.669  -2.329  4.059   1.00 1.00 ? 23 C A N3    1 
ATOM 492  C C4    . C A 1 23 ? 11.311  -1.594  5.011   1.00 1.00 ? 23 C A C4    1 
ATOM 493  N N4    . C A 1 23 ? 12.090  -2.215  5.900   1.00 1.00 ? 23 C A N4    1 
ATOM 494  C C5    . C A 1 23 ? 11.156  -0.182  5.044   1.00 1.00 ? 23 C A C5    1 
ATOM 495  C C6    . C A 1 23 ? 10.340  0.371   4.133   1.00 1.00 ? 23 C A C6    1 
ATOM 496  P P     . C A 1 24 ? 4.192   0.620   3.910   1.00 1.00 ? 24 C A P     1 
ATOM 497  O OP1   . C A 1 24 ? 3.169   1.693   3.753   1.00 1.00 ? 24 C A OP1   1 
ATOM 498  O OP2   . C A 1 24 ? 4.775   0.609   5.293   1.00 1.00 ? 24 C A OP2   1 
ATOM 499  O "O5'" . C A 1 24 ? 3.701   -0.827  3.476   1.00 1.00 ? 24 C A "O5'" 1 
ATOM 500  C "C5'" . C A 1 24 ? 2.679   -1.049  2.470   1.00 1.00 ? 24 C A "C5'" 1 
ATOM 501  C "C4'" . C A 1 24 ? 2.864   -2.476  1.985   1.00 1.00 ? 24 C A "C4'" 1 
ATOM 502  O "O4'" . C A 1 24 ? 4.268   -2.641  1.685   1.00 1.00 ? 24 C A "O4'" 1 
ATOM 503  C "C3'" . C A 1 24 ? 2.558   -3.547  3.022   1.00 1.00 ? 24 C A "C3'" 1 
ATOM 504  O "O3'" . C A 1 24 ? 1.189   -3.969  2.978   1.00 1.00 ? 24 C A "O3'" 1 
ATOM 505  C "C2'" . C A 1 24 ? 3.515   -4.670  2.632   1.00 1.00 ? 24 C A "C2'" 1 
ATOM 506  O "O2'" . C A 1 24 ? 2.884   -5.425  1.606   1.00 1.00 ? 24 C A "O2'" 1 
ATOM 507  C "C1'" . C A 1 24 ? 4.717   -3.910  2.099   1.00 1.00 ? 24 C A "C1'" 1 
ATOM 508  N N1    . C A 1 24 ? 5.726   -3.783  3.177   1.00 1.00 ? 24 C A N1    1 
ATOM 509  C C2    . C A 1 24 ? 6.374   -4.940  3.579   1.00 1.00 ? 24 C A C2    1 
ATOM 510  O O2    . C A 1 24 ? 6.006   -6.034  3.158   1.00 1.00 ? 24 C A O2    1 
ATOM 511  N N3    . C A 1 24 ? 7.375   -4.820  4.502   1.00 1.00 ? 24 C A N3    1 
ATOM 512  C C4    . C A 1 24 ? 7.752   -3.607  4.995   1.00 1.00 ? 24 C A C4    1 
ATOM 513  N N4    . C A 1 24 ? 8.722   -3.547  5.911   1.00 1.00 ? 24 C A N4    1 
ATOM 514  C C5    . C A 1 24 ? 7.118   -2.422  4.533   1.00 1.00 ? 24 C A C5    1 
ATOM 515  C C6    . C A 1 24 ? 6.139   -2.561  3.625   1.00 1.00 ? 24 C A C6    1 
ATOM 516  P P     . G A 1 25 ? 0.363   -4.380  4.287   1.00 1.00 ? 25 G A P     1 
ATOM 517  O OP1   . G A 1 25 ? -0.812  -3.466  4.257   1.00 1.00 ? 25 G A OP1   1 
ATOM 518  O OP2   . G A 1 25 ? 1.187   -4.182  5.526   1.00 1.00 ? 25 G A OP2   1 
ATOM 519  O "O5'" . G A 1 25 ? 0.009   -5.914  4.067   1.00 1.00 ? 25 G A "O5'" 1 
ATOM 520  C "C5'" . G A 1 25 ? -1.340  -6.354  3.758   1.00 1.00 ? 25 G A "C5'" 1 
ATOM 521  C "C4'" . G A 1 25 ? -1.357  -7.854  3.969   1.00 1.00 ? 25 G A "C4'" 1 
ATOM 522  O "O4'" . G A 1 25 ? -0.174  -8.402  3.345   1.00 1.00 ? 25 G A "O4'" 1 
ATOM 523  C "C3'" . G A 1 25 ? -1.265  -8.297  5.422   1.00 1.00 ? 25 G A "C3'" 1 
ATOM 524  O "O3'" . G A 1 25 ? -2.531  -8.370  6.087   1.00 1.00 ? 25 G A "O3'" 1 
ATOM 525  C "C2'" . G A 1 25 ? -0.595  -9.663  5.298   1.00 1.00 ? 25 G A "C2'" 1 
ATOM 526  O "O2'" . G A 1 25 ? -1.604  -10.601 4.956   1.00 1.00 ? 25 G A "O2'" 1 
ATOM 527  C "C1'" . G A 1 25 ? 0.365   -9.438  4.136   1.00 1.00 ? 25 G A "C1'" 1 
ATOM 528  N N9    . G A 1 25 ? 1.664   -9.011  4.715   1.00 1.00 ? 25 G A N9    1 
ATOM 529  C C8    . G A 1 25 ? 2.256   -7.782  4.566   1.00 1.00 ? 25 G A C8    1 
ATOM 530  N N7    . G A 1 25 ? 3.305   -7.609  5.329   1.00 1.00 ? 25 G A N7    1 
ATOM 531  C C5    . G A 1 25 ? 3.362   -8.777  6.086   1.00 1.00 ? 25 G A C5    1 
ATOM 532  C C6    . G A 1 25 ? 4.269   -9.199  7.093   1.00 1.00 ? 25 G A C6    1 
ATOM 533  O O6    . G A 1 25 ? 5.248   -8.575  7.510   1.00 1.00 ? 25 G A O6    1 
ATOM 534  N N1    . G A 1 25 ? 3.966   -10.416 7.653   1.00 1.00 ? 25 G A N1    1 
ATOM 535  C C2    . G A 1 25 ? 2.940   -11.188 7.201   1.00 1.00 ? 25 G A C2    1 
ATOM 536  N N2    . G A 1 25 ? 2.811   -12.372 7.815   1.00 1.00 ? 25 G A N2    1 
ATOM 537  N N3    . G A 1 25 ? 2.057   -10.840 6.265   1.00 1.00 ? 25 G A N3    1 
ATOM 538  C C4    . G A 1 25 ? 2.325   -9.623  5.752   1.00 1.00 ? 25 G A C4    1 
ATOM 539  P P     . A A 1 26 ? -2.755  -7.844  7.590   1.00 1.00 ? 26 A A P     1 
ATOM 540  O OP1   . A A 1 26 ? -4.161  -7.360  7.574   1.00 1.00 ? 26 A A OP1   1 
ATOM 541  O OP2   . A A 1 26 ? -1.789  -6.743  7.916   1.00 1.00 ? 26 A A OP2   1 
ATOM 542  O "O5'" . A A 1 26 ? -2.508  -9.120  8.510   1.00 1.00 ? 26 A A "O5'" 1 
ATOM 543  C "C5'" . A A 1 26 ? -3.480  -10.191 8.597   1.00 1.00 ? 26 A A "C5'" 1 
ATOM 544  C "C4'" . A A 1 26 ? -3.267  -10.922 9.899   1.00 1.00 ? 26 A A "C4'" 1 
ATOM 545  O "O4'" . A A 1 26 ? -1.879  -10.829 10.290  1.00 1.00 ? 26 A A "O4'" 1 
ATOM 546  C "C3'" . A A 1 26 ? -4.035  -10.399 11.101  1.00 1.00 ? 26 A A "C3'" 1 
ATOM 547  O "O3'" . A A 1 26 ? -5.382  -10.873 11.165  1.00 1.00 ? 26 A A "O3'" 1 
ATOM 548  C "C2'" . A A 1 26 ? -3.184  -10.906 12.263  1.00 1.00 ? 26 A A "C2'" 1 
ATOM 549  O "O2'" . A A 1 26 ? -3.542  -12.261 12.490  1.00 1.00 ? 26 A A "O2'" 1 
ATOM 550  C "C1'" . A A 1 26 ? -1.774  -10.797 11.695  1.00 1.00 ? 26 A A "C1'" 1 
ATOM 551  N N9    . A A 1 26 ? -1.180  -9.534  12.181  1.00 1.00 ? 26 A A N9    1 
ATOM 552  C C8    . A A 1 26 ? -0.773  -8.453  11.443  1.00 1.00 ? 26 A A C8    1 
ATOM 553  N N7    . A A 1 26 ? -0.365  -7.441  12.170  1.00 1.00 ? 26 A A N7    1 
ATOM 554  C C5    . A A 1 26 ? -0.456  -7.917  13.473  1.00 1.00 ? 26 A A C5    1 
ATOM 555  C C6    . A A 1 26 ? -0.152  -7.300  14.711  1.00 1.00 ? 26 A A C6    1 
ATOM 556  N N6    . A A 1 26 ? 0.425   -6.110  14.806  1.00 1.00 ? 26 A A N6    1 
ATOM 557  N N1    . A A 1 26 ? -0.416  -8.060  15.815  1.00 1.00 ? 26 A A N1    1 
ATOM 558  C C2    . A A 1 26 ? -0.959  -9.304  15.712  1.00 1.00 ? 26 A A C2    1 
ATOM 559  N N3    . A A 1 26 ? -1.273  -9.936  14.582  1.00 1.00 ? 26 A A N3    1 
ATOM 560  C C4    . A A 1 26 ? -0.998  -9.183  13.498  1.00 1.00 ? 26 A A C4    1 
ATOM 561  P P     . A A 1 27 ? -6.578  -9.941  11.695  1.00 1.00 ? 27 A A P     1 
ATOM 562  O OP1   . A A 1 27 ? -7.447  -10.887 12.446  1.00 1.00 ? 27 A A OP1   1 
ATOM 563  O OP2   . A A 1 27 ? -7.306  -9.300  10.550  1.00 1.00 ? 27 A A OP2   1 
ATOM 564  O "O5'" . A A 1 27 ? -5.859  -8.847  12.606  1.00 1.00 ? 27 A A "O5'" 1 
ATOM 565  C "C5'" . A A 1 27 ? -5.450  -7.579  12.026  1.00 1.00 ? 27 A A "C5'" 1 
ATOM 566  C "C4'" . A A 1 27 ? -5.223  -6.615  13.167  1.00 1.00 ? 27 A A "C4'" 1 
ATOM 567  O "O4'" . A A 1 27 ? -3.812  -6.307  13.241  1.00 1.00 ? 27 A A "O4'" 1 
ATOM 568  C "C3'" . A A 1 27 ? -5.895  -5.257  13.032  1.00 1.00 ? 27 A A "C3'" 1 
ATOM 569  O "O3'" . A A 1 27 ? -7.266  -5.230  13.429  1.00 1.00 ? 27 A A "O3'" 1 
ATOM 570  C "C2'" . A A 1 27 ? -5.009  -4.382  13.918  1.00 1.00 ? 27 A A "C2'" 1 
ATOM 571  O "O2'" . A A 1 27 ? -5.422  -4.588  15.261  1.00 1.00 ? 27 A A "O2'" 1 
ATOM 572  C "C1'" . A A 1 27 ? -3.629  -4.978  13.669  1.00 1.00 ? 27 A A "C1'" 1 
ATOM 573  N N9    . A A 1 27 ? -2.953  -4.146  12.652  1.00 1.00 ? 27 A A N9    1 
ATOM 574  C C8    . A A 1 27 ? -2.775  -4.416  11.320  1.00 1.00 ? 27 A A C8    1 
ATOM 575  N N7    . A A 1 27 ? -2.186  -3.451  10.658  1.00 1.00 ? 27 A A N7    1 
ATOM 576  C C5    . A A 1 27 ? -1.986  -2.466  11.621  1.00 1.00 ? 27 A A C5    1 
ATOM 577  C C6    . A A 1 27 ? -1.396  -1.182  11.536  1.00 1.00 ? 27 A A C6    1 
ATOM 578  N N6    . A A 1 27 ? -0.897  -0.663  10.423  1.00 1.00 ? 27 A A N6    1 
ATOM 579  N N1    . A A 1 27 ? -1.373  -0.478  12.708  1.00 1.00 ? 27 A A N1    1 
ATOM 580  C C2    . A A 1 27 ? -1.883  -0.991  13.861  1.00 1.00 ? 27 A A C2    1 
ATOM 581  N N3    . A A 1 27 ? -2.445  -2.189  14.008  1.00 1.00 ? 27 A A N3    1 
ATOM 582  C C4    . A A 1 27 ? -2.469  -2.873  12.846  1.00 1.00 ? 27 A A C4    1 
ATOM 583  P P     . A A 1 28 ? -8.402  -4.477  12.570  1.00 1.00 ? 28 A A P     1 
ATOM 584  O OP1   . A A 1 28 ? -9.710  -5.283  12.614  1.00 1.00 ? 28 A A OP1   1 
ATOM 585  O OP2   . A A 1 28 ? -7.805  -4.411  11.151  1.00 1.00 ? 28 A A OP2   1 
ATOM 586  O "O5'" . A A 1 28 ? -8.552  -3.007  13.307  1.00 1.00 ? 28 A A "O5'" 1 
ATOM 587  C "C5'" . A A 1 28 ? -9.834  -2.301  13.070  1.00 1.00 ? 28 A A "C5'" 1 
ATOM 588  C "C4'" . A A 1 28 ? -9.553  -0.817  13.066  1.00 1.00 ? 28 A A "C4'" 1 
ATOM 589  O "O4'" . A A 1 28 ? -8.389  -0.563  12.247  1.00 1.00 ? 28 A A "O4'" 1 
ATOM 590  C "C3'" . A A 1 28 ? -10.635 0.067   12.467  1.00 1.00 ? 28 A A "C3'" 1 
ATOM 591  O "O3'" . A A 1 28 ? -11.675 0.390   13.396  1.00 1.00 ? 28 A A "O3'" 1 
ATOM 592  C "C2'" . A A 1 28 ? -9.840  1.297   12.037  1.00 1.00 ? 28 A A "C2'" 1 
ATOM 593  O "O2'" . A A 1 28 ? -9.689  2.124   13.182  1.00 1.00 ? 28 A A "O2'" 1 
ATOM 594  C "C1'" . A A 1 28 ? -8.511  0.690   11.616  1.00 1.00 ? 28 A A "C1'" 1 
ATOM 595  N N9    . A A 1 28 ? -8.466  0.589   10.142  1.00 1.00 ? 28 A A N9    1 
ATOM 596  C C8    . A A 1 28 ? -8.242  -0.537  9.390   1.00 1.00 ? 28 A A C8    1 
ATOM 597  N N7    . A A 1 28 ? -8.115  -0.301  8.109   1.00 1.00 ? 28 A A N7    1 
ATOM 598  C C5    . A A 1 28 ? -8.204  1.085   8.018   1.00 1.00 ? 28 A A C5    1 
ATOM 599  C C6    . A A 1 28 ? -8.131  1.958   6.905   1.00 1.00 ? 28 A A C6    1 
ATOM 600  N N6    . A A 1 28 ? -7.972  1.547   5.654   1.00 1.00 ? 28 A A N6    1 
ATOM 601  N N1    . A A 1 28 ? -8.265  3.286   7.198   1.00 1.00 ? 28 A A N1    1 
ATOM 602  C C2    . A A 1 28 ? -8.444  3.718   8.478   1.00 1.00 ? 28 A A C2    1 
ATOM 603  N N3    . A A 1 28 ? -8.511  2.953   9.566   1.00 1.00 ? 28 A A N3    1 
ATOM 604  C C4    . A A 1 28 ? -8.384  1.645   9.265   1.00 1.00 ? 28 A A C4    1 
ATOM 605  P P     . C A 1 29 ? -13.207 0.526   12.934  1.00 1.00 ? 29 C A P     1 
ATOM 606  O OP1   . C A 1 29 ? -13.970 0.086   14.133  1.00 1.00 ? 29 C A OP1   1 
ATOM 607  O OP2   . C A 1 29 ? -13.487 -0.335  11.741  1.00 1.00 ? 29 C A OP2   1 
ATOM 608  O "O5'" . C A 1 29 ? -13.374 2.075   12.583  1.00 1.00 ? 29 C A "O5'" 1 
ATOM 609  C "C5'" . C A 1 29 ? -14.535 2.561   11.866  1.00 1.00 ? 29 C A "C5'" 1 
ATOM 610  C "C4'" . C A 1 29 ? -14.149 3.835   11.150  1.00 1.00 ? 29 C A "C4'" 1 
ATOM 611  O "O4'" . C A 1 29 ? -12.761 3.752   10.758  1.00 1.00 ? 29 C A "O4'" 1 
ATOM 612  C "C3'" . C A 1 29 ? -14.893 4.113   9.853   1.00 1.00 ? 29 C A "C3'" 1 
ATOM 613  O "O3'" . C A 1 29 ? -16.152 4.764   10.053  1.00 1.00 ? 29 C A "O3'" 1 
ATOM 614  C "C2'" . C A 1 29 ? -13.898 4.993   9.098   1.00 1.00 ? 29 C A "C2'" 1 
ATOM 615  O "O2'" . C A 1 29 ? -14.065 6.321   9.573   1.00 1.00 ? 29 C A "O2'" 1 
ATOM 616  C "C1'" . C A 1 29 ? -12.561 4.415   9.534   1.00 1.00 ? 29 C A "C1'" 1 
ATOM 617  N N1    . C A 1 29 ? -12.068 3.498   8.482   1.00 1.00 ? 29 C A N1    1 
ATOM 618  C C2    . C A 1 29 ? -11.905 4.027   7.211   1.00 1.00 ? 29 C A C2    1 
ATOM 619  O O2    . C A 1 29 ? -12.262 5.178   6.965   1.00 1.00 ? 29 C A O2    1 
ATOM 620  N N3    . C A 1 29 ? -11.402 3.208   6.240   1.00 1.00 ? 29 C A N3    1 
ATOM 621  C C4    . C A 1 29 ? -11.037 1.924   6.505   1.00 1.00 ? 29 C A C4    1 
ATOM 622  N N4    . C A 1 29 ? -10.548 1.164   5.521   1.00 1.00 ? 29 C A N4    1 
ATOM 623  C C5    . C A 1 29 ? -11.167 1.406   7.823   1.00 1.00 ? 29 C A C5    1 
ATOM 624  C C6    . C A 1 29 ? -11.666 2.225   8.762   1.00 1.00 ? 29 C A C6    1 
ATOM 625  P P     . U A 1 30 ? -17.456 4.402   9.188   1.00 1.00 ? 30 U A P     1 
ATOM 626  O OP1   . U A 1 30 ? -18.578 4.788   10.087  1.00 1.00 ? 30 U A OP1   1 
ATOM 627  O OP2   . U A 1 30 ? -17.487 2.939   8.858   1.00 1.00 ? 30 U A OP2   1 
ATOM 628  O "O5'" . U A 1 30 ? -17.325 5.292   7.879   1.00 1.00 ? 30 U A "O5'" 1 
ATOM 629  C "C5'" . U A 1 30 ? -17.941 6.605   7.812   1.00 1.00 ? 30 U A "C5'" 1 
ATOM 630  C "C4'" . U A 1 30 ? -17.620 7.154   6.439   1.00 1.00 ? 30 U A "C4'" 1 
ATOM 631  O "O4'" . U A 1 30 ? -16.205 6.975   6.200   1.00 1.00 ? 30 U A "O4'" 1 
ATOM 632  C "C3'" . U A 1 30 ? -18.294 6.443   5.276   1.00 1.00 ? 30 U A "C3'" 1 
ATOM 633  O "O3'" . U A 1 30 ? -19.609 6.932   4.997   1.00 1.00 ? 30 U A "O3'" 1 
ATOM 634  C "C2'" . U A 1 30 ? -17.318 6.709   4.131   1.00 1.00 ? 30 U A "C2'" 1 
ATOM 635  O "O2'" . U A 1 30 ? -17.603 8.005   3.625   1.00 1.00 ? 30 U A "O2'" 1 
ATOM 636  C "C1'" . U A 1 30 ? -15.974 6.678   4.843   1.00 1.00 ? 30 U A "C1'" 1 
ATOM 637  N N1    . U A 1 30 ? -15.388 5.329   4.673   1.00 1.00 ? 30 U A N1    1 
ATOM 638  C C2    . U A 1 30 ? -15.029 4.956   3.388   1.00 1.00 ? 30 U A C2    1 
ATOM 639  O O2    . U A 1 30 ? -15.218 5.710   2.437   1.00 1.00 ? 30 U A O2    1 
ATOM 640  N N3    . U A 1 30 ? -14.472 3.721   3.222   1.00 1.00 ? 30 U A N3    1 
ATOM 641  C C4    . U A 1 30 ? -14.255 2.871   4.266   1.00 1.00 ? 30 U A C4    1 
ATOM 642  O O4    . U A 1 30 ? -13.734 1.749   4.005   1.00 1.00 ? 30 U A O4    1 
ATOM 643  C C5    . U A 1 30 ? -14.623 3.277   5.581   1.00 1.00 ? 30 U A C5    1 
ATOM 644  C C6    . U A 1 30 ? -15.169 4.493   5.728   1.00 1.00 ? 30 U A C6    1 
ATOM 645  P P     . G A 1 31 ? -20.796 5.940   4.550   1.00 1.00 ? 31 G A P     1 
ATOM 646  O OP1   . G A 1 31 ? -22.023 6.659   4.985   1.00 1.00 ? 31 G A OP1   1 
ATOM 647  O OP2   . G A 1 31 ? -20.656 4.610   5.228   1.00 1.00 ? 31 G A OP2   1 
ATOM 648  O "O5'" . G A 1 31 ? -20.626 5.812   2.975   1.00 1.00 ? 31 G A "O5'" 1 
ATOM 649  C "C5'" . G A 1 31 ? -21.124 6.849   2.090   1.00 1.00 ? 31 G A "C5'" 1 
ATOM 650  C "C4'" . G A 1 31 ? -20.594 6.527   0.710   1.00 1.00 ? 31 G A "C4'" 1 
ATOM 651  O "O4'" . G A 1 31 ? -19.163 6.344   0.801   1.00 1.00 ? 31 G A "O4'" 1 
ATOM 652  C "C3'" . G A 1 31 ? -21.102 5.235   0.092   1.00 1.00 ? 31 G A "C3'" 1 
ATOM 653  O "O3'" . G A 1 31 ? -22.361 5.377   -0.573  1.00 1.00 ? 31 G A "O3'" 1 
ATOM 654  C "C2'" . G A 1 31 ? -19.972 4.878   -0.871  1.00 1.00 ? 31 G A "C2'" 1 
ATOM 655  O "O2'" . G A 1 31 ? -20.168 5.638   -2.053  1.00 1.00 ? 31 G A "O2'" 1 
ATOM 656  C "C1'" . G A 1 31 ? -18.743 5.353   -0.108  1.00 1.00 ? 31 G A "C1'" 1 
ATOM 657  N N9    . G A 1 31 ? -18.142 4.191   0.580   1.00 1.00 ? 31 G A N9    1 
ATOM 658  C C8    . G A 1 31 ? -18.000 3.992   1.928   1.00 1.00 ? 31 G A C8    1 
ATOM 659  N N7    . G A 1 31 ? -17.400 2.870   2.235   1.00 1.00 ? 31 G A N7    1 
ATOM 660  C C5    . G A 1 31 ? -17.115 2.296   0.999   1.00 1.00 ? 31 G A C5    1 
ATOM 661  C C6    . G A 1 31 ? -16.472 1.078   0.656   1.00 1.00 ? 31 G A C6    1 
ATOM 662  O O6    . G A 1 31 ? -16.009 0.233   1.427   1.00 1.00 ? 31 G A O6    1 
ATOM 663  N N1    . G A 1 31 ? -16.368 0.852   -0.693  1.00 1.00 ? 31 G A N1    1 
ATOM 664  C C2    . G A 1 31 ? -16.853 1.725   -1.618  1.00 1.00 ? 31 G A C2    1 
ATOM 665  N N2    . G A 1 31 ? -16.683 1.355   -2.893  1.00 1.00 ? 31 G A N2    1 
ATOM 666  N N3    . G A 1 31 ? -17.462 2.881   -1.351  1.00 1.00 ? 31 G A N3    1 
ATOM 667  C C4    . G A 1 31 ? -17.559 3.102   -0.025  1.00 1.00 ? 31 G A C4    1 
ATOM 668  P P     . C A 1 32 ? -23.474 4.216   -0.513  1.00 1.00 ? 32 C A P     1 
ATOM 669  O OP1   . C A 1 32 ? -24.748 4.954   -0.724  1.00 1.00 ? 32 C A OP1   1 
ATOM 670  O OP2   . C A 1 32 ? -23.444 3.521   0.816   1.00 1.00 ? 32 C A OP2   1 
ATOM 671  O "O5'" . C A 1 32 ? -23.075 3.231   -1.695  1.00 1.00 ? 32 C A "O5'" 1 
ATOM 672  C "C5'" . C A 1 32 ? -23.077 3.698   -3.069  1.00 1.00 ? 32 C A "C5'" 1 
ATOM 673  C "C4'" . C A 1 32 ? -22.484 2.586   -3.904  1.00 1.00 ? 32 C A "C4'" 1 
ATOM 674  O "O4'" . C A 1 32 ? -21.084 2.451   -3.569  1.00 1.00 ? 32 C A "O4'" 1 
ATOM 675  C "C3'" . C A 1 32 ? -23.062 1.201   -3.671  1.00 1.00 ? 32 C A "C3'" 1 
ATOM 676  O "O3'" . C A 1 32 ? -24.263 0.952   -4.406  1.00 1.00 ? 32 C A "O3'" 1 
ATOM 677  C "C2'" . C A 1 32 ? -21.909 0.300   -4.109  1.00 1.00 ? 32 C A "C2'" 1 
ATOM 678  O "O2'" . C A 1 32 ? -21.968 0.199   -5.524  1.00 1.00 ? 32 C A "O2'" 1 
ATOM 679  C "C1'" . C A 1 32 ? -20.694 1.100   -3.662  1.00 1.00 ? 32 C A "C1'" 1 
ATOM 680  N N1    . C A 1 32 ? -20.235 0.563   -2.363  1.00 1.00 ? 32 C A N1    1 
ATOM 681  C C2    . C A 1 32 ? -19.651 -0.693  -2.375  1.00 1.00 ? 32 C A C2    1 
ATOM 682  O O2    . C A 1 32 ? -19.555 -1.333  -3.420  1.00 1.00 ? 32 C A O2    1 
ATOM 683  N N3    . C A 1 32 ? -19.196 -1.194  -1.187  1.00 1.00 ? 32 C A N3    1 
ATOM 684  C C4    . C A 1 32 ? -19.310 -0.496  -0.023  1.00 1.00 ? 32 C A C4    1 
ATOM 685  N N4    . C A 1 32 ? -18.852 -1.040  1.107   1.00 1.00 ? 32 C A N4    1 
ATOM 686  C C5    . C A 1 32 ? -19.901 0.796   -0.026  1.00 1.00 ? 32 C A C5    1 
ATOM 687  C C6    . C A 1 32 ? -20.335 1.275   -1.203  1.00 1.00 ? 32 C A C6    1 
ATOM 688  P P     . C A 1 33 ? -25.471 0.098   -3.768  1.00 1.00 ? 33 C A P     1 
ATOM 689  O OP1   . C A 1 33 ? -26.679 0.694   -4.394  1.00 1.00 ? 33 C A OP1   1 
ATOM 690  O OP2   . C A 1 33 ? -25.486 0.233   -2.275  1.00 1.00 ? 33 C A OP2   1 
ATOM 691  O "O5'" . C A 1 33 ? -25.163 -1.399  -4.214  1.00 1.00 ? 33 C A "O5'" 1 
ATOM 692  C "C5'" . C A 1 33 ? -24.969 -1.721  -5.615  1.00 1.00 ? 33 C A "C5'" 1 
ATOM 693  C "C4'" . C A 1 33 ? -24.360 -3.102  -5.670  1.00 1.00 ? 33 C A "C4'" 1 
ATOM 694  O "O4'" . C A 1 33 ? -22.984 -3.020  -5.233  1.00 1.00 ? 33 C A "O4'" 1 
ATOM 695  C "C3'" . C A 1 33 ? -24.982 -4.142  -4.753  1.00 1.00 ? 33 C A "C3'" 1 
ATOM 696  O "O3'" . C A 1 33 ? -26.152 -4.759  -5.296  1.00 1.00 ? 33 C A "O3'" 1 
ATOM 697  C "C2'" . C A 1 33 ? -23.830 -5.127  -4.569  1.00 1.00 ? 33 C A "C2'" 1 
ATOM 698  O "O2'" . C A 1 33 ? -23.816 -5.977  -5.708  1.00 1.00 ? 33 C A "O2'" 1 
ATOM 699  C "C1'" . C A 1 33 ? -22.621 -4.202  -4.559  1.00 1.00 ? 33 C A "C1'" 1 
ATOM 700  N N1    . C A 1 33 ? -22.242 -3.952  -3.150  1.00 1.00 ? 33 C A N1    1 
ATOM 701  C C2    . C A 1 33 ? -21.657 -5.003  -2.465  1.00 1.00 ? 33 C A C2    1 
ATOM 702  O O2    . C A 1 33 ? -21.477 -6.090  -3.010  1.00 1.00 ? 33 C A O2    1 
ATOM 703  N N3    . C A 1 33 ? -21.290 -4.787  -1.166  1.00 1.00 ? 33 C A N3    1 
ATOM 704  C C4    . C A 1 33 ? -21.492 -3.590  -0.551  1.00 1.00 ? 33 C A C4    1 
ATOM 705  N N4    . C A 1 33 ? -21.112 -3.445  0.721   1.00 1.00 ? 33 C A N4    1 
ATOM 706  C C5    . C A 1 33 ? -22.090 -2.517  -1.267  1.00 1.00 ? 33 C A C5    1 
ATOM 707  C C6    . C A 1 33 ? -22.439 -2.746  -2.544  1.00 1.00 ? 33 C A C6    1 
ATOM 708  P P     . G A 1 34 ? -27.407 -5.129  -4.356  1.00 1.00 ? 34 G A P     1 
ATOM 709  O OP1   . G A 1 34 ? -28.515 -5.732  -5.166  1.00 1.00 ? 34 G A OP1   1 
ATOM 710  O OP2   . G A 1 34 ? -27.793 -3.818  -3.773  1.00 1.00 ? 34 G A OP2   1 
ATOM 711  O "O5'" . G A 1 34 ? -26.815 -6.171  -3.310  1.00 1.00 ? 34 G A "O5'" 1 
ATOM 712  C "C5'" . G A 1 34 ? -26.592 -7.549  -3.712  1.00 1.00 ? 34 G A "C5'" 1 
ATOM 713  C "C4'" . G A 1 34 ? -26.080 -8.279  -2.495  1.00 1.00 ? 34 G A "C4'" 1 
ATOM 714  O "O4'" . G A 1 34 ? -24.878 -7.625  -2.027  1.00 1.00 ? 34 G A "O4'" 1 
ATOM 715  C "C3'" . G A 1 34 ? -26.994 -8.291  -1.282  1.00 1.00 ? 34 G A "C3'" 1 
ATOM 716  O "O3'" . G A 1 34 ? -28.008 -9.298  -1.335  1.00 1.00 ? 34 G A "O3'" 1 
ATOM 717  C "C2'" . G A 1 34 ? -26.001 -8.516  -0.145  1.00 1.00 ? 34 G A "C2'" 1 
ATOM 718  O "O2'" . G A 1 34 ? -25.725 -9.909  -0.093  1.00 1.00 ? 34 G A "O2'" 1 
ATOM 719  C "C1'" . G A 1 34 ? -24.787 -7.732  -0.626  1.00 1.00 ? 34 G A "C1'" 1 
ATOM 720  N N9    . G A 1 34 ? -24.790 -6.417  0.046   1.00 1.00 ? 34 G A N9    1 
ATOM 721  C C8    . G A 1 34 ? -25.433 -5.269  -0.339  1.00 1.00 ? 34 G A C8    1 
ATOM 722  N N7    . G A 1 34 ? -25.244 -4.261  0.474   1.00 1.00 ? 34 G A N7    1 
ATOM 723  C C5    . G A 1 34 ? -24.423 -4.783  1.468   1.00 1.00 ? 34 G A C5    1 
ATOM 724  C C6    . G A 1 34 ? -23.867 -4.194  2.634   1.00 1.00 ? 34 G A C6    1 
ATOM 725  O O6    . G A 1 34 ? -24.004 -3.033  3.028   1.00 1.00 ? 34 G A O6    1 
ATOM 726  N N1    . G A 1 34 ? -23.093 -5.044  3.383   1.00 1.00 ? 34 G A N1    1 
ATOM 727  C C2    . G A 1 34 ? -22.880 -6.340  3.029   1.00 1.00 ? 34 G A C2    1 
ATOM 728  N N2    . G A 1 34 ? -22.059 -7.027  3.831   1.00 1.00 ? 34 G A N2    1 
ATOM 729  N N3    . G A 1 34 ? -23.423 -6.958  1.982   1.00 1.00 ? 34 G A N3    1 
ATOM 730  C C4    . G A 1 34 ? -24.138 -6.109  1.218   1.00 1.00 ? 34 G A C4    1 
ATOM 731  P P     . C A 1 35 ? -29.494 -9.011  -0.786  1.00 1.00 ? 35 C A P     1 
ATOM 732  O OP1   . C A 1 35 ? -30.461 -10.026 -1.317  1.00 1.00 ? 35 C A OP1   1 
ATOM 733  O OP2   . C A 1 35 ? -29.786 -7.644  -1.291  1.00 1.00 ? 35 C A OP2   1 
ATOM 734  O "O5'" . C A 1 35 ? -29.352 -9.116  0.798   1.00 1.00 ? 35 C A "O5'" 1 
ATOM 735  C "C5'" . C A 1 35 ? -29.540 -7.938  1.623   1.00 1.00 ? 35 C A "C5'" 1 
ATOM 736  C "C4'" . C A 1 35 ? -29.680 -8.413  3.049   1.00 1.00 ? 35 C A "C4'" 1 
ATOM 737  O "O4'" . C A 1 35 ? -30.636 -9.497  3.092   1.00 1.00 ? 35 C A "O4'" 1 
ATOM 738  C "C3'" . C A 1 35 ? -28.432 -8.991  3.693   1.00 1.00 ? 35 C A "C3'" 1 
ATOM 739  O "O3'" . C A 1 35 ? -27.544 -8.001  4.218   1.00 1.00 ? 35 C A "O3'" 1 
ATOM 740  C "C2'" . C A 1 35 ? -29.026 -9.882  4.783   1.00 1.00 ? 35 C A "C2'" 1 
ATOM 741  O "O2'" . C A 1 35 ? -29.342 -9.045  5.885   1.00 1.00 ? 35 C A "O2'" 1 
ATOM 742  C "C1'" . C A 1 35 ? -30.286 -10.407 4.108   1.00 1.00 ? 35 C A "C1'" 1 
ATOM 743  N N1    . C A 1 35 ? -30.003 -11.761 3.583   1.00 1.00 ? 35 C A N1    1 
ATOM 744  C C2    . C A 1 35 ? -29.644 -12.728 4.510   1.00 1.00 ? 35 C A C2    1 
ATOM 745  O O2    . C A 1 35 ? -29.558 -12.456 5.706   1.00 1.00 ? 35 C A O2    1 
ATOM 746  N N3    . C A 1 35 ? -29.379 -13.984 4.043   1.00 1.00 ? 35 C A N3    1 
ATOM 747  C C4    . C A 1 35 ? -29.467 -14.296 2.721   1.00 1.00 ? 35 C A C4    1 
ATOM 748  N N4    . C A 1 35 ? -29.196 -15.545 2.334   1.00 1.00 ? 35 C A N4    1 
ATOM 749  C C5    . C A 1 35 ? -29.843 -13.297 1.783   1.00 1.00 ? 35 C A C5    1 
ATOM 750  C C6    . C A 1 35 ? -30.098 -12.067 2.259   1.00 1.00 ? 35 C A C6    1 
ATOM 751  P P     . A A 1 36 ? -25.947 -8.178  4.114   1.00 1.00 ? 36 A A P     1 
ATOM 752  O OP1   . A A 1 36 ? -25.264 -6.843  4.121   1.00 1.00 ? 36 A A OP1   1 
ATOM 753  O OP2   . A A 1 36 ? -25.768 -8.887  2.819   1.00 1.00 ? 36 A A OP2   1 
ATOM 754  O "O5'" . A A 1 36 ? -25.564 -9.036  5.398   1.00 1.00 ? 36 A A "O5'" 1 
ATOM 755  C "C5'" . A A 1 36 ? -25.465 -8.392  6.694   1.00 1.00 ? 36 A A "C5'" 1 
ATOM 756  C "C4'" . A A 1 36 ? -25.191 -9.479  7.703   1.00 1.00 ? 36 A A "C4'" 1 
ATOM 757  O "O4'" . A A 1 36 ? -26.077 -10.592 7.449   1.00 1.00 ? 36 A A "O4'" 1 
ATOM 758  C "C3'" . A A 1 36 ? -23.801 -10.091 7.675   1.00 1.00 ? 36 A A "C3'" 1 
ATOM 759  O "O3'" . A A 1 36 ? -22.856 -9.278  8.371   1.00 1.00 ? 36 A A "O3'" 1 
ATOM 760  C "C2'" . A A 1 36 ? -24.052 -11.451 8.318   1.00 1.00 ? 36 A A "C2'" 1 
ATOM 761  O "O2'" . A A 1 36 ? -24.073 -11.257 9.725   1.00 1.00 ? 36 A A "O2'" 1 
ATOM 762  C "C1'" . A A 1 36 ? -25.439 -11.799 7.794   1.00 1.00 ? 36 A A "C1'" 1 
ATOM 763  N N9    . A A 1 36 ? -25.285 -12.708 6.638   1.00 1.00 ? 36 A A N9    1 
ATOM 764  C C8    . A A 1 36 ? -25.553 -12.454 5.319   1.00 1.00 ? 36 A A C8    1 
ATOM 765  N N7    . A A 1 36 ? -25.317 -13.469 4.526   1.00 1.00 ? 36 A A N7    1 
ATOM 766  C C5    . A A 1 36 ? -24.868 -14.464 5.388   1.00 1.00 ? 36 A A C5    1 
ATOM 767  C C6    . A A 1 36 ? -24.452 -15.796 5.147   1.00 1.00 ? 36 A A C6    1 
ATOM 768  N N6    . A A 1 36 ? -24.423 -16.361 3.947   1.00 1.00 ? 36 A A N6    1 
ATOM 769  N N1    . A A 1 36 ? -24.069 -16.493 6.259   1.00 1.00 ? 36 A A N1    1 
ATOM 770  C C2    . A A 1 36 ? -24.091 -15.932 7.498   1.00 1.00 ? 36 A A C2    1 
ATOM 771  N N3    . A A 1 36 ? -24.469 -14.689 7.792   1.00 1.00 ? 36 A A N3    1 
ATOM 772  C C4    . A A 1 36 ? -24.846 -14.010 6.690   1.00 1.00 ? 36 A A C4    1 
ATOM 773  P P     . A A 1 37 ? -21.495 -9.795  8.988   1.00 1.00 ? 37 A A P     1 
ATOM 774  O OP1   . A A 1 37 ? -21.685 -10.376 10.362  1.00 1.00 ? 37 A A OP1   1 
ATOM 775  O OP2   . A A 1 37 ? -20.635 -8.574  9.041   1.00 1.00 ? 37 A A OP2   1 
ATOM 776  O "O5'" . A A 1 37 ? -20.966 -10.904 7.973   1.00 1.00 ? 37 A A "O5'" 1 
ATOM 777  C "C5'" . A A 1 37 ? -20.166 -12.006 8.476   1.00 1.00 ? 37 A A "C5'" 1 
ATOM 778  C "C4'" . A A 1 37 ? -19.792 -12.857 7.289   1.00 1.00 ? 37 A A "C4'" 1 
ATOM 779  O "O4'" . A A 1 37 ? -20.932 -12.965 6.405   1.00 1.00 ? 37 A A "O4'" 1 
ATOM 780  C "C3'" . A A 1 37 ? -18.678 -12.330 6.401   1.00 1.00 ? 37 A A "C3'" 1 
ATOM 781  O "O3'" . A A 1 37 ? -17.366 -12.616 6.892   1.00 1.00 ? 37 A A "O3'" 1 
ATOM 782  C "C2'" . A A 1 37 ? -18.974 -13.035 5.078   1.00 1.00 ? 37 A A "C2'" 1 
ATOM 783  O "O2'" . A A 1 37 ? -18.441 -14.348 5.171   1.00 1.00 ? 37 A A "O2'" 1 
ATOM 784  C "C1'" . A A 1 37 ? -20.497 -13.060 5.069   1.00 1.00 ? 37 A A "C1'" 1 
ATOM 785  N N9    . A A 1 37 ? -20.970 -11.928 4.243   1.00 1.00 ? 37 A A N9    1 
ATOM 786  C C8    . A A 1 37 ? -21.356 -10.681 4.656   1.00 1.00 ? 37 A A C8    1 
ATOM 787  N N7    . A A 1 37 ? -21.729 -9.891  3.679   1.00 1.00 ? 37 A A N7    1 
ATOM 788  C C5    . A A 1 37 ? -21.510 -10.657 2.538   1.00 1.00 ? 37 A A C5    1 
ATOM 789  C C6    . A A 1 37 ? -21.714 -10.369 1.167   1.00 1.00 ? 37 A A C6    1 
ATOM 790  N N6    . A A 1 37 ? -22.096 -9.183  0.712   1.00 1.00 ? 37 A A N6    1 
ATOM 791  N N1    . A A 1 37 ? -21.413 -11.390 0.311   1.00 1.00 ? 37 A A N1    1 
ATOM 792  C C2    . A A 1 37 ? -20.976 -12.597 0.762   1.00 1.00 ? 37 A A C2    1 
ATOM 793  N N3    . A A 1 37 ? -20.770 -12.934 2.035   1.00 1.00 ? 37 A A N3    1 
ATOM 794  C C4    . A A 1 37 ? -21.059 -11.916 2.871   1.00 1.00 ? 37 A A C4    1 
ATOM 795  P P     . G A 1 38 ? -16.170 -11.552 6.731   1.00 1.00 ? 38 G A P     1 
ATOM 796  O OP1   . G A 1 38 ? -15.021 -12.227 7.390   1.00 1.00 ? 38 G A OP1   1 
ATOM 797  O OP2   . G A 1 38 ? -16.517 -10.255 7.395   1.00 1.00 ? 38 G A OP2   1 
ATOM 798  O "O5'" . G A 1 38 ? -16.014 -11.375 5.154   1.00 1.00 ? 38 G A "O5'" 1 
ATOM 799  C "C5'" . G A 1 38 ? -15.237 -12.320 4.376   1.00 1.00 ? 38 G A "C5'" 1 
ATOM 800  C "C4'" . G A 1 38 ? -15.639 -12.158 2.931   1.00 1.00 ? 38 G A "C4'" 1 
ATOM 801  O "O4'" . G A 1 38 ? -17.062 -11.911 2.862   1.00 1.00 ? 38 G A "O4'" 1 
ATOM 802  C "C3'" . G A 1 38 ? -15.018 -10.993 2.181   1.00 1.00 ? 38 G A "C3'" 1 
ATOM 803  O "O3'" . G A 1 38 ? -13.713 -11.280 1.667   1.00 1.00 ? 38 G A "O3'" 1 
ATOM 804  C "C2'" . G A 1 38 ? -16.038 -10.753 1.071   1.00 1.00 ? 38 G A "C2'" 1 
ATOM 805  O "O2'" . G A 1 38 ? -15.772 -11.694 0.041   1.00 1.00 ? 38 G A "O2'" 1 
ATOM 806  C "C1'" . G A 1 38 ? -17.351 -11.064 1.775   1.00 1.00 ? 38 G A "C1'" 1 
ATOM 807  N N9    . G A 1 38 ? -17.964 -9.789  2.202   1.00 1.00 ? 38 G A N9    1 
ATOM 808  C C8    . G A 1 38 ? -18.086 -9.293  3.474   1.00 1.00 ? 38 G A C8    1 
ATOM 809  N N7    . G A 1 38 ? -18.691 -8.134  3.531   1.00 1.00 ? 38 G A N7    1 
ATOM 810  C C5    . G A 1 38 ? -18.993 -7.848  2.202   1.00 1.00 ? 38 G A C5    1 
ATOM 811  C C6    . G A 1 38 ? -19.647 -6.740  1.605   1.00 1.00 ? 38 G A C6    1 
ATOM 812  O O6    . G A 1 38 ? -20.108 -5.746  2.172   1.00 1.00 ? 38 G A O6    1 
ATOM 813  N N1    . G A 1 38 ? -19.762 -6.819  0.241   1.00 1.00 ? 38 G A N1    1 
ATOM 814  C C2    . G A 1 38 ? -19.284 -7.874  -0.474  1.00 1.00 ? 38 G A C2    1 
ATOM 815  N N2    . G A 1 38 ? -19.472 -7.796  -1.796  1.00 1.00 ? 38 G A N2    1 
ATOM 816  N N3    . G A 1 38 ? -18.664 -8.938  0.036   1.00 1.00 ? 38 G A N3    1 
ATOM 817  C C4    . G A 1 38 ? -18.553 -8.860  1.376   1.00 1.00 ? 38 G A C4    1 
ATOM 818  P P     . G A 1 39 ? -12.587 -10.135 1.599   1.00 1.00 ? 39 G A P     1 
ATOM 819  O OP1   . G A 1 39 ? -11.314 -10.902 1.613   1.00 1.00 ? 39 G A OP1   1 
ATOM 820  O OP2   . G A 1 39 ? -12.697 -9.207  2.772   1.00 1.00 ? 39 G A OP2   1 
ATOM 821  O "O5'" . G A 1 39 ? -12.885 -9.375  0.230   1.00 1.00 ? 39 G A "O5'" 1 
ATOM 822  C "C5'" . G A 1 39 ? -12.381 -9.894  -1.028  1.00 1.00 ? 39 G A "C5'" 1 
ATOM 823  C "C4'" . G A 1 39 ? -13.146 -9.207  -2.132  1.00 1.00 ? 39 G A "C4'" 1 
ATOM 824  O "O4'" . G A 1 39 ? -14.545 -9.155  -1.768  1.00 1.00 ? 39 G A "O4'" 1 
ATOM 825  C "C3'" . G A 1 39 ? -12.773 -7.759  -2.407  1.00 1.00 ? 39 G A "C3'" 1 
ATOM 826  O "O3'" . G A 1 39 ? -11.645 -7.619  -3.276  1.00 1.00 ? 39 G A "O3'" 1 
ATOM 827  C "C2'" . G A 1 39 ? -14.056 -7.215  -3.032  1.00 1.00 ? 39 G A "C2'" 1 
ATOM 828  O "O2'" . G A 1 39 ? -14.043 -7.575  -4.405  1.00 1.00 ? 39 G A "O2'" 1 
ATOM 829  C "C1'" . G A 1 39 ? -15.131 -7.978  -2.272  1.00 1.00 ? 39 G A "C1'" 1 
ATOM 830  N N9    . G A 1 39 ? -15.658 -7.110  -1.199  1.00 1.00 ? 39 G A N9    1 
ATOM 831  C C8    . G A 1 39 ? -15.651 -7.344  0.152   1.00 1.00 ? 39 G A C8    1 
ATOM 832  N N7    . G A 1 39 ? -16.228 -6.400  0.853   1.00 1.00 ? 39 G A N7    1 
ATOM 833  C C5    . G A 1 39 ? -16.663 -5.490  -0.108  1.00 1.00 ? 39 G A C5    1 
ATOM 834  C C6    . G A 1 39 ? -17.358 -4.259  0.012   1.00 1.00 ? 39 G A C6    1 
ATOM 835  O O6    . G A 1 39 ? -17.742 -3.715  1.050   1.00 1.00 ? 39 G A O6    1 
ATOM 836  N N1    . G A 1 39 ? -17.619 -3.636  -1.182  1.00 1.00 ? 39 G A N1    1 
ATOM 837  C C2    . G A 1 39 ? -17.233 -4.163  -2.378  1.00 1.00 ? 39 G A C2    1 
ATOM 838  N N2    . G A 1 39 ? -17.556 -3.430  -3.450  1.00 1.00 ? 39 G A N2    1 
ATOM 839  N N3    . G A 1 39 ? -16.581 -5.312  -2.547  1.00 1.00 ? 39 G A N3    1 
ATOM 840  C C4    . G A 1 39 ? -16.329 -5.923  -1.372  1.00 1.00 ? 39 G A C4    1 
ATOM 841  P P     . C A 1 40 ? -10.544 -6.469  -3.058  1.00 1.00 ? 40 C A P     1 
ATOM 842  O OP1   . C A 1 40 ? -9.316  -7.055  -3.663  1.00 1.00 ? 40 C A OP1   1 
ATOM 843  O OP2   . C A 1 40 ? -10.360 -6.179  -1.597  1.00 1.00 ? 40 C A OP2   1 
ATOM 844  O "O5'" . C A 1 40 ? -11.123 -5.208  -3.832  1.00 1.00 ? 40 C A "O5'" 1 
ATOM 845  C "C5'" . C A 1 40 ? -10.830 -5.001  -5.238  1.00 1.00 ? 40 C A "C5'" 1 
ATOM 846  C "C4'" . C A 1 40 ? -11.681 -3.835  -5.687  1.00 1.00 ? 40 C A "C4'" 1 
ATOM 847  O "O4'" . C A 1 40 ? -13.018 -4.018  -5.170  1.00 1.00 ? 40 C A "O4'" 1 
ATOM 848  C "C3'" . C A 1 40 ? -11.257 -2.468  -5.170  1.00 1.00 ? 40 C A "C3'" 1 
ATOM 849  O "O3'" . C A 1 40 ? -10.247 -1.847  -5.971  1.00 1.00 ? 40 C A "O3'" 1 
ATOM 850  C "C2'" . C A 1 40 ? -12.573 -1.695  -5.196  1.00 1.00 ? 40 C A "C2'" 1 
ATOM 851  O "O2'" . C A 1 40 ? -12.763 -1.231  -6.525  1.00 1.00 ? 40 C A "O2'" 1 
ATOM 852  C "C1'" . C A 1 40 ? -13.587 -2.773  -4.839  1.00 1.00 ? 40 C A "C1'" 1 
ATOM 853  N N1    . C A 1 40 ? -13.889 -2.673  -3.393  1.00 1.00 ? 40 C A N1    1 
ATOM 854  C C2    . C A 1 40 ? -14.476 -1.499  -2.953  1.00 1.00 ? 40 C A C2    1 
ATOM 855  O O2    . C A 1 40 ? -14.692 -0.573  -3.732  1.00 1.00 ? 40 C A O2    1 
ATOM 856  N N3    . C A 1 40 ? -14.788 -1.404  -1.626  1.00 1.00 ? 40 C A N3    1 
ATOM 857  C C4    . C A 1 40 ? -14.537 -2.420  -0.755  1.00 1.00 ? 40 C A C4    1 
ATOM 858  N N4    . C A 1 40 ? -14.859 -2.268  0.533   1.00 1.00 ? 40 C A N4    1 
ATOM 859  C C5    . C A 1 40 ? -13.949 -3.627  -1.223  1.00 1.00 ? 40 C A C5    1 
ATOM 860  C C6    . C A 1 40 ? -13.655 -3.704  -2.531  1.00 1.00 ? 40 C A C6    1 
ATOM 861  P P     . A A 1 41 ? -9.046  -0.997  -5.322  1.00 1.00 ? 41 A A P     1 
ATOM 862  O OP1   . A A 1 41 ? -7.947  -1.149  -6.313  1.00 1.00 ? 41 A A OP1   1 
ATOM 863  O OP2   . A A 1 41 ? -8.667  -1.556  -3.981  1.00 1.00 ? 41 A A OP2   1 
ATOM 864  O "O5'" . A A 1 41 ? -9.624  0.477   -5.192  1.00 1.00 ? 41 A A "O5'" 1 
ATOM 865  C "C5'" . A A 1 41 ? -9.505  1.427   -6.281  1.00 1.00 ? 41 A A "C5'" 1 
ATOM 866  C "C4'" . A A 1 41 ? -10.373 2.611   -5.915  1.00 1.00 ? 41 A A "C4'" 1 
ATOM 867  O "O4'" . A A 1 41 ? -11.635 2.111   -5.418  1.00 1.00 ? 41 A A "O4'" 1 
ATOM 868  C "C3'" . A A 1 41 ? -9.846  3.494   -4.794  1.00 1.00 ? 41 A A "C3'" 1 
ATOM 869  O "O3'" . A A 1 41 ? -8.929  4.496   -5.243  1.00 1.00 ? 41 A A "O3'" 1 
ATOM 870  C "C2'" . A A 1 41 ? -11.132 4.092   -4.231  1.00 1.00 ? 41 A A "C2'" 1 
ATOM 871  O "O2'" . A A 1 41 ? -11.487 5.188   -5.061  1.00 1.00 ? 41 A A "O2'" 1 
ATOM 872  C "C1'" . A A 1 41 ? -12.116 2.941   -4.388  1.00 1.00 ? 41 A A "C1'" 1 
ATOM 873  N N9    . A A 1 41 ? -12.196 2.222   -3.098  1.00 1.00 ? 41 A A N9    1 
ATOM 874  C C8    . A A 1 41 ? -11.831 0.929   -2.831  1.00 1.00 ? 41 A A C8    1 
ATOM 875  N N7    . A A 1 41 ? -12.015 0.574   -1.584  1.00 1.00 ? 41 A A N7    1 
ATOM 876  C C5    . A A 1 41 ? -12.535 1.719   -0.988  1.00 1.00 ? 41 A A C5    1 
ATOM 877  C C6    . A A 1 41 ? -12.940 1.981   0.343   1.00 1.00 ? 41 A A C6    1 
ATOM 878  N N6    . A A 1 41 ? -12.885 1.089   1.321   1.00 1.00 ? 41 A A N6    1 
ATOM 879  N N1    . A A 1 41 ? -13.411 3.244   0.565   1.00 1.00 ? 41 A A N1    1 
ATOM 880  C C2    . A A 1 41 ? -13.476 4.170   -0.430  1.00 1.00 ? 41 A A C2    1 
ATOM 881  N N3    . A A 1 41 ? -13.112 3.990   -1.698  1.00 1.00 ? 41 A A N3    1 
ATOM 882  C C4    . A A 1 41 ? -12.649 2.741   -1.908  1.00 1.00 ? 41 A A C4    1 
ATOM 883  P P     . G A 1 42 ? -7.643  4.913   -4.371  1.00 1.00 ? 42 G A P     1 
ATOM 884  O OP1   . G A 1 42 ? -6.747  5.552   -5.372  1.00 1.00 ? 42 G A OP1   1 
ATOM 885  O OP2   . G A 1 42 ? -7.010  3.704   -3.750  1.00 1.00 ? 42 G A OP2   1 
ATOM 886  O "O5'" . G A 1 42 ? -8.214  5.904   -3.267  1.00 1.00 ? 42 G A "O5'" 1 
ATOM 887  C "C5'" . G A 1 42 ? -8.242  7.335   -3.506  1.00 1.00 ? 42 G A "C5'" 1 
ATOM 888  C "C4'" . G A 1 42 ? -8.962  7.956   -2.333  1.00 1.00 ? 42 G A "C4'" 1 
ATOM 889  O "O4'" . G A 1 42 ? -10.117 7.146   -2.016  1.00 1.00 ? 42 G A "O4'" 1 
ATOM 890  C "C3'" . G A 1 42 ? -8.182  8.029   -1.032  1.00 1.00 ? 42 G A "C3'" 1 
ATOM 891  O "O3'" . G A 1 42 ? -7.333  9.179   -0.947  1.00 1.00 ? 42 G A "O3'" 1 
ATOM 892  C "C2'" . G A 1 42 ? -9.298  8.054   0.009   1.00 1.00 ? 42 G A "C2'" 1 
ATOM 893  O "O2'" . G A 1 42 ? -9.760  9.394   0.101   1.00 1.00 ? 42 G A "O2'" 1 
ATOM 894  C "C1'" . G A 1 42 ? -10.346 7.152   -0.625  1.00 1.00 ? 42 G A "C1'" 1 
ATOM 895  N N9    . G A 1 42 ? -10.217 5.801   -0.040  1.00 1.00 ? 42 G A N9    1 
ATOM 896  C C8    . G A 1 42 ? -9.908  4.631   -0.685  1.00 1.00 ? 42 G A C8    1 
ATOM 897  N N7    . G A 1 42 ? -9.902  3.583   0.099   1.00 1.00 ? 42 G A N7    1 
ATOM 898  C C5    . G A 1 42 ? -10.248 4.097   1.345   1.00 1.00 ? 42 G A C5    1 
ATOM 899  C C6    . G A 1 42 ? -10.413 3.469   2.608   1.00 1.00 ? 42 G A C6    1 
ATOM 900  O O6    . G A 1 42 ? -10.274 2.271   2.865   1.00 1.00 ? 42 G A O6    1 
ATOM 901  N N1    . G A 1 42 ? -10.773 4.317   3.624   1.00 1.00 ? 42 G A N1    1 
ATOM 902  C C2    . G A 1 42 ? -10.939 5.654   3.426   1.00 1.00 ? 42 G A C2    1 
ATOM 903  N N2    . G A 1 42 ? -11.273 6.357   4.516   1.00 1.00 ? 42 G A N2    1 
ATOM 904  N N3    . G A 1 42 ? -10.801 6.295   2.265   1.00 1.00 ? 42 G A N3    1 
ATOM 905  C C4    . G A 1 42 ? -10.455 5.457   1.269   1.00 1.00 ? 42 G A C4    1 
ATOM 906  P P     . U A 1 43 ? -5.912  9.103   -0.199  1.00 1.00 ? 43 U A P     1 
ATOM 907  O OP1   . U A 1 43 ? -5.147  10.226  -0.805  1.00 1.00 ? 43 U A OP1   1 
ATOM 908  O OP2   . U A 1 43 ? -5.251  7.780   -0.446  1.00 1.00 ? 43 U A OP2   1 
ATOM 909  O "O5'" . U A 1 43 ? -6.268  9.299   1.338   1.00 1.00 ? 43 U A "O5'" 1 
ATOM 910  C "C5'" . U A 1 43 ? -6.294  10.628  1.921   1.00 1.00 ? 43 U A "C5'" 1 
ATOM 911  C "C4'" . U A 1 43 ? -6.631  10.447  3.383   1.00 1.00 ? 43 U A "C4'" 1 
ATOM 912  O "O4'" . U A 1 43 ? -7.792  9.590   3.484   1.00 1.00 ? 43 U A "O4'" 1 
ATOM 913  C "C3'" . U A 1 43 ? -5.576  9.758   4.229   1.00 1.00 ? 43 U A "C3'" 1 
ATOM 914  O "O3'" . U A 1 43 ? -4.592  10.691  4.685   1.00 1.00 ? 43 U A "O3'" 1 
ATOM 915  C "C2'" . U A 1 43 ? -6.414  9.167   5.359   1.00 1.00 ? 43 U A "C2'" 1 
ATOM 916  O "O2'" . U A 1 43 ? -6.653  10.208  6.296   1.00 1.00 ? 43 U A "O2'" 1 
ATOM 917  C "C1'" . U A 1 43 ? -7.697  8.782   4.635   1.00 1.00 ? 43 U A "C1'" 1 
ATOM 918  N N1    . U A 1 43 ? -7.624  7.346   4.282   1.00 1.00 ? 43 U A N1    1 
ATOM 919  C C2    . U A 1 43 ? -7.870  6.433   5.294   1.00 1.00 ? 43 U A C2    1 
ATOM 920  O O2    . U A 1 43 ? -8.060  6.809   6.448   1.00 1.00 ? 43 U A O2    1 
ATOM 921  N N3    . U A 1 43 ? -7.856  5.106   4.969   1.00 1.00 ? 43 U A N3    1 
ATOM 922  C C4    . U A 1 43 ? -7.646  4.673   3.693   1.00 1.00 ? 43 U A C4    1 
ATOM 923  O O4    . U A 1 43 ? -7.662  3.427   3.484   1.00 1.00 ? 43 U A O4    1 
ATOM 924  C C5    . U A 1 43 ? -7.429  5.629   2.658   1.00 1.00 ? 43 U A C5    1 
ATOM 925  C C6    . U A 1 43 ? -7.443  6.927   2.996   1.00 1.00 ? 43 U A C6    1 
ATOM 926  P P     . C A 1 44 ? -3.457  10.269  5.699   1.00 1.00 ? 44 C A P     1 
ATOM 927  O OP1   . C A 1 44 ? -4.177  9.595   6.815   1.00 1.00 ? 44 C A OP1   1 
ATOM 928  O OP2   . C A 1 44 ? -2.680  11.459  6.195   1.00 1.00 ? 44 C A OP2   1 
ATOM 929  O "O5'" . C A 1 44 ? -2.498  9.285   4.876   1.00 1.00 ? 44 C A "O5'" 1 
ATOM 930  C "C5'" . C A 1 44 ? -1.118  9.637   4.602   1.00 1.00 ? 44 C A "C5'" 1 
ATOM 931  C "C4'" . C A 1 44 ? -0.348  8.348   4.423   1.00 1.00 ? 44 C A "C4'" 1 
ATOM 932  O "O4'" . C A 1 44 ? -0.642  7.483   5.544   1.00 1.00 ? 44 C A "O4'" 1 
ATOM 933  C "C3'" . C A 1 44 ? -0.712  7.521   3.200   1.00 1.00 ? 44 C A "C3'" 1 
ATOM 934  O "O3'" . C A 1 44 ? -0.013  7.934   2.023   1.00 1.00 ? 44 C A "O3'" 1 
ATOM 935  C "C2'" . C A 1 44 ? -0.326  6.110   3.644   1.00 1.00 ? 44 C A "C2'" 1 
ATOM 936  O "O2'" . C A 1 44 ? 1.072   5.970   3.431   1.00 1.00 ? 44 C A "O2'" 1 
ATOM 937  C "C1'" . C A 1 44 ? -0.659  6.138   5.126   1.00 1.00 ? 44 C A "C1'" 1 
ATOM 938  N N1    . C A 1 44 ? -1.978  5.507   5.355   1.00 1.00 ? 44 C A N1    1 
ATOM 939  C C2    . C A 1 44 ? -2.238  5.093   6.655   1.00 1.00 ? 44 C A C2    1 
ATOM 940  O O2    . C A 1 44 ? -1.366  5.140   7.521   1.00 1.00 ? 44 C A O2    1 
ATOM 941  N N3    . C A 1 44 ? -3.479  4.589   6.927   1.00 1.00 ? 44 C A N3    1 
ATOM 942  C C4    . C A 1 44 ? -4.456  4.533   5.981   1.00 1.00 ? 44 C A C4    1 
ATOM 943  N N4    . C A 1 44 ? -5.648  4.031   6.316   1.00 1.00 ? 44 C A N4    1 
ATOM 944  C C5    . C A 1 44 ? -4.196  5.011   4.668   1.00 1.00 ? 44 C A C5    1 
ATOM 945  C C6    . C A 1 44 ? -2.978  5.517   4.426   1.00 1.00 ? 44 C A C6    1 
ATOM 946  P P     . A A 1 45 ? -0.695  7.911   0.569   1.00 1.00 ? 45 A A P     1 
ATOM 947  O OP1   . A A 1 45 ? -1.035  9.303   0.116   1.00 1.00 ? 45 A A OP1   1 
ATOM 948  O OP2   . A A 1 45 ? -1.916  7.079   0.775   1.00 1.00 ? 45 A A OP2   1 
ATOM 949  O "O5'" . A A 1 45 ? 0.416   7.247   -0.356  1.00 1.00 ? 45 A A "O5'" 1 
ATOM 950  C "C5'" . A A 1 45 ? 0.583   7.637   -1.749  1.00 1.00 ? 45 A A "C5'" 1 
ATOM 951  C "C4'" . A A 1 45 ? 1.550   6.650   -2.348  1.00 1.00 ? 45 A A "C4'" 1 
ATOM 952  O "O4'" . A A 1 45 ? 0.907   5.912   -3.412  1.00 1.00 ? 45 A A "O4'" 1 
ATOM 953  C "C3'" . A A 1 45 ? 2.811   7.195   -2.988  1.00 1.00 ? 45 A A "C3'" 1 
ATOM 954  O "O3'" . A A 1 45 ? 3.823   7.536   -2.036  1.00 1.00 ? 45 A A "O3'" 1 
ATOM 955  C "C2'" . A A 1 45 ? 3.225   6.031   -3.889  1.00 1.00 ? 45 A A "C2'" 1 
ATOM 956  O "O2'" . A A 1 45 ? 3.911   5.091   -3.075  1.00 1.00 ? 45 A A "O2'" 1 
ATOM 957  C "C1'" . A A 1 45 ? 1.875   5.489   -4.339  1.00 1.00 ? 45 A A "C1'" 1 
ATOM 958  N N9    . A A 1 45 ? 1.624   5.931   -5.724  1.00 1.00 ? 45 A A N9    1 
ATOM 959  C C8    . A A 1 45 ? 0.695   6.823   -6.189  1.00 1.00 ? 45 A A C8    1 
ATOM 960  N N7    . A A 1 45 ? 0.697   6.960   -7.493  1.00 1.00 ? 45 A A N7    1 
ATOM 961  C C5    . A A 1 45 ? 1.692   6.084   -7.916  1.00 1.00 ? 45 A A C5    1 
ATOM 962  C C6    . A A 1 45 ? 2.179   5.770   -9.207  1.00 1.00 ? 45 A A C6    1 
ATOM 963  N N6    . A A 1 45 ? 1.727   6.308   -10.332 1.00 1.00 ? 45 A A N6    1 
ATOM 964  N N1    . A A 1 45 ? 3.192   4.853   -9.234  1.00 1.00 ? 45 A A N1    1 
ATOM 965  C C2    . A A 1 45 ? 3.667   4.272   -8.101  1.00 1.00 ? 45 A A C2    1 
ATOM 966  N N3    . A A 1 45 ? 3.257   4.526   -6.860  1.00 1.00 ? 45 A A N3    1 
ATOM 967  C C4    . A A 1 45 ? 2.264   5.440   -6.841  1.00 1.00 ? 45 A A C4    1 
ATOM 968  P P     . G A 1 46 ? 4.921   8.633   -2.448  1.00 1.00 ? 46 G A P     1 
ATOM 969  O OP1   . G A 1 46 ? 5.384   9.173   -1.145  1.00 1.00 ? 46 G A OP1   1 
ATOM 970  O OP2   . G A 1 46 ? 4.322   9.693   -3.322  1.00 1.00 ? 46 G A OP2   1 
ATOM 971  O "O5'" . G A 1 46 ? 6.022   7.786   -3.240  1.00 1.00 ? 46 G A "O5'" 1 
ATOM 972  C "C5'" . G A 1 46 ? 6.823   6.804   -2.533  1.00 1.00 ? 46 G A "C5'" 1 
ATOM 973  C "C4'" . G A 1 46 ? 7.397   5.860   -3.559  1.00 1.00 ? 46 G A "C4'" 1 
ATOM 974  O "O4'" . G A 1 46 ? 6.337   5.398   -4.426  1.00 1.00 ? 46 G A "O4'" 1 
ATOM 975  C "C3'" . G A 1 46 ? 8.434   6.434   -4.509  1.00 1.00 ? 46 G A "C3'" 1 
ATOM 976  O "O3'" . G A 1 46 ? 9.752   6.476   -3.955  1.00 1.00 ? 46 G A "O3'" 1 
ATOM 977  C "C2'" . G A 1 46 ? 8.332   5.481   -5.698  1.00 1.00 ? 46 G A "C2'" 1 
ATOM 978  O "O2'" . G A 1 46 ? 9.107   4.333   -5.386  1.00 1.00 ? 46 G A "O2'" 1 
ATOM 979  C "C1'" . G A 1 46 ? 6.845   5.154   -5.717  1.00 1.00 ? 46 G A "C1'" 1 
ATOM 980  N N9    . G A 1 46 ? 6.193   5.979   -6.753  1.00 1.00 ? 46 G A N9    1 
ATOM 981  C C8    . G A 1 46 ? 5.253   6.962   -6.583  1.00 1.00 ? 46 G A C8    1 
ATOM 982  N N7    . G A 1 46 ? 4.833   7.491   -7.704  1.00 1.00 ? 46 G A N7    1 
ATOM 983  C C5    . G A 1 46 ? 5.532   6.791   -8.685  1.00 1.00 ? 46 G A C5    1 
ATOM 984  C C6    . G A 1 46 ? 5.520   6.894   -10.101 1.00 1.00 ? 46 G A C6    1 
ATOM 985  O O6    . G A 1 46 ? 4.848   7.666   -10.788 1.00 1.00 ? 46 G A O6    1 
ATOM 986  N N1    . G A 1 46 ? 6.357   6.015   -10.741 1.00 1.00 ? 46 G A N1    1 
ATOM 987  C C2    . G A 1 46 ? 7.137   5.129   -10.063 1.00 1.00 ? 46 G A C2    1 
ATOM 988  N N2    . G A 1 46 ? 7.906   4.347   -10.832 1.00 1.00 ? 46 G A N2    1 
ATOM 989  N N3    . G A 1 46 ? 7.187   4.990   -8.738  1.00 1.00 ? 46 G A N3    1 
ATOM 990  C C4    . G A 1 46 ? 6.361   5.851   -8.112  1.00 1.00 ? 46 G A C4    1 
ATOM 991  P P     . C A 1 47 ? 10.752  7.698   -4.268  1.00 1.00 ? 47 C A P     1 
ATOM 992  O OP1   . C A 1 47 ? 11.633  7.734   -3.069  1.00 1.00 ? 47 C A OP1   1 
ATOM 993  O OP2   . C A 1 47 ? 9.991   8.977   -4.445  1.00 1.00 ? 47 C A OP2   1 
ATOM 994  O "O5'" . C A 1 47 ? 11.485  7.265   -5.614  1.00 1.00 ? 47 C A "O5'" 1 
ATOM 995  C "C5'" . C A 1 47 ? 12.449  6.180   -5.613  1.00 1.00 ? 47 C A "C5'" 1 
ATOM 996  C "C4'" . C A 1 47 ? 12.687  5.809   -7.059  1.00 1.00 ? 47 C A "C4'" 1 
ATOM 997  O "O4'" . C A 1 47 ? 11.427  5.414   -7.647  1.00 1.00 ? 47 C A "O4'" 1 
ATOM 998  C "C3'" . C A 1 47 ? 13.189  6.928   -7.956  1.00 1.00 ? 47 C A "C3'" 1 
ATOM 999  O "O3'" . C A 1 47 ? 14.608  7.109   -7.903  1.00 1.00 ? 47 C A "O3'" 1 
ATOM 1000 C "C2'" . C A 1 47 ? 12.712  6.468   -9.332  1.00 1.00 ? 47 C A "C2'" 1 
ATOM 1001 O "O2'" . C A 1 47 ? 13.657  5.525   -9.814  1.00 1.00 ? 47 C A "O2'" 1 
ATOM 1002 C "C1'" . C A 1 47 ? 11.385  5.799   -9.001  1.00 1.00 ? 47 C A "C1'" 1 
ATOM 1003 N N1    . C A 1 47 ? 10.295  6.762   -9.273  1.00 1.00 ? 47 C A N1    1 
ATOM 1004 C C2    . C A 1 47 ? 10.110  7.147   -10.591 1.00 1.00 ? 47 C A C2    1 
ATOM 1005 O O2    . C A 1 47 ? 10.852  6.729   -11.477 1.00 1.00 ? 47 C A O2    1 
ATOM 1006 N N3    . C A 1 47 ? 9.090   8.016   -10.862 1.00 1.00 ? 47 C A N3    1 
ATOM 1007 C C4    . C A 1 47 ? 8.272   8.490   -9.883  1.00 1.00 ? 47 C A C4    1 
ATOM 1008 N N4    . C A 1 47 ? 7.292   9.339   -10.206 1.00 1.00 ? 47 C A N4    1 
ATOM 1009 C C5    . C A 1 47 ? 8.465   8.078   -8.535  1.00 1.00 ? 47 C A C5    1 
ATOM 1010 C C6    . C A 1 47 ? 9.468   7.221   -8.290  1.00 1.00 ? 47 C A C6    1 
ATOM 1011 P P     . G A 1 48 ? 15.271  8.574   -7.954  1.00 1.00 ? 48 G A P     1 
ATOM 1012 O OP1   . G A 1 48 ? 16.558  8.390   -7.231  1.00 1.00 ? 48 G A OP1   1 
ATOM 1013 O OP2   . G A 1 48 ? 14.388  9.580   -7.276  1.00 1.00 ? 48 G A OP2   1 
ATOM 1014 O "O5'" . G A 1 48 ? 15.421  8.883   -9.506  1.00 1.00 ? 48 G A "O5'" 1 
ATOM 1015 C "C5'" . G A 1 48 ? 16.467  8.245   -10.284 1.00 1.00 ? 48 G A "C5'" 1 
ATOM 1016 C "C4'" . G A 1 48 ? 16.195  8.583   -11.732 1.00 1.00 ? 48 G A "C4'" 1 
ATOM 1017 O "O4'" . G A 1 48 ? 14.872  8.109   -12.075 1.00 1.00 ? 48 G A "O4'" 1 
ATOM 1018 C "C3'" . G A 1 48 ? 16.161  10.064  -12.072 1.00 1.00 ? 48 G A "C3'" 1 
ATOM 1019 O "O3'" . G A 1 48 ? 17.454  10.628  -12.309 1.00 1.00 ? 48 G A "O3'" 1 
ATOM 1020 C "C2'" . G A 1 48 ? 15.276  10.082  -13.316 1.00 1.00 ? 48 G A "C2'" 1 
ATOM 1021 O "O2'" . G A 1 48 ? 16.096  9.732   -14.422 1.00 1.00 ? 48 G A "O2'" 1 
ATOM 1022 C "C1'" . G A 1 48 ? 14.272  8.980   -13.005 1.00 1.00 ? 48 G A "C1'" 1 
ATOM 1023 N N9    . G A 1 48 ? 13.048  9.609   -12.466 1.00 1.00 ? 48 G A N9    1 
ATOM 1024 C C8    . G A 1 48 ? 12.523  9.486   -11.206 1.00 1.00 ? 48 G A C8    1 
ATOM 1025 N N7    . G A 1 48 ? 11.425  10.174  -11.024 1.00 1.00 ? 48 G A N7    1 
ATOM 1026 C C5    . G A 1 48 ? 11.215  10.799  -12.251 1.00 1.00 ? 48 G A C5    1 
ATOM 1027 C C6    . G A 1 48 ? 10.194  11.680  -12.693 1.00 1.00 ? 48 G A C6    1 
ATOM 1028 O O6    . G A 1 48 ? 9.229   12.093  -12.048 1.00 1.00 ? 48 G A O6    1 
ATOM 1029 N N1    . G A 1 48 ? 10.329  12.093  -13.994 1.00 1.00 ? 48 G A N1    1 
ATOM 1030 C C2    . G A 1 48 ? 11.361  11.690  -14.785 1.00 1.00 ? 48 G A C2    1 
ATOM 1031 N N2    . G A 1 48 ? 11.349  12.186  -16.029 1.00 1.00 ? 48 G A N2    1 
ATOM 1032 N N3    . G A 1 48 ? 12.343  10.866  -14.421 1.00 1.00 ? 48 G A N3    1 
ATOM 1033 C C4    . G A 1 48 ? 12.209  10.461  -13.143 1.00 1.00 ? 48 G A C4    1 
ATOM 1034 P P     . C A 1 49 ? 17.812  12.119  -11.817 1.00 1.00 ? 49 C A P     1 
ATOM 1035 O OP1   . C A 1 49 ? 19.294  12.095  -11.707 1.00 1.00 ? 49 C A OP1   1 
ATOM 1036 O OP2   . C A 1 49 ? 17.155  12.415  -10.502 1.00 1.00 ? 49 C A OP2   1 
ATOM 1037 O "O5'" . C A 1 49 ? 17.248  13.055  -12.974 1.00 1.00 ? 49 C A "O5'" 1 
ATOM 1038 C "C5'" . C A 1 49 ? 17.930  13.114  -14.254 1.00 1.00 ? 49 C A "C5'" 1 
ATOM 1039 C "C4'" . C A 1 49 ? 17.067  13.945  -15.171 1.00 1.00 ? 49 C A "C4'" 1 
ATOM 1040 O "O4'" . C A 1 49 ? 15.757  13.339  -15.260 1.00 1.00 ? 49 C A "O4'" 1 
ATOM 1041 C "C3'" . C A 1 49 ? 16.788  15.370  -14.725 1.00 1.00 ? 49 C A "C3'" 1 
ATOM 1042 O "O3'" . C A 1 49 ? 17.837  16.288  -15.045 1.00 1.00 ? 49 C A "O3'" 1 
ATOM 1043 C "C2'" . C A 1 49 ? 15.489  15.680  -15.464 1.00 1.00 ? 49 C A "C2'" 1 
ATOM 1044 O "O2'" . C A 1 49 ? 15.835  16.044  -16.792 1.00 1.00 ? 49 C A "O2'" 1 
ATOM 1045 C "C1'" . C A 1 49 ? 14.776  14.335  -15.428 1.00 1.00 ? 49 C A "C1'" 1 
ATOM 1046 N N1    . C A 1 49 ? 13.799  14.359  -14.317 1.00 1.00 ? 49 C A N1    1 
ATOM 1047 C C2    . C A 1 49 ? 12.747  15.253  -14.430 1.00 1.00 ? 49 C A C2    1 
ATOM 1048 O O2    . C A 1 49 ? 12.645  15.987  -15.411 1.00 1.00 ? 49 C A O2    1 
ATOM 1049 N N3    . C A 1 49 ? 11.831  15.287  -13.417 1.00 1.00 ? 49 C A N3    1 
ATOM 1050 C C4    . C A 1 49 ? 11.938  14.483  -12.323 1.00 1.00 ? 49 C A C4    1 
ATOM 1051 N N4    . C A 1 49 ? 11.009  14.567  -11.367 1.00 1.00 ? 49 C A N4    1 
ATOM 1052 C C5    . C A 1 49 ? 13.021  13.569  -12.220 1.00 1.00 ? 49 C A C5    1 
ATOM 1053 C C6    . C A 1 49 ? 13.909  13.547  -13.227 1.00 1.00 ? 49 C A C6    1 
# 
